data_2BHO
# 
_entry.id   2BHO 
# 
_audit_conform.dict_name       mmcif_pdbx.dic 
_audit_conform.dict_version    5.391 
_audit_conform.dict_location   http://mmcif.pdb.org/dictionaries/ascii/mmcif_pdbx.dic 
# 
loop_
_database_2.database_id 
_database_2.database_code 
_database_2.pdbx_database_accession 
_database_2.pdbx_DOI 
PDB   2BHO         pdb_00002bho 10.2210/pdb2bho/pdb 
PDBE  EBI-22418    ?            ?                   
WWPDB D_1290022418 ?            ?                   
# 
loop_
_pdbx_audit_revision_history.ordinal 
_pdbx_audit_revision_history.data_content_type 
_pdbx_audit_revision_history.major_revision 
_pdbx_audit_revision_history.minor_revision 
_pdbx_audit_revision_history.revision_date 
1 'Structure model' 1 0 2005-07-06 
2 'Structure model' 1 1 2011-07-13 
3 'Structure model' 1 2 2019-10-23 
4 'Structure model' 1 3 2024-05-08 
# 
_pdbx_audit_revision_details.ordinal             1 
_pdbx_audit_revision_details.revision_ordinal    1 
_pdbx_audit_revision_details.data_content_type   'Structure model' 
_pdbx_audit_revision_details.provider            repository 
_pdbx_audit_revision_details.type                'Initial release' 
_pdbx_audit_revision_details.description         ? 
_pdbx_audit_revision_details.details             ? 
# 
loop_
_pdbx_audit_revision_group.ordinal 
_pdbx_audit_revision_group.revision_ordinal 
_pdbx_audit_revision_group.data_content_type 
_pdbx_audit_revision_group.group 
1 2 'Structure model' Advisory                    
2 2 'Structure model' 'Refinement description'    
3 2 'Structure model' 'Version format compliance' 
4 3 'Structure model' 'Data collection'           
5 3 'Structure model' 'Database references'       
6 3 'Structure model' Other                       
7 4 'Structure model' 'Data collection'           
8 4 'Structure model' 'Database references'       
9 4 'Structure model' 'Derived calculations'      
# 
loop_
_pdbx_audit_revision_category.ordinal 
_pdbx_audit_revision_category.revision_ordinal 
_pdbx_audit_revision_category.data_content_type 
_pdbx_audit_revision_category.category 
1 3 'Structure model' pdbx_database_status 
2 3 'Structure model' struct_ref_seq_dif   
3 4 'Structure model' chem_comp_atom       
4 4 'Structure model' chem_comp_bond       
5 4 'Structure model' database_2           
6 4 'Structure model' struct_conn          
# 
loop_
_pdbx_audit_revision_item.ordinal 
_pdbx_audit_revision_item.revision_ordinal 
_pdbx_audit_revision_item.data_content_type 
_pdbx_audit_revision_item.item 
1  3 'Structure model' '_pdbx_database_status.status_code_sf' 
2  3 'Structure model' '_struct_ref_seq_dif.details'          
3  4 'Structure model' '_database_2.pdbx_DOI'                 
4  4 'Structure model' '_database_2.pdbx_database_accession'  
5  4 'Structure model' '_struct_conn.ptnr1_auth_comp_id'      
6  4 'Structure model' '_struct_conn.ptnr1_auth_seq_id'       
7  4 'Structure model' '_struct_conn.ptnr1_label_asym_id'     
8  4 'Structure model' '_struct_conn.ptnr1_label_atom_id'     
9  4 'Structure model' '_struct_conn.ptnr1_label_comp_id'     
10 4 'Structure model' '_struct_conn.ptnr1_label_seq_id'      
11 4 'Structure model' '_struct_conn.ptnr2_auth_comp_id'      
12 4 'Structure model' '_struct_conn.ptnr2_auth_seq_id'       
13 4 'Structure model' '_struct_conn.ptnr2_label_asym_id'     
14 4 'Structure model' '_struct_conn.ptnr2_label_atom_id'     
15 4 'Structure model' '_struct_conn.ptnr2_label_comp_id'     
16 4 'Structure model' '_struct_conn.ptnr2_label_seq_id'      
# 
_pdbx_database_status.status_code                     REL 
_pdbx_database_status.entry_id                        2BHO 
_pdbx_database_status.deposit_site                    PDBE 
_pdbx_database_status.process_site                    PDBE 
_pdbx_database_status.SG_entry                        . 
_pdbx_database_status.recvd_initial_deposition_date   2005-01-15 
_pdbx_database_status.pdb_format_compatible           Y 
_pdbx_database_status.status_code_sf                  REL 
_pdbx_database_status.status_code_mr                  ? 
_pdbx_database_status.status_code_cs                  ? 
_pdbx_database_status.methods_development_category    ? 
_pdbx_database_status.status_code_nmr_data            ? 
# 
loop_
_pdbx_database_related.db_name 
_pdbx_database_related.db_id 
_pdbx_database_related.content_type 
_pdbx_database_related.details 
PDB 2BSH unspecified 'CRYSTAL STRUCTURE OF THE TYPE III SECRETION CHAPERONE SYCT FROM YERSINIA ENTEROCOLITICA (CRYSTAL FORM 2)' 
PDB 2BSI unspecified 'CRYSTAL STRUCTURE OF THE TYPE III SECRETION CHAPERONE SYCT FROM YERSINIA ENTEROCOLITICA (CRYSTAL FORM 1)' 
PDB 2BSJ unspecified 'NATIVE CRYSTAL STRUCTURE OF THE TYPE III SECRETION CHAPERONE SYCT FROM YERSINIA ENTEROCOLITICA'           
# 
loop_
_audit_author.name 
_audit_author.pdbx_ordinal 
'Groll, M.'   1 
'Wilharm, G.' 2 
# 
_citation.id                        primary 
_citation.title                     'Crystal Structure of the Yersinia Enterocolitica Type III Secretion Chaperone Syct' 
_citation.journal_abbrev            J.Biol.Chem. 
_citation.journal_volume            280 
_citation.page_first                31149 
_citation.page_last                 ? 
_citation.year                      2005 
_citation.journal_id_ASTM           JBCHA3 
_citation.country                   US 
_citation.journal_id_ISSN           0021-9258 
_citation.journal_id_CSD            0071 
_citation.book_publisher            ? 
_citation.pdbx_database_id_PubMed   16000312 
_citation.pdbx_database_id_DOI      10.1074/JBC.M500603200 
# 
loop_
_citation_author.citation_id 
_citation_author.name 
_citation_author.ordinal 
_citation_author.identifier_ORCID 
primary 'Locher, M.'    1 ? 
primary 'Lehnert, B.'   2 ? 
primary 'Krauss, K.'    3 ? 
primary 'Heesemann, J.' 4 ? 
primary 'Groll, M.'     5 ? 
primary 'Wilharm, G.'   6 ? 
# 
loop_
_entity.id 
_entity.type 
_entity.src_method 
_entity.pdbx_description 
_entity.formula_weight 
_entity.pdbx_number_of_molecules 
_entity.pdbx_ec 
_entity.pdbx_mutation 
_entity.pdbx_fragment 
_entity.details 
1 polymer     man 'CHAPERONE PROTEIN SYCT' 15180.002 1  ? ? ? ? 
2 non-polymer syn 'PLATINUM (II) ION'      195.078   1  ? ? ? ? 
3 water       nat water                    18.015    22 ? ? ? ? 
# 
_entity_poly.entity_id                      1 
_entity_poly.type                           'polypeptide(L)' 
_entity_poly.nstd_linkage                   no 
_entity_poly.nstd_monomer                   no 
_entity_poly.pdbx_seq_one_letter_code       
;MQTTFTELMQQLFLKLGLNHQVNENDVYTFEVDGHIQVLIACYHQQWVQLFSELGADLPTNDNLFGEHWPAHVQGRLDGK
PILWSQQSLVGLDIDEMQAWLERFIDDIEQRKEPQNTKFQPNSTSPILFI
;
_entity_poly.pdbx_seq_one_letter_code_can   
;MQTTFTELMQQLFLKLGLNHQVNENDVYTFEVDGHIQVLIACYHQQWVQLFSELGADLPTNDNLFGEHWPAHVQGRLDGK
PILWSQQSLVGLDIDEMQAWLERFIDDIEQRKEPQNTKFQPNSTSPILFI
;
_entity_poly.pdbx_strand_id                 A 
_entity_poly.pdbx_target_identifier         ? 
# 
loop_
_pdbx_entity_nonpoly.entity_id 
_pdbx_entity_nonpoly.name 
_pdbx_entity_nonpoly.comp_id 
2 'PLATINUM (II) ION' PT  
3 water               HOH 
# 
loop_
_entity_poly_seq.entity_id 
_entity_poly_seq.num 
_entity_poly_seq.mon_id 
_entity_poly_seq.hetero 
1 1   MET n 
1 2   GLN n 
1 3   THR n 
1 4   THR n 
1 5   PHE n 
1 6   THR n 
1 7   GLU n 
1 8   LEU n 
1 9   MET n 
1 10  GLN n 
1 11  GLN n 
1 12  LEU n 
1 13  PHE n 
1 14  LEU n 
1 15  LYS n 
1 16  LEU n 
1 17  GLY n 
1 18  LEU n 
1 19  ASN n 
1 20  HIS n 
1 21  GLN n 
1 22  VAL n 
1 23  ASN n 
1 24  GLU n 
1 25  ASN n 
1 26  ASP n 
1 27  VAL n 
1 28  TYR n 
1 29  THR n 
1 30  PHE n 
1 31  GLU n 
1 32  VAL n 
1 33  ASP n 
1 34  GLY n 
1 35  HIS n 
1 36  ILE n 
1 37  GLN n 
1 38  VAL n 
1 39  LEU n 
1 40  ILE n 
1 41  ALA n 
1 42  CYS n 
1 43  TYR n 
1 44  HIS n 
1 45  GLN n 
1 46  GLN n 
1 47  TRP n 
1 48  VAL n 
1 49  GLN n 
1 50  LEU n 
1 51  PHE n 
1 52  SER n 
1 53  GLU n 
1 54  LEU n 
1 55  GLY n 
1 56  ALA n 
1 57  ASP n 
1 58  LEU n 
1 59  PRO n 
1 60  THR n 
1 61  ASN n 
1 62  ASP n 
1 63  ASN n 
1 64  LEU n 
1 65  PHE n 
1 66  GLY n 
1 67  GLU n 
1 68  HIS n 
1 69  TRP n 
1 70  PRO n 
1 71  ALA n 
1 72  HIS n 
1 73  VAL n 
1 74  GLN n 
1 75  GLY n 
1 76  ARG n 
1 77  LEU n 
1 78  ASP n 
1 79  GLY n 
1 80  LYS n 
1 81  PRO n 
1 82  ILE n 
1 83  LEU n 
1 84  TRP n 
1 85  SER n 
1 86  GLN n 
1 87  GLN n 
1 88  SER n 
1 89  LEU n 
1 90  VAL n 
1 91  GLY n 
1 92  LEU n 
1 93  ASP n 
1 94  ILE n 
1 95  ASP n 
1 96  GLU n 
1 97  MET n 
1 98  GLN n 
1 99  ALA n 
1 100 TRP n 
1 101 LEU n 
1 102 GLU n 
1 103 ARG n 
1 104 PHE n 
1 105 ILE n 
1 106 ASP n 
1 107 ASP n 
1 108 ILE n 
1 109 GLU n 
1 110 GLN n 
1 111 ARG n 
1 112 LYS n 
1 113 GLU n 
1 114 PRO n 
1 115 GLN n 
1 116 ASN n 
1 117 THR n 
1 118 LYS n 
1 119 PHE n 
1 120 GLN n 
1 121 PRO n 
1 122 ASN n 
1 123 SER n 
1 124 THR n 
1 125 SER n 
1 126 PRO n 
1 127 ILE n 
1 128 LEU n 
1 129 PHE n 
1 130 ILE n 
# 
_entity_src_gen.entity_id                          1 
_entity_src_gen.pdbx_src_id                        1 
_entity_src_gen.pdbx_alt_source_flag               sample 
_entity_src_gen.pdbx_seq_type                      ? 
_entity_src_gen.pdbx_beg_seq_num                   ? 
_entity_src_gen.pdbx_end_seq_num                   ? 
_entity_src_gen.gene_src_common_name               ? 
_entity_src_gen.gene_src_genus                     ? 
_entity_src_gen.pdbx_gene_src_gene                 ? 
_entity_src_gen.gene_src_species                   ? 
_entity_src_gen.gene_src_strain                    ? 
_entity_src_gen.gene_src_tissue                    ? 
_entity_src_gen.gene_src_tissue_fraction           ? 
_entity_src_gen.gene_src_details                   ? 
_entity_src_gen.pdbx_gene_src_fragment             ? 
_entity_src_gen.pdbx_gene_src_scientific_name      'YERSINIA ENTEROCOLITICA' 
_entity_src_gen.pdbx_gene_src_ncbi_taxonomy_id     630 
_entity_src_gen.pdbx_gene_src_variant              ? 
_entity_src_gen.pdbx_gene_src_cell_line            ? 
_entity_src_gen.pdbx_gene_src_atcc                 ? 
_entity_src_gen.pdbx_gene_src_organ                ? 
_entity_src_gen.pdbx_gene_src_organelle            ? 
_entity_src_gen.pdbx_gene_src_cell                 ? 
_entity_src_gen.pdbx_gene_src_cellular_location    ? 
_entity_src_gen.host_org_common_name               ? 
_entity_src_gen.pdbx_host_org_scientific_name      'ESCHERICHIA COLI' 
_entity_src_gen.pdbx_host_org_ncbi_taxonomy_id     469008 
_entity_src_gen.host_org_genus                     ? 
_entity_src_gen.pdbx_host_org_gene                 ? 
_entity_src_gen.pdbx_host_org_organ                ? 
_entity_src_gen.host_org_species                   ? 
_entity_src_gen.pdbx_host_org_tissue               ? 
_entity_src_gen.pdbx_host_org_tissue_fraction      ? 
_entity_src_gen.pdbx_host_org_strain               'BL21(DE3)' 
_entity_src_gen.pdbx_host_org_variant              PLYSS 
_entity_src_gen.pdbx_host_org_cell_line            ? 
_entity_src_gen.pdbx_host_org_atcc                 ? 
_entity_src_gen.pdbx_host_org_culture_collection   ? 
_entity_src_gen.pdbx_host_org_cell                 ? 
_entity_src_gen.pdbx_host_org_organelle            ? 
_entity_src_gen.pdbx_host_org_cellular_location    ? 
_entity_src_gen.pdbx_host_org_vector_type          ? 
_entity_src_gen.pdbx_host_org_vector               T7 
_entity_src_gen.host_org_details                   ? 
_entity_src_gen.expression_system_id               ? 
_entity_src_gen.plasmid_name                       PMS470 
_entity_src_gen.plasmid_details                    ? 
_entity_src_gen.pdbx_description                   ? 
# 
loop_
_chem_comp.id 
_chem_comp.type 
_chem_comp.mon_nstd_flag 
_chem_comp.name 
_chem_comp.pdbx_synonyms 
_chem_comp.formula 
_chem_comp.formula_weight 
ALA 'L-peptide linking' y ALANINE             ? 'C3 H7 N O2'     89.093  
ARG 'L-peptide linking' y ARGININE            ? 'C6 H15 N4 O2 1' 175.209 
ASN 'L-peptide linking' y ASPARAGINE          ? 'C4 H8 N2 O3'    132.118 
ASP 'L-peptide linking' y 'ASPARTIC ACID'     ? 'C4 H7 N O4'     133.103 
CYS 'L-peptide linking' y CYSTEINE            ? 'C3 H7 N O2 S'   121.158 
GLN 'L-peptide linking' y GLUTAMINE           ? 'C5 H10 N2 O3'   146.144 
GLU 'L-peptide linking' y 'GLUTAMIC ACID'     ? 'C5 H9 N O4'     147.129 
GLY 'peptide linking'   y GLYCINE             ? 'C2 H5 N O2'     75.067  
HIS 'L-peptide linking' y HISTIDINE           ? 'C6 H10 N3 O2 1' 156.162 
HOH non-polymer         . WATER               ? 'H2 O'           18.015  
ILE 'L-peptide linking' y ISOLEUCINE          ? 'C6 H13 N O2'    131.173 
LEU 'L-peptide linking' y LEUCINE             ? 'C6 H13 N O2'    131.173 
LYS 'L-peptide linking' y LYSINE              ? 'C6 H15 N2 O2 1' 147.195 
MET 'L-peptide linking' y METHIONINE          ? 'C5 H11 N O2 S'  149.211 
PHE 'L-peptide linking' y PHENYLALANINE       ? 'C9 H11 N O2'    165.189 
PRO 'L-peptide linking' y PROLINE             ? 'C5 H9 N O2'     115.130 
PT  non-polymer         . 'PLATINUM (II) ION' ? 'Pt 2'           195.078 
SER 'L-peptide linking' y SERINE              ? 'C3 H7 N O3'     105.093 
THR 'L-peptide linking' y THREONINE           ? 'C4 H9 N O3'     119.119 
TRP 'L-peptide linking' y TRYPTOPHAN          ? 'C11 H12 N2 O2'  204.225 
TYR 'L-peptide linking' y TYROSINE            ? 'C9 H11 N O3'    181.189 
VAL 'L-peptide linking' y VALINE              ? 'C5 H11 N O2'    117.146 
# 
loop_
_pdbx_poly_seq_scheme.asym_id 
_pdbx_poly_seq_scheme.entity_id 
_pdbx_poly_seq_scheme.seq_id 
_pdbx_poly_seq_scheme.mon_id 
_pdbx_poly_seq_scheme.ndb_seq_num 
_pdbx_poly_seq_scheme.pdb_seq_num 
_pdbx_poly_seq_scheme.auth_seq_num 
_pdbx_poly_seq_scheme.pdb_mon_id 
_pdbx_poly_seq_scheme.auth_mon_id 
_pdbx_poly_seq_scheme.pdb_strand_id 
_pdbx_poly_seq_scheme.pdb_ins_code 
_pdbx_poly_seq_scheme.hetero 
A 1 1   MET 1   -1  ?   ?   ?   A . n 
A 1 2   GLN 2   0   ?   ?   ?   A . n 
A 1 3   THR 3   1   1   THR THR A . n 
A 1 4   THR 4   2   2   THR THR A . n 
A 1 5   PHE 5   3   3   PHE PHE A . n 
A 1 6   THR 6   4   4   THR THR A . n 
A 1 7   GLU 7   5   5   GLU GLU A . n 
A 1 8   LEU 8   6   6   LEU LEU A . n 
A 1 9   MET 9   7   7   MET MET A . n 
A 1 10  GLN 10  8   8   GLN GLN A . n 
A 1 11  GLN 11  9   9   GLN GLN A . n 
A 1 12  LEU 12  10  10  LEU LEU A . n 
A 1 13  PHE 13  11  11  PHE PHE A . n 
A 1 14  LEU 14  12  12  LEU LEU A . n 
A 1 15  LYS 15  13  13  LYS LYS A . n 
A 1 16  LEU 16  14  14  LEU LEU A . n 
A 1 17  GLY 17  15  15  GLY GLY A . n 
A 1 18  LEU 18  16  16  LEU LEU A . n 
A 1 19  ASN 19  17  17  ASN ASN A . n 
A 1 20  HIS 20  18  18  HIS HIS A . n 
A 1 21  GLN 21  19  19  GLN GLN A . n 
A 1 22  VAL 22  20  20  VAL VAL A . n 
A 1 23  ASN 23  21  21  ASN ASN A . n 
A 1 24  GLU 24  22  22  GLU GLU A . n 
A 1 25  ASN 25  23  23  ASN ASN A . n 
A 1 26  ASP 26  24  24  ASP ASP A . n 
A 1 27  VAL 27  25  25  VAL VAL A . n 
A 1 28  TYR 28  26  26  TYR TYR A . n 
A 1 29  THR 29  27  27  THR THR A . n 
A 1 30  PHE 30  28  28  PHE PHE A . n 
A 1 31  GLU 31  29  29  GLU GLU A . n 
A 1 32  VAL 32  30  30  VAL VAL A . n 
A 1 33  ASP 33  31  31  ASP ASP A . n 
A 1 34  GLY 34  32  32  GLY GLY A . n 
A 1 35  HIS 35  33  33  HIS HIS A . n 
A 1 36  ILE 36  34  34  ILE ILE A . n 
A 1 37  GLN 37  35  35  GLN GLN A . n 
A 1 38  VAL 38  36  36  VAL VAL A . n 
A 1 39  LEU 39  37  37  LEU LEU A . n 
A 1 40  ILE 40  38  38  ILE ILE A . n 
A 1 41  ALA 41  39  39  ALA ALA A . n 
A 1 42  CYS 42  40  40  CYS CYS A . n 
A 1 43  TYR 43  41  41  TYR TYR A . n 
A 1 44  HIS 44  42  42  HIS HIS A . n 
A 1 45  GLN 45  43  43  GLN GLN A . n 
A 1 46  GLN 46  44  44  GLN GLN A . n 
A 1 47  TRP 47  45  45  TRP TRP A . n 
A 1 48  VAL 48  46  46  VAL VAL A . n 
A 1 49  GLN 49  47  47  GLN GLN A . n 
A 1 50  LEU 50  48  48  LEU LEU A . n 
A 1 51  PHE 51  49  49  PHE PHE A . n 
A 1 52  SER 52  50  50  SER SER A . n 
A 1 53  GLU 53  51  51  GLU GLU A . n 
A 1 54  LEU 54  52  52  LEU LEU A . n 
A 1 55  GLY 55  53  53  GLY GLY A . n 
A 1 56  ALA 56  54  54  ALA ALA A . n 
A 1 57  ASP 57  55  55  ASP ASP A . n 
A 1 58  LEU 58  56  56  LEU LEU A . n 
A 1 59  PRO 59  57  57  PRO PRO A . n 
A 1 60  THR 60  58  58  THR THR A . n 
A 1 61  ASN 61  59  59  ASN ASN A . n 
A 1 62  ASP 62  60  60  ASP ASP A . n 
A 1 63  ASN 63  61  61  ASN ASN A . n 
A 1 64  LEU 64  62  62  LEU LEU A . n 
A 1 65  PHE 65  63  63  PHE PHE A . n 
A 1 66  GLY 66  64  64  GLY GLY A . n 
A 1 67  GLU 67  65  65  GLU GLU A . n 
A 1 68  HIS 68  66  66  HIS HIS A . n 
A 1 69  TRP 69  67  67  TRP TRP A . n 
A 1 70  PRO 70  68  68  PRO PRO A . n 
A 1 71  ALA 71  69  69  ALA ALA A . n 
A 1 72  HIS 72  70  70  HIS HIS A . n 
A 1 73  VAL 73  71  71  VAL VAL A . n 
A 1 74  GLN 74  72  72  GLN GLN A . n 
A 1 75  GLY 75  73  73  GLY GLY A . n 
A 1 76  ARG 76  74  74  ARG ARG A . n 
A 1 77  LEU 77  75  75  LEU LEU A . n 
A 1 78  ASP 78  76  76  ASP ASP A . n 
A 1 79  GLY 79  77  77  GLY GLY A . n 
A 1 80  LYS 80  78  78  LYS LYS A . n 
A 1 81  PRO 81  79  79  PRO PRO A . n 
A 1 82  ILE 82  80  80  ILE ILE A . n 
A 1 83  LEU 83  81  81  LEU LEU A . n 
A 1 84  TRP 84  82  82  TRP TRP A . n 
A 1 85  SER 85  83  83  SER SER A . n 
A 1 86  GLN 86  84  84  GLN GLN A . n 
A 1 87  GLN 87  85  85  GLN GLN A . n 
A 1 88  SER 88  86  86  SER SER A . n 
A 1 89  LEU 89  87  87  LEU LEU A . n 
A 1 90  VAL 90  88  88  VAL VAL A . n 
A 1 91  GLY 91  89  89  GLY GLY A . n 
A 1 92  LEU 92  90  90  LEU LEU A . n 
A 1 93  ASP 93  91  91  ASP ASP A . n 
A 1 94  ILE 94  92  92  ILE ILE A . n 
A 1 95  ASP 95  93  93  ASP ASP A . n 
A 1 96  GLU 96  94  94  GLU GLU A . n 
A 1 97  MET 97  95  95  MET MET A . n 
A 1 98  GLN 98  96  96  GLN GLN A . n 
A 1 99  ALA 99  97  97  ALA ALA A . n 
A 1 100 TRP 100 98  98  TRP TRP A . n 
A 1 101 LEU 101 99  99  LEU LEU A . n 
A 1 102 GLU 102 100 100 GLU GLU A . n 
A 1 103 ARG 103 101 101 ARG ARG A . n 
A 1 104 PHE 104 102 102 PHE PHE A . n 
A 1 105 ILE 105 103 103 ILE ILE A . n 
A 1 106 ASP 106 104 104 ASP ASP A . n 
A 1 107 ASP 107 105 105 ASP ASP A . n 
A 1 108 ILE 108 106 106 ILE ILE A . n 
A 1 109 GLU 109 107 107 GLU GLU A . n 
A 1 110 GLN 110 108 108 GLN GLN A . n 
A 1 111 ARG 111 109 109 ARG ARG A . n 
A 1 112 LYS 112 110 110 LYS LYS A . n 
A 1 113 GLU 113 111 ?   ?   ?   A . n 
A 1 114 PRO 114 112 ?   ?   ?   A . n 
A 1 115 GLN 115 113 ?   ?   ?   A . n 
A 1 116 ASN 116 114 ?   ?   ?   A . n 
A 1 117 THR 117 115 ?   ?   ?   A . n 
A 1 118 LYS 118 116 ?   ?   ?   A . n 
A 1 119 PHE 119 117 ?   ?   ?   A . n 
A 1 120 GLN 120 118 ?   ?   ?   A . n 
A 1 121 PRO 121 119 ?   ?   ?   A . n 
A 1 122 ASN 122 120 ?   ?   ?   A . n 
A 1 123 SER 123 121 ?   ?   ?   A . n 
A 1 124 THR 124 122 ?   ?   ?   A . n 
A 1 125 SER 125 123 ?   ?   ?   A . n 
A 1 126 PRO 126 124 ?   ?   ?   A . n 
A 1 127 ILE 127 125 ?   ?   ?   A . n 
A 1 128 LEU 128 126 ?   ?   ?   A . n 
A 1 129 PHE 129 127 ?   ?   ?   A . n 
A 1 130 ILE 130 128 ?   ?   ?   A . n 
# 
loop_
_pdbx_nonpoly_scheme.asym_id 
_pdbx_nonpoly_scheme.entity_id 
_pdbx_nonpoly_scheme.mon_id 
_pdbx_nonpoly_scheme.ndb_seq_num 
_pdbx_nonpoly_scheme.pdb_seq_num 
_pdbx_nonpoly_scheme.auth_seq_num 
_pdbx_nonpoly_scheme.pdb_mon_id 
_pdbx_nonpoly_scheme.auth_mon_id 
_pdbx_nonpoly_scheme.pdb_strand_id 
_pdbx_nonpoly_scheme.pdb_ins_code 
B 2 PT  1  1111 1111 PT  PT  A . 
C 3 HOH 1  2001 2001 HOH HOH A . 
C 3 HOH 2  2002 2002 HOH HOH A . 
C 3 HOH 3  2003 2003 HOH HOH A . 
C 3 HOH 4  2004 2004 HOH HOH A . 
C 3 HOH 5  2005 2005 HOH HOH A . 
C 3 HOH 6  2006 2006 HOH HOH A . 
C 3 HOH 7  2007 2007 HOH HOH A . 
C 3 HOH 8  2008 2008 HOH HOH A . 
C 3 HOH 9  2009 2009 HOH HOH A . 
C 3 HOH 10 2010 2010 HOH HOH A . 
C 3 HOH 11 2011 2011 HOH HOH A . 
C 3 HOH 12 2012 2012 HOH HOH A . 
C 3 HOH 13 2013 2013 HOH HOH A . 
C 3 HOH 14 2014 2014 HOH HOH A . 
C 3 HOH 15 2015 2015 HOH HOH A . 
C 3 HOH 16 2016 2016 HOH HOH A . 
C 3 HOH 17 2017 2017 HOH HOH A . 
C 3 HOH 18 2018 2018 HOH HOH A . 
C 3 HOH 19 2019 2019 HOH HOH A . 
C 3 HOH 20 2020 2020 HOH HOH A . 
C 3 HOH 21 2021 2021 HOH HOH A . 
C 3 HOH 22 2022 2022 HOH HOH A . 
# 
loop_
_software.name 
_software.classification 
_software.version 
_software.citation_id 
_software.pdbx_ordinal 
REFMAC    refinement       5.2.0005 ? 1 
DENZO     'data reduction' .        ? 2 
SCALEPACK 'data scaling'   .        ? 3 
SHELX     phasing          .        ? 4 
# 
_cell.entry_id           2BHO 
_cell.length_a           91.170 
_cell.length_b           45.834 
_cell.length_c           34.453 
_cell.angle_alpha        90.00 
_cell.angle_beta         105.29 
_cell.angle_gamma        90.00 
_cell.Z_PDB              4 
_cell.pdbx_unique_axis   ? 
# 
_symmetry.entry_id                         2BHO 
_symmetry.space_group_name_H-M             'C 1 2 1' 
_symmetry.pdbx_full_space_group_name_H-M   ? 
_symmetry.cell_setting                     ? 
_symmetry.Int_Tables_number                5 
# 
_exptl.entry_id          2BHO 
_exptl.method            'X-RAY DIFFRACTION' 
_exptl.crystals_number   1 
# 
_exptl_crystal.id                    1 
_exptl_crystal.density_meas          ? 
_exptl_crystal.density_Matthews      1.34 
_exptl_crystal.density_percent_sol   46 
_exptl_crystal.description           ? 
# 
_exptl_crystal_grow.crystal_id      1 
_exptl_crystal_grow.method          ? 
_exptl_crystal_grow.temp            ? 
_exptl_crystal_grow.temp_details    ? 
_exptl_crystal_grow.pH              7.00 
_exptl_crystal_grow.pdbx_pH_range   ? 
_exptl_crystal_grow.pdbx_details    '1.2 M DL-MALIC ACID, PH 7.0 100MM BIS-TRIS PROPANE, PH 7.0' 
# 
_diffrn.id                     1 
_diffrn.ambient_temp           100.0 
_diffrn.ambient_temp_details   ? 
_diffrn.crystal_id             1 
# 
_diffrn_detector.diffrn_id              1 
_diffrn_detector.detector               CCD 
_diffrn_detector.type                   MARRESEARCH 
_diffrn_detector.pdbx_collection_date   2004-03-14 
_diffrn_detector.details                MIRROR 
# 
_diffrn_radiation.diffrn_id                        1 
_diffrn_radiation.wavelength_id                    1 
_diffrn_radiation.pdbx_monochromatic_or_laue_m_l   M 
_diffrn_radiation.monochromator                    'SI(111)' 
_diffrn_radiation.pdbx_diffrn_protocol             MAD 
_diffrn_radiation.pdbx_scattering_type             x-ray 
# 
loop_
_diffrn_radiation_wavelength.id 
_diffrn_radiation_wavelength.wavelength 
_diffrn_radiation_wavelength.wt 
1 1.0723 1.0 
2 1.0719 1.0 
3 0.98   1.0 
# 
_diffrn_source.diffrn_id                   1 
_diffrn_source.source                      SYNCHROTRON 
_diffrn_source.type                        'MPG/DESY, HAMBURG BEAMLINE BW6' 
_diffrn_source.pdbx_synchrotron_site       'MPG/DESY, HAMBURG' 
_diffrn_source.pdbx_synchrotron_beamline   BW6 
_diffrn_source.pdbx_wavelength             ? 
_diffrn_source.pdbx_wavelength_list        '1.0723, 1.0719, 0.98' 
# 
_reflns.pdbx_diffrn_id               1 
_reflns.pdbx_ordinal                 1 
_reflns.entry_id                     2BHO 
_reflns.observed_criterion_sigma_I   2.000 
_reflns.observed_criterion_sigma_F   ? 
_reflns.d_resolution_low             99.000 
_reflns.d_resolution_high            2.500 
_reflns.number_obs                   99007 
_reflns.number_all                   ? 
_reflns.percent_possible_obs         97.4 
_reflns.pdbx_Rmerge_I_obs            0.03000 
_reflns.pdbx_Rsym_value              ? 
_reflns.pdbx_netI_over_sigmaI        36.5000 
_reflns.B_iso_Wilson_estimate        ? 
_reflns.pdbx_redundancy              5.500 
# 
_reflns_shell.pdbx_diffrn_id         1 
_reflns_shell.pdbx_ordinal           1 
_reflns_shell.d_res_high             2.51 
_reflns_shell.d_res_low              2.54 
_reflns_shell.percent_possible_all   88.9 
_reflns_shell.Rmerge_I_obs           0.13000 
_reflns_shell.pdbx_Rsym_value        ? 
_reflns_shell.meanI_over_sigI_obs    6.000 
_reflns_shell.pdbx_redundancy        ? 
# 
_refine.pdbx_refine_id                           'X-RAY DIFFRACTION' 
_refine.entry_id                                 2BHO 
_refine.pdbx_diffrn_id                           1 
_refine.pdbx_TLS_residual_ADP_flag               'LIKELY RESIDUAL' 
_refine.ls_number_reflns_obs                     3790 
_refine.ls_number_reflns_all                     ? 
_refine.pdbx_ls_sigma_I                          ? 
_refine.pdbx_ls_sigma_F                          ? 
_refine.pdbx_data_cutoff_high_absF               ? 
_refine.pdbx_data_cutoff_low_absF                ? 
_refine.pdbx_data_cutoff_high_rms_absF           ? 
_refine.ls_d_res_low                             15.00 
_refine.ls_d_res_high                            2.60 
_refine.ls_percent_reflns_obs                    100.0 
_refine.ls_R_factor_obs                          0.245 
_refine.ls_R_factor_all                          ? 
_refine.ls_R_factor_R_work                       0.244 
_refine.ls_R_factor_R_free                       0.259 
_refine.ls_R_factor_R_free_error                 ? 
_refine.ls_R_factor_R_free_error_details         ? 
_refine.ls_percent_reflns_R_free                 10.200 
_refine.ls_number_reflns_R_free                  432 
_refine.ls_number_parameters                     ? 
_refine.ls_number_restraints                     ? 
_refine.occupancy_min                            ? 
_refine.occupancy_max                            ? 
_refine.correlation_coeff_Fo_to_Fc               0.923 
_refine.correlation_coeff_Fo_to_Fc_free          0.914 
_refine.B_iso_mean                               44.45 
_refine.aniso_B[1][1]                            -5.01000 
_refine.aniso_B[2][2]                            10.16000 
_refine.aniso_B[3][3]                            -5.79000 
_refine.aniso_B[1][2]                            0.00000 
_refine.aniso_B[1][3]                            -1.23000 
_refine.aniso_B[2][3]                            0.00000 
_refine.solvent_model_details                    'BABINET MODEL WITH MASK' 
_refine.solvent_model_param_ksol                 ? 
_refine.solvent_model_param_bsol                 ? 
_refine.pdbx_solvent_vdw_probe_radii             1.40 
_refine.pdbx_solvent_ion_probe_radii             0.80 
_refine.pdbx_solvent_shrinkage_radii             0.80 
_refine.pdbx_ls_cross_valid_method               THROUGHOUT 
_refine.details                                  'HYDROGENS HAVE BEEN ADDED IN THE' 
_refine.pdbx_starting_model                      ? 
_refine.pdbx_method_to_determine_struct          MAD 
_refine.pdbx_isotropic_thermal_model             ? 
_refine.pdbx_stereochemistry_target_values       'MAXIMUM LIKELIHOOD' 
_refine.pdbx_stereochem_target_val_spec_case     ? 
_refine.pdbx_R_Free_selection_details            RANDOM 
_refine.pdbx_overall_ESU_R                       2.546 
_refine.pdbx_overall_ESU_R_Free                  0.348 
_refine.overall_SU_ML                            0.298 
_refine.pdbx_overall_phase_error                 ? 
_refine.overall_SU_B                             32.085 
_refine.overall_SU_R_Cruickshank_DPI             ? 
_refine.pdbx_overall_SU_R_free_Cruickshank_DPI   ? 
_refine.pdbx_overall_SU_R_Blow_DPI               ? 
_refine.pdbx_overall_SU_R_free_Blow_DPI          ? 
# 
_refine_hist.pdbx_refine_id                   'X-RAY DIFFRACTION' 
_refine_hist.cycle_id                         LAST 
_refine_hist.pdbx_number_atoms_protein        909 
_refine_hist.pdbx_number_atoms_nucleic_acid   0 
_refine_hist.pdbx_number_atoms_ligand         1 
_refine_hist.number_atoms_solvent             22 
_refine_hist.number_atoms_total               932 
_refine_hist.d_res_high                       2.60 
_refine_hist.d_res_low                        15.00 
# 
loop_
_refine_ls_restr.type 
_refine_ls_restr.dev_ideal 
_refine_ls_restr.dev_ideal_target 
_refine_ls_restr.weight 
_refine_ls_restr.number 
_refine_ls_restr.pdbx_refine_id 
_refine_ls_restr.pdbx_restraint_function 
r_bond_refined_d             0.007  0.021  ? 932  'X-RAY DIFFRACTION' ? 
r_bond_other_d               0.000  0.020  ? 807  'X-RAY DIFFRACTION' ? 
r_angle_refined_deg          1.256  1.920  ? 1267 'X-RAY DIFFRACTION' ? 
r_angle_other_deg            3.592  3.000  ? 1881 'X-RAY DIFFRACTION' ? 
r_dihedral_angle_1_deg       1.170  5.000  ? 109  'X-RAY DIFFRACTION' ? 
r_dihedral_angle_2_deg       45.897 25.741 ? 54   'X-RAY DIFFRACTION' ? 
r_dihedral_angle_3_deg       18.052 15.000 ? 156  'X-RAY DIFFRACTION' ? 
r_dihedral_angle_4_deg       29.771 15.000 ? 3    'X-RAY DIFFRACTION' ? 
r_chiral_restr               0.096  0.200  ? 136  'X-RAY DIFFRACTION' ? 
r_gen_planes_refined         0.004  0.020  ? 1045 'X-RAY DIFFRACTION' ? 
r_gen_planes_other           0.005  0.020  ? 186  'X-RAY DIFFRACTION' ? 
r_nbd_refined                0.274  0.200  ? 249  'X-RAY DIFFRACTION' ? 
r_nbd_other                  0.310  0.200  ? 863  'X-RAY DIFFRACTION' ? 
r_nbtor_refined              0.188  0.200  ? 451  'X-RAY DIFFRACTION' ? 
r_nbtor_other                0.120  0.200  ? 457  'X-RAY DIFFRACTION' ? 
r_xyhbond_nbd_refined        0.166  0.200  ? 27   'X-RAY DIFFRACTION' ? 
r_xyhbond_nbd_other          ?      ?      ? ?    'X-RAY DIFFRACTION' ? 
r_metal_ion_refined          ?      ?      ? ?    'X-RAY DIFFRACTION' ? 
r_metal_ion_other            ?      ?      ? ?    'X-RAY DIFFRACTION' ? 
r_symmetry_vdw_refined       0.345  0.200  ? 9    'X-RAY DIFFRACTION' ? 
r_symmetry_vdw_other         0.298  0.200  ? 41   'X-RAY DIFFRACTION' ? 
r_symmetry_hbond_refined     0.035  0.200  ? 2    'X-RAY DIFFRACTION' ? 
r_symmetry_hbond_other       ?      ?      ? ?    'X-RAY DIFFRACTION' ? 
r_symmetry_metal_ion_refined ?      ?      ? ?    'X-RAY DIFFRACTION' ? 
r_symmetry_metal_ion_other   ?      ?      ? ?    'X-RAY DIFFRACTION' ? 
r_mcbond_it                  2.505  1.500  ? 714  'X-RAY DIFFRACTION' ? 
r_mcbond_other               0.472  1.500  ? 226  'X-RAY DIFFRACTION' ? 
r_mcangle_it                 3.048  2.000  ? 879  'X-RAY DIFFRACTION' ? 
r_mcangle_other              ?      ?      ? ?    'X-RAY DIFFRACTION' ? 
r_scbond_it                  4.674  3.000  ? 458  'X-RAY DIFFRACTION' ? 
r_scbond_other               ?      ?      ? ?    'X-RAY DIFFRACTION' ? 
r_scangle_it                 6.413  4.500  ? 388  'X-RAY DIFFRACTION' ? 
r_scangle_other              ?      ?      ? ?    'X-RAY DIFFRACTION' ? 
r_long_range_B_refined       ?      ?      ? ?    'X-RAY DIFFRACTION' ? 
r_long_range_B_other         ?      ?      ? ?    'X-RAY DIFFRACTION' ? 
r_rigid_bond_restr           ?      ?      ? ?    'X-RAY DIFFRACTION' ? 
r_sphericity_free            ?      ?      ? ?    'X-RAY DIFFRACTION' ? 
r_sphericity_bonded          ?      ?      ? ?    'X-RAY DIFFRACTION' ? 
# 
_refine_ls_shell.pdbx_refine_id                   'X-RAY DIFFRACTION' 
_refine_ls_shell.pdbx_total_number_of_bins_used   20 
_refine_ls_shell.d_res_high                       2.60 
_refine_ls_shell.d_res_low                        2.67 
_refine_ls_shell.number_reflns_R_work             278 
_refine_ls_shell.R_factor_R_work                  0.3080 
_refine_ls_shell.percent_reflns_obs               100.00 
_refine_ls_shell.R_factor_R_free                  0.3580 
_refine_ls_shell.R_factor_R_free_error            ? 
_refine_ls_shell.percent_reflns_R_free            ? 
_refine_ls_shell.number_reflns_R_free             28 
_refine_ls_shell.number_reflns_all                ? 
_refine_ls_shell.R_factor_all                     ? 
# 
_struct.entry_id                  2BHO 
_struct.title                     'Crystal structure of the Yersinia enterocolitica type III secretion chaperone SycT' 
_struct.pdbx_model_details        ? 
_struct.pdbx_CASP_flag            ? 
_struct.pdbx_model_type_details   ? 
# 
_struct_keywords.entry_id        2BHO 
_struct_keywords.pdbx_keywords   CHAPERONE 
_struct_keywords.text            'YERSINIA, CHAPERONE, SECRETION' 
# 
loop_
_struct_asym.id 
_struct_asym.pdbx_blank_PDB_chainid_flag 
_struct_asym.pdbx_modified 
_struct_asym.entity_id 
_struct_asym.details 
A N N 1 ? 
B N N 2 ? 
C N N 3 ? 
# 
_struct_ref.id                         1 
_struct_ref.db_name                    UNP 
_struct_ref.db_code                    SYCT_YEREN 
_struct_ref.entity_id                  1 
_struct_ref.pdbx_seq_one_letter_code   ? 
_struct_ref.pdbx_align_begin           ? 
_struct_ref.pdbx_db_accession          O85243 
_struct_ref.pdbx_db_isoform            ? 
# 
_struct_ref_seq.align_id                      1 
_struct_ref_seq.ref_id                        1 
_struct_ref_seq.pdbx_PDB_id_code              2BHO 
_struct_ref_seq.pdbx_strand_id                A 
_struct_ref_seq.seq_align_beg                 1 
_struct_ref_seq.pdbx_seq_align_beg_ins_code   ? 
_struct_ref_seq.seq_align_end                 130 
_struct_ref_seq.pdbx_seq_align_end_ins_code   ? 
_struct_ref_seq.pdbx_db_accession             O85243 
_struct_ref_seq.db_align_beg                  1 
_struct_ref_seq.pdbx_db_align_beg_ins_code    ? 
_struct_ref_seq.db_align_end                  130 
_struct_ref_seq.pdbx_db_align_end_ins_code    ? 
_struct_ref_seq.pdbx_auth_seq_align_beg       -1 
_struct_ref_seq.pdbx_auth_seq_align_end       128 
# 
_struct_ref_seq_dif.align_id                     1 
_struct_ref_seq_dif.pdbx_pdb_id_code             2BHO 
_struct_ref_seq_dif.mon_id                       PRO 
_struct_ref_seq_dif.pdbx_pdb_strand_id           A 
_struct_ref_seq_dif.seq_num                      81 
_struct_ref_seq_dif.pdbx_pdb_ins_code            ? 
_struct_ref_seq_dif.pdbx_seq_db_name             UNP 
_struct_ref_seq_dif.pdbx_seq_db_accession_code   O85243 
_struct_ref_seq_dif.db_mon_id                    SER 
_struct_ref_seq_dif.pdbx_seq_db_seq_num          81 
_struct_ref_seq_dif.details                      variant 
_struct_ref_seq_dif.pdbx_auth_seq_num            79 
_struct_ref_seq_dif.pdbx_ordinal                 1 
# 
_pdbx_struct_assembly.id                   1 
_pdbx_struct_assembly.details              author_and_software_defined_assembly 
_pdbx_struct_assembly.method_details       PQS 
_pdbx_struct_assembly.oligomeric_details   dimeric 
_pdbx_struct_assembly.oligomeric_count     2 
# 
_pdbx_struct_assembly_gen.assembly_id       1 
_pdbx_struct_assembly_gen.oper_expression   1,2 
_pdbx_struct_assembly_gen.asym_id_list      A,B,C 
# 
loop_
_pdbx_struct_oper_list.id 
_pdbx_struct_oper_list.type 
_pdbx_struct_oper_list.name 
_pdbx_struct_oper_list.symmetry_operation 
_pdbx_struct_oper_list.matrix[1][1] 
_pdbx_struct_oper_list.matrix[1][2] 
_pdbx_struct_oper_list.matrix[1][3] 
_pdbx_struct_oper_list.vector[1] 
_pdbx_struct_oper_list.matrix[2][1] 
_pdbx_struct_oper_list.matrix[2][2] 
_pdbx_struct_oper_list.matrix[2][3] 
_pdbx_struct_oper_list.vector[2] 
_pdbx_struct_oper_list.matrix[3][1] 
_pdbx_struct_oper_list.matrix[3][2] 
_pdbx_struct_oper_list.matrix[3][3] 
_pdbx_struct_oper_list.vector[3] 
1 'identity operation'         1_555 x,y,z     1.0000000000 0.0000000000  0.0000000000  0.0000000000 0.0000000000  1.0000000000  0.0000000000 0.0000000000  0.0000000000  0.0000000000 1.0000000000  0.0000000000 
2 'crystal symmetry operation' 2_556 -x,y,-z+1 0.5338144272 -0.3889251985 -0.7508524138 9.6463777292 -0.3889251985 -0.9013812836 0.1903916268 19.8229677039 -0.7508524138 0.1903916268 -0.6324331436 9.4374094725 
# 
_struct_biol.id   1 
# 
loop_
_struct_conf.conf_type_id 
_struct_conf.id 
_struct_conf.pdbx_PDB_helix_id 
_struct_conf.beg_label_comp_id 
_struct_conf.beg_label_asym_id 
_struct_conf.beg_label_seq_id 
_struct_conf.pdbx_beg_PDB_ins_code 
_struct_conf.end_label_comp_id 
_struct_conf.end_label_asym_id 
_struct_conf.end_label_seq_id 
_struct_conf.pdbx_end_PDB_ins_code 
_struct_conf.beg_auth_comp_id 
_struct_conf.beg_auth_asym_id 
_struct_conf.beg_auth_seq_id 
_struct_conf.end_auth_comp_id 
_struct_conf.end_auth_asym_id 
_struct_conf.end_auth_seq_id 
_struct_conf.pdbx_PDB_helix_class 
_struct_conf.details 
_struct_conf.pdbx_PDB_helix_length 
HELX_P HELX_P1 1 THR A 4  ? GLY A 17  ? THR A 2  GLY A 15  1 ? 14 
HELX_P HELX_P2 2 ASP A 93 ? LYS A 112 ? ASP A 91 LYS A 110 1 ? 20 
# 
_struct_conf_type.id          HELX_P 
_struct_conf_type.criteria    ? 
_struct_conf_type.reference   ? 
# 
_struct_conn.id                            metalc1 
_struct_conn.conn_type_id                  metalc 
_struct_conn.pdbx_leaving_atom_flag        ? 
_struct_conn.pdbx_PDB_id                   ? 
_struct_conn.ptnr1_label_asym_id           A 
_struct_conn.ptnr1_label_comp_id           HIS 
_struct_conn.ptnr1_label_seq_id            44 
_struct_conn.ptnr1_label_atom_id           ND1 
_struct_conn.pdbx_ptnr1_label_alt_id       ? 
_struct_conn.pdbx_ptnr1_PDB_ins_code       ? 
_struct_conn.pdbx_ptnr1_standard_comp_id   ? 
_struct_conn.ptnr1_symmetry                1_555 
_struct_conn.ptnr2_label_asym_id           B 
_struct_conn.ptnr2_label_comp_id           PT 
_struct_conn.ptnr2_label_seq_id            . 
_struct_conn.ptnr2_label_atom_id           PT 
_struct_conn.pdbx_ptnr2_label_alt_id       ? 
_struct_conn.pdbx_ptnr2_PDB_ins_code       ? 
_struct_conn.ptnr1_auth_asym_id            A 
_struct_conn.ptnr1_auth_comp_id            HIS 
_struct_conn.ptnr1_auth_seq_id             42 
_struct_conn.ptnr2_auth_asym_id            A 
_struct_conn.ptnr2_auth_comp_id            PT 
_struct_conn.ptnr2_auth_seq_id             1111 
_struct_conn.ptnr2_symmetry                1_555 
_struct_conn.pdbx_ptnr3_label_atom_id      ? 
_struct_conn.pdbx_ptnr3_label_seq_id       ? 
_struct_conn.pdbx_ptnr3_label_comp_id      ? 
_struct_conn.pdbx_ptnr3_label_asym_id      ? 
_struct_conn.pdbx_ptnr3_label_alt_id       ? 
_struct_conn.pdbx_ptnr3_PDB_ins_code       ? 
_struct_conn.details                       ? 
_struct_conn.pdbx_dist_value               2.253 
_struct_conn.pdbx_value_order              ? 
_struct_conn.pdbx_role                     ? 
# 
_struct_conn_type.id          metalc 
_struct_conn_type.criteria    ? 
_struct_conn_type.reference   ? 
# 
_struct_mon_prot_cis.pdbx_id                1 
_struct_mon_prot_cis.label_comp_id          TRP 
_struct_mon_prot_cis.label_seq_id           69 
_struct_mon_prot_cis.label_asym_id          A 
_struct_mon_prot_cis.label_alt_id           . 
_struct_mon_prot_cis.pdbx_PDB_ins_code      ? 
_struct_mon_prot_cis.auth_comp_id           TRP 
_struct_mon_prot_cis.auth_seq_id            67 
_struct_mon_prot_cis.auth_asym_id           A 
_struct_mon_prot_cis.pdbx_label_comp_id_2   PRO 
_struct_mon_prot_cis.pdbx_label_seq_id_2    70 
_struct_mon_prot_cis.pdbx_label_asym_id_2   A 
_struct_mon_prot_cis.pdbx_PDB_ins_code_2    ? 
_struct_mon_prot_cis.pdbx_auth_comp_id_2    PRO 
_struct_mon_prot_cis.pdbx_auth_seq_id_2     68 
_struct_mon_prot_cis.pdbx_auth_asym_id_2    A 
_struct_mon_prot_cis.pdbx_PDB_model_num     1 
_struct_mon_prot_cis.pdbx_omega_angle       -0.37 
# 
_struct_sheet.id               AA 
_struct_sheet.type             ? 
_struct_sheet.number_strands   6 
_struct_sheet.details          ? 
# 
loop_
_struct_sheet_order.sheet_id 
_struct_sheet_order.range_id_1 
_struct_sheet_order.range_id_2 
_struct_sheet_order.offset 
_struct_sheet_order.sense 
AA 1 2 ? anti-parallel 
AA 2 3 ? anti-parallel 
AA 3 4 ? anti-parallel 
AA 4 5 ? anti-parallel 
AA 5 6 ? anti-parallel 
# 
loop_
_struct_sheet_range.sheet_id 
_struct_sheet_range.id 
_struct_sheet_range.beg_label_comp_id 
_struct_sheet_range.beg_label_asym_id 
_struct_sheet_range.beg_label_seq_id 
_struct_sheet_range.pdbx_beg_PDB_ins_code 
_struct_sheet_range.end_label_comp_id 
_struct_sheet_range.end_label_asym_id 
_struct_sheet_range.end_label_seq_id 
_struct_sheet_range.pdbx_end_PDB_ins_code 
_struct_sheet_range.beg_auth_comp_id 
_struct_sheet_range.beg_auth_asym_id 
_struct_sheet_range.beg_auth_seq_id 
_struct_sheet_range.end_auth_comp_id 
_struct_sheet_range.end_auth_asym_id 
_struct_sheet_range.end_auth_seq_id 
AA 1 GLN A 21 ? VAL A 22 ? GLN A 19 VAL A 20 
AA 2 TYR A 28 ? VAL A 32 ? TYR A 26 VAL A 30 
AA 3 ILE A 36 ? TYR A 43 ? ILE A 34 TYR A 41 
AA 4 TRP A 47 ? GLU A 53 ? TRP A 45 GLU A 51 
AA 5 LYS A 80 ? SER A 88 ? LYS A 78 SER A 86 
AA 6 VAL A 73 ? LEU A 77 ? VAL A 71 LEU A 75 
# 
loop_
_pdbx_struct_sheet_hbond.sheet_id 
_pdbx_struct_sheet_hbond.range_id_1 
_pdbx_struct_sheet_hbond.range_id_2 
_pdbx_struct_sheet_hbond.range_1_label_atom_id 
_pdbx_struct_sheet_hbond.range_1_label_comp_id 
_pdbx_struct_sheet_hbond.range_1_label_asym_id 
_pdbx_struct_sheet_hbond.range_1_label_seq_id 
_pdbx_struct_sheet_hbond.range_1_PDB_ins_code 
_pdbx_struct_sheet_hbond.range_1_auth_atom_id 
_pdbx_struct_sheet_hbond.range_1_auth_comp_id 
_pdbx_struct_sheet_hbond.range_1_auth_asym_id 
_pdbx_struct_sheet_hbond.range_1_auth_seq_id 
_pdbx_struct_sheet_hbond.range_2_label_atom_id 
_pdbx_struct_sheet_hbond.range_2_label_comp_id 
_pdbx_struct_sheet_hbond.range_2_label_asym_id 
_pdbx_struct_sheet_hbond.range_2_label_seq_id 
_pdbx_struct_sheet_hbond.range_2_PDB_ins_code 
_pdbx_struct_sheet_hbond.range_2_auth_atom_id 
_pdbx_struct_sheet_hbond.range_2_auth_comp_id 
_pdbx_struct_sheet_hbond.range_2_auth_asym_id 
_pdbx_struct_sheet_hbond.range_2_auth_seq_id 
AA 1 2 N GLN A 21 ? N GLN A 19 O THR A 29 ? O THR A 27 
AA 2 3 N VAL A 32 ? N VAL A 30 O ILE A 36 ? O ILE A 34 
AA 3 4 N TYR A 43 ? N TYR A 41 O TRP A 47 ? O TRP A 45 
AA 4 5 N SER A 52 ? N SER A 50 O LEU A 83 ? O LEU A 81 
AA 5 6 N TRP A 84 ? N TRP A 82 O VAL A 73 ? O VAL A 71 
# 
_struct_site.id                   AC1 
_struct_site.pdbx_evidence_code   Software 
_struct_site.pdbx_auth_asym_id    ? 
_struct_site.pdbx_auth_comp_id    ? 
_struct_site.pdbx_auth_seq_id     ? 
_struct_site.pdbx_auth_ins_code   ? 
_struct_site.pdbx_num_residues    1 
_struct_site.details              'BINDING SITE FOR RESIDUE PT A1111' 
# 
_struct_site_gen.id                   1 
_struct_site_gen.site_id              AC1 
_struct_site_gen.pdbx_num_res         1 
_struct_site_gen.label_comp_id        HIS 
_struct_site_gen.label_asym_id        A 
_struct_site_gen.label_seq_id         44 
_struct_site_gen.pdbx_auth_ins_code   ? 
_struct_site_gen.auth_comp_id         HIS 
_struct_site_gen.auth_asym_id         A 
_struct_site_gen.auth_seq_id          42 
_struct_site_gen.label_atom_id        . 
_struct_site_gen.label_alt_id         ? 
_struct_site_gen.symmetry             1_555 
_struct_site_gen.details              ? 
# 
loop_
_pdbx_validate_torsion.id 
_pdbx_validate_torsion.PDB_model_num 
_pdbx_validate_torsion.auth_comp_id 
_pdbx_validate_torsion.auth_asym_id 
_pdbx_validate_torsion.auth_seq_id 
_pdbx_validate_torsion.PDB_ins_code 
_pdbx_validate_torsion.label_alt_id 
_pdbx_validate_torsion.phi 
_pdbx_validate_torsion.psi 
1 1 ASN A 21 ? ? -90.32  -158.81 
2 1 ASP A 24 ? ? 71.01   43.47   
3 1 ASP A 31 ? ? 61.89   -121.67 
4 1 GLN A 44 ? ? -139.40 -38.52  
5 1 ALA A 54 ? ? -141.11 51.24   
6 1 PRO A 57 ? ? -57.88  -9.19   
# 
loop_
_pdbx_struct_special_symmetry.id 
_pdbx_struct_special_symmetry.PDB_model_num 
_pdbx_struct_special_symmetry.auth_asym_id 
_pdbx_struct_special_symmetry.auth_comp_id 
_pdbx_struct_special_symmetry.auth_seq_id 
_pdbx_struct_special_symmetry.PDB_ins_code 
_pdbx_struct_special_symmetry.label_asym_id 
_pdbx_struct_special_symmetry.label_comp_id 
_pdbx_struct_special_symmetry.label_seq_id 
1 1 A HOH 2015 ? C HOH . 
2 1 A HOH 2016 ? C HOH . 
3 1 A HOH 2017 ? C HOH . 
# 
_pdbx_refine_tls.pdbx_refine_id   'X-RAY DIFFRACTION' 
_pdbx_refine_tls.id               1 
_pdbx_refine_tls.details          ? 
_pdbx_refine_tls.method           refined 
_pdbx_refine_tls.origin_x         0.2380 
_pdbx_refine_tls.origin_y         0.2150 
_pdbx_refine_tls.origin_z         0.0484 
_pdbx_refine_tls.T[1][1]          0.1508 
_pdbx_refine_tls.T[2][2]          0.0934 
_pdbx_refine_tls.T[3][3]          0.2349 
_pdbx_refine_tls.T[1][2]          -0.0382 
_pdbx_refine_tls.T[1][3]          -0.0784 
_pdbx_refine_tls.T[2][3]          -0.0169 
_pdbx_refine_tls.L[1][1]          6.4195 
_pdbx_refine_tls.L[2][2]          9.2155 
_pdbx_refine_tls.L[3][3]          10.7686 
_pdbx_refine_tls.L[1][2]          1.1744 
_pdbx_refine_tls.L[1][3]          1.1134 
_pdbx_refine_tls.L[2][3]          0.2887 
_pdbx_refine_tls.S[1][1]          0.2793 
_pdbx_refine_tls.S[1][2]          0.2054 
_pdbx_refine_tls.S[1][3]          -0.5216 
_pdbx_refine_tls.S[2][1]          -0.6630 
_pdbx_refine_tls.S[2][2]          0.0778 
_pdbx_refine_tls.S[2][3]          0.4760 
_pdbx_refine_tls.S[3][1]          1.1893 
_pdbx_refine_tls.S[3][2]          -0.7200 
_pdbx_refine_tls.S[3][3]          -0.3571 
# 
_pdbx_refine_tls_group.pdbx_refine_id      'X-RAY DIFFRACTION' 
_pdbx_refine_tls_group.id                  1 
_pdbx_refine_tls_group.refine_tls_id       1 
_pdbx_refine_tls_group.beg_auth_asym_id    A 
_pdbx_refine_tls_group.beg_auth_seq_id     1 
_pdbx_refine_tls_group.beg_label_asym_id   ? 
_pdbx_refine_tls_group.beg_label_seq_id    ? 
_pdbx_refine_tls_group.end_auth_asym_id    A 
_pdbx_refine_tls_group.end_auth_seq_id     110 
_pdbx_refine_tls_group.end_label_asym_id   ? 
_pdbx_refine_tls_group.end_label_seq_id    ? 
_pdbx_refine_tls_group.selection           ? 
_pdbx_refine_tls_group.selection_details   ? 
# 
_pdbx_entry_details.entry_id                 2BHO 
_pdbx_entry_details.compound_details         'IT IS AS A SPECIFIC CHAPERONE FOR YOPT' 
_pdbx_entry_details.source_details           ? 
_pdbx_entry_details.nonpolymer_details       ? 
_pdbx_entry_details.sequence_details         'VARIANT S -> P (IN PLASMID PYVE8081 AND PLASMID PYVA127/90).' 
_pdbx_entry_details.has_ligand_of_interest   ? 
# 
loop_
_pdbx_unobs_or_zero_occ_residues.id 
_pdbx_unobs_or_zero_occ_residues.PDB_model_num 
_pdbx_unobs_or_zero_occ_residues.polymer_flag 
_pdbx_unobs_or_zero_occ_residues.occupancy_flag 
_pdbx_unobs_or_zero_occ_residues.auth_asym_id 
_pdbx_unobs_or_zero_occ_residues.auth_comp_id 
_pdbx_unobs_or_zero_occ_residues.auth_seq_id 
_pdbx_unobs_or_zero_occ_residues.PDB_ins_code 
_pdbx_unobs_or_zero_occ_residues.label_asym_id 
_pdbx_unobs_or_zero_occ_residues.label_comp_id 
_pdbx_unobs_or_zero_occ_residues.label_seq_id 
1  1 Y 1 A MET -1  ? A MET 1   
2  1 Y 1 A GLN 0   ? A GLN 2   
3  1 Y 1 A GLU 111 ? A GLU 113 
4  1 Y 1 A PRO 112 ? A PRO 114 
5  1 Y 1 A GLN 113 ? A GLN 115 
6  1 Y 1 A ASN 114 ? A ASN 116 
7  1 Y 1 A THR 115 ? A THR 117 
8  1 Y 1 A LYS 116 ? A LYS 118 
9  1 Y 1 A PHE 117 ? A PHE 119 
10 1 Y 1 A GLN 118 ? A GLN 120 
11 1 Y 1 A PRO 119 ? A PRO 121 
12 1 Y 1 A ASN 120 ? A ASN 122 
13 1 Y 1 A SER 121 ? A SER 123 
14 1 Y 1 A THR 122 ? A THR 124 
15 1 Y 1 A SER 123 ? A SER 125 
16 1 Y 1 A PRO 124 ? A PRO 126 
17 1 Y 1 A ILE 125 ? A ILE 127 
18 1 Y 1 A LEU 126 ? A LEU 128 
19 1 Y 1 A PHE 127 ? A PHE 129 
20 1 Y 1 A ILE 128 ? A ILE 130 
# 
loop_
_chem_comp_atom.comp_id 
_chem_comp_atom.atom_id 
_chem_comp_atom.type_symbol 
_chem_comp_atom.pdbx_aromatic_flag 
_chem_comp_atom.pdbx_stereo_config 
_chem_comp_atom.pdbx_ordinal 
ALA N    N  N N 1   
ALA CA   C  N S 2   
ALA C    C  N N 3   
ALA O    O  N N 4   
ALA CB   C  N N 5   
ALA OXT  O  N N 6   
ALA H    H  N N 7   
ALA H2   H  N N 8   
ALA HA   H  N N 9   
ALA HB1  H  N N 10  
ALA HB2  H  N N 11  
ALA HB3  H  N N 12  
ALA HXT  H  N N 13  
ARG N    N  N N 14  
ARG CA   C  N S 15  
ARG C    C  N N 16  
ARG O    O  N N 17  
ARG CB   C  N N 18  
ARG CG   C  N N 19  
ARG CD   C  N N 20  
ARG NE   N  N N 21  
ARG CZ   C  N N 22  
ARG NH1  N  N N 23  
ARG NH2  N  N N 24  
ARG OXT  O  N N 25  
ARG H    H  N N 26  
ARG H2   H  N N 27  
ARG HA   H  N N 28  
ARG HB2  H  N N 29  
ARG HB3  H  N N 30  
ARG HG2  H  N N 31  
ARG HG3  H  N N 32  
ARG HD2  H  N N 33  
ARG HD3  H  N N 34  
ARG HE   H  N N 35  
ARG HH11 H  N N 36  
ARG HH12 H  N N 37  
ARG HH21 H  N N 38  
ARG HH22 H  N N 39  
ARG HXT  H  N N 40  
ASN N    N  N N 41  
ASN CA   C  N S 42  
ASN C    C  N N 43  
ASN O    O  N N 44  
ASN CB   C  N N 45  
ASN CG   C  N N 46  
ASN OD1  O  N N 47  
ASN ND2  N  N N 48  
ASN OXT  O  N N 49  
ASN H    H  N N 50  
ASN H2   H  N N 51  
ASN HA   H  N N 52  
ASN HB2  H  N N 53  
ASN HB3  H  N N 54  
ASN HD21 H  N N 55  
ASN HD22 H  N N 56  
ASN HXT  H  N N 57  
ASP N    N  N N 58  
ASP CA   C  N S 59  
ASP C    C  N N 60  
ASP O    O  N N 61  
ASP CB   C  N N 62  
ASP CG   C  N N 63  
ASP OD1  O  N N 64  
ASP OD2  O  N N 65  
ASP OXT  O  N N 66  
ASP H    H  N N 67  
ASP H2   H  N N 68  
ASP HA   H  N N 69  
ASP HB2  H  N N 70  
ASP HB3  H  N N 71  
ASP HD2  H  N N 72  
ASP HXT  H  N N 73  
CYS N    N  N N 74  
CYS CA   C  N R 75  
CYS C    C  N N 76  
CYS O    O  N N 77  
CYS CB   C  N N 78  
CYS SG   S  N N 79  
CYS OXT  O  N N 80  
CYS H    H  N N 81  
CYS H2   H  N N 82  
CYS HA   H  N N 83  
CYS HB2  H  N N 84  
CYS HB3  H  N N 85  
CYS HG   H  N N 86  
CYS HXT  H  N N 87  
GLN N    N  N N 88  
GLN CA   C  N S 89  
GLN C    C  N N 90  
GLN O    O  N N 91  
GLN CB   C  N N 92  
GLN CG   C  N N 93  
GLN CD   C  N N 94  
GLN OE1  O  N N 95  
GLN NE2  N  N N 96  
GLN OXT  O  N N 97  
GLN H    H  N N 98  
GLN H2   H  N N 99  
GLN HA   H  N N 100 
GLN HB2  H  N N 101 
GLN HB3  H  N N 102 
GLN HG2  H  N N 103 
GLN HG3  H  N N 104 
GLN HE21 H  N N 105 
GLN HE22 H  N N 106 
GLN HXT  H  N N 107 
GLU N    N  N N 108 
GLU CA   C  N S 109 
GLU C    C  N N 110 
GLU O    O  N N 111 
GLU CB   C  N N 112 
GLU CG   C  N N 113 
GLU CD   C  N N 114 
GLU OE1  O  N N 115 
GLU OE2  O  N N 116 
GLU OXT  O  N N 117 
GLU H    H  N N 118 
GLU H2   H  N N 119 
GLU HA   H  N N 120 
GLU HB2  H  N N 121 
GLU HB3  H  N N 122 
GLU HG2  H  N N 123 
GLU HG3  H  N N 124 
GLU HE2  H  N N 125 
GLU HXT  H  N N 126 
GLY N    N  N N 127 
GLY CA   C  N N 128 
GLY C    C  N N 129 
GLY O    O  N N 130 
GLY OXT  O  N N 131 
GLY H    H  N N 132 
GLY H2   H  N N 133 
GLY HA2  H  N N 134 
GLY HA3  H  N N 135 
GLY HXT  H  N N 136 
HIS N    N  N N 137 
HIS CA   C  N S 138 
HIS C    C  N N 139 
HIS O    O  N N 140 
HIS CB   C  N N 141 
HIS CG   C  Y N 142 
HIS ND1  N  Y N 143 
HIS CD2  C  Y N 144 
HIS CE1  C  Y N 145 
HIS NE2  N  Y N 146 
HIS OXT  O  N N 147 
HIS H    H  N N 148 
HIS H2   H  N N 149 
HIS HA   H  N N 150 
HIS HB2  H  N N 151 
HIS HB3  H  N N 152 
HIS HD1  H  N N 153 
HIS HD2  H  N N 154 
HIS HE1  H  N N 155 
HIS HE2  H  N N 156 
HIS HXT  H  N N 157 
HOH O    O  N N 158 
HOH H1   H  N N 159 
HOH H2   H  N N 160 
ILE N    N  N N 161 
ILE CA   C  N S 162 
ILE C    C  N N 163 
ILE O    O  N N 164 
ILE CB   C  N S 165 
ILE CG1  C  N N 166 
ILE CG2  C  N N 167 
ILE CD1  C  N N 168 
ILE OXT  O  N N 169 
ILE H    H  N N 170 
ILE H2   H  N N 171 
ILE HA   H  N N 172 
ILE HB   H  N N 173 
ILE HG12 H  N N 174 
ILE HG13 H  N N 175 
ILE HG21 H  N N 176 
ILE HG22 H  N N 177 
ILE HG23 H  N N 178 
ILE HD11 H  N N 179 
ILE HD12 H  N N 180 
ILE HD13 H  N N 181 
ILE HXT  H  N N 182 
LEU N    N  N N 183 
LEU CA   C  N S 184 
LEU C    C  N N 185 
LEU O    O  N N 186 
LEU CB   C  N N 187 
LEU CG   C  N N 188 
LEU CD1  C  N N 189 
LEU CD2  C  N N 190 
LEU OXT  O  N N 191 
LEU H    H  N N 192 
LEU H2   H  N N 193 
LEU HA   H  N N 194 
LEU HB2  H  N N 195 
LEU HB3  H  N N 196 
LEU HG   H  N N 197 
LEU HD11 H  N N 198 
LEU HD12 H  N N 199 
LEU HD13 H  N N 200 
LEU HD21 H  N N 201 
LEU HD22 H  N N 202 
LEU HD23 H  N N 203 
LEU HXT  H  N N 204 
LYS N    N  N N 205 
LYS CA   C  N S 206 
LYS C    C  N N 207 
LYS O    O  N N 208 
LYS CB   C  N N 209 
LYS CG   C  N N 210 
LYS CD   C  N N 211 
LYS CE   C  N N 212 
LYS NZ   N  N N 213 
LYS OXT  O  N N 214 
LYS H    H  N N 215 
LYS H2   H  N N 216 
LYS HA   H  N N 217 
LYS HB2  H  N N 218 
LYS HB3  H  N N 219 
LYS HG2  H  N N 220 
LYS HG3  H  N N 221 
LYS HD2  H  N N 222 
LYS HD3  H  N N 223 
LYS HE2  H  N N 224 
LYS HE3  H  N N 225 
LYS HZ1  H  N N 226 
LYS HZ2  H  N N 227 
LYS HZ3  H  N N 228 
LYS HXT  H  N N 229 
MET N    N  N N 230 
MET CA   C  N S 231 
MET C    C  N N 232 
MET O    O  N N 233 
MET CB   C  N N 234 
MET CG   C  N N 235 
MET SD   S  N N 236 
MET CE   C  N N 237 
MET OXT  O  N N 238 
MET H    H  N N 239 
MET H2   H  N N 240 
MET HA   H  N N 241 
MET HB2  H  N N 242 
MET HB3  H  N N 243 
MET HG2  H  N N 244 
MET HG3  H  N N 245 
MET HE1  H  N N 246 
MET HE2  H  N N 247 
MET HE3  H  N N 248 
MET HXT  H  N N 249 
PHE N    N  N N 250 
PHE CA   C  N S 251 
PHE C    C  N N 252 
PHE O    O  N N 253 
PHE CB   C  N N 254 
PHE CG   C  Y N 255 
PHE CD1  C  Y N 256 
PHE CD2  C  Y N 257 
PHE CE1  C  Y N 258 
PHE CE2  C  Y N 259 
PHE CZ   C  Y N 260 
PHE OXT  O  N N 261 
PHE H    H  N N 262 
PHE H2   H  N N 263 
PHE HA   H  N N 264 
PHE HB2  H  N N 265 
PHE HB3  H  N N 266 
PHE HD1  H  N N 267 
PHE HD2  H  N N 268 
PHE HE1  H  N N 269 
PHE HE2  H  N N 270 
PHE HZ   H  N N 271 
PHE HXT  H  N N 272 
PRO N    N  N N 273 
PRO CA   C  N S 274 
PRO C    C  N N 275 
PRO O    O  N N 276 
PRO CB   C  N N 277 
PRO CG   C  N N 278 
PRO CD   C  N N 279 
PRO OXT  O  N N 280 
PRO H    H  N N 281 
PRO HA   H  N N 282 
PRO HB2  H  N N 283 
PRO HB3  H  N N 284 
PRO HG2  H  N N 285 
PRO HG3  H  N N 286 
PRO HD2  H  N N 287 
PRO HD3  H  N N 288 
PRO HXT  H  N N 289 
PT  PT   PT N N 290 
SER N    N  N N 291 
SER CA   C  N S 292 
SER C    C  N N 293 
SER O    O  N N 294 
SER CB   C  N N 295 
SER OG   O  N N 296 
SER OXT  O  N N 297 
SER H    H  N N 298 
SER H2   H  N N 299 
SER HA   H  N N 300 
SER HB2  H  N N 301 
SER HB3  H  N N 302 
SER HG   H  N N 303 
SER HXT  H  N N 304 
THR N    N  N N 305 
THR CA   C  N S 306 
THR C    C  N N 307 
THR O    O  N N 308 
THR CB   C  N R 309 
THR OG1  O  N N 310 
THR CG2  C  N N 311 
THR OXT  O  N N 312 
THR H    H  N N 313 
THR H2   H  N N 314 
THR HA   H  N N 315 
THR HB   H  N N 316 
THR HG1  H  N N 317 
THR HG21 H  N N 318 
THR HG22 H  N N 319 
THR HG23 H  N N 320 
THR HXT  H  N N 321 
TRP N    N  N N 322 
TRP CA   C  N S 323 
TRP C    C  N N 324 
TRP O    O  N N 325 
TRP CB   C  N N 326 
TRP CG   C  Y N 327 
TRP CD1  C  Y N 328 
TRP CD2  C  Y N 329 
TRP NE1  N  Y N 330 
TRP CE2  C  Y N 331 
TRP CE3  C  Y N 332 
TRP CZ2  C  Y N 333 
TRP CZ3  C  Y N 334 
TRP CH2  C  Y N 335 
TRP OXT  O  N N 336 
TRP H    H  N N 337 
TRP H2   H  N N 338 
TRP HA   H  N N 339 
TRP HB2  H  N N 340 
TRP HB3  H  N N 341 
TRP HD1  H  N N 342 
TRP HE1  H  N N 343 
TRP HE3  H  N N 344 
TRP HZ2  H  N N 345 
TRP HZ3  H  N N 346 
TRP HH2  H  N N 347 
TRP HXT  H  N N 348 
TYR N    N  N N 349 
TYR CA   C  N S 350 
TYR C    C  N N 351 
TYR O    O  N N 352 
TYR CB   C  N N 353 
TYR CG   C  Y N 354 
TYR CD1  C  Y N 355 
TYR CD2  C  Y N 356 
TYR CE1  C  Y N 357 
TYR CE2  C  Y N 358 
TYR CZ   C  Y N 359 
TYR OH   O  N N 360 
TYR OXT  O  N N 361 
TYR H    H  N N 362 
TYR H2   H  N N 363 
TYR HA   H  N N 364 
TYR HB2  H  N N 365 
TYR HB3  H  N N 366 
TYR HD1  H  N N 367 
TYR HD2  H  N N 368 
TYR HE1  H  N N 369 
TYR HE2  H  N N 370 
TYR HH   H  N N 371 
TYR HXT  H  N N 372 
VAL N    N  N N 373 
VAL CA   C  N S 374 
VAL C    C  N N 375 
VAL O    O  N N 376 
VAL CB   C  N N 377 
VAL CG1  C  N N 378 
VAL CG2  C  N N 379 
VAL OXT  O  N N 380 
VAL H    H  N N 381 
VAL H2   H  N N 382 
VAL HA   H  N N 383 
VAL HB   H  N N 384 
VAL HG11 H  N N 385 
VAL HG12 H  N N 386 
VAL HG13 H  N N 387 
VAL HG21 H  N N 388 
VAL HG22 H  N N 389 
VAL HG23 H  N N 390 
VAL HXT  H  N N 391 
# 
loop_
_chem_comp_bond.comp_id 
_chem_comp_bond.atom_id_1 
_chem_comp_bond.atom_id_2 
_chem_comp_bond.value_order 
_chem_comp_bond.pdbx_aromatic_flag 
_chem_comp_bond.pdbx_stereo_config 
_chem_comp_bond.pdbx_ordinal 
ALA N   CA   sing N N 1   
ALA N   H    sing N N 2   
ALA N   H2   sing N N 3   
ALA CA  C    sing N N 4   
ALA CA  CB   sing N N 5   
ALA CA  HA   sing N N 6   
ALA C   O    doub N N 7   
ALA C   OXT  sing N N 8   
ALA CB  HB1  sing N N 9   
ALA CB  HB2  sing N N 10  
ALA CB  HB3  sing N N 11  
ALA OXT HXT  sing N N 12  
ARG N   CA   sing N N 13  
ARG N   H    sing N N 14  
ARG N   H2   sing N N 15  
ARG CA  C    sing N N 16  
ARG CA  CB   sing N N 17  
ARG CA  HA   sing N N 18  
ARG C   O    doub N N 19  
ARG C   OXT  sing N N 20  
ARG CB  CG   sing N N 21  
ARG CB  HB2  sing N N 22  
ARG CB  HB3  sing N N 23  
ARG CG  CD   sing N N 24  
ARG CG  HG2  sing N N 25  
ARG CG  HG3  sing N N 26  
ARG CD  NE   sing N N 27  
ARG CD  HD2  sing N N 28  
ARG CD  HD3  sing N N 29  
ARG NE  CZ   sing N N 30  
ARG NE  HE   sing N N 31  
ARG CZ  NH1  sing N N 32  
ARG CZ  NH2  doub N N 33  
ARG NH1 HH11 sing N N 34  
ARG NH1 HH12 sing N N 35  
ARG NH2 HH21 sing N N 36  
ARG NH2 HH22 sing N N 37  
ARG OXT HXT  sing N N 38  
ASN N   CA   sing N N 39  
ASN N   H    sing N N 40  
ASN N   H2   sing N N 41  
ASN CA  C    sing N N 42  
ASN CA  CB   sing N N 43  
ASN CA  HA   sing N N 44  
ASN C   O    doub N N 45  
ASN C   OXT  sing N N 46  
ASN CB  CG   sing N N 47  
ASN CB  HB2  sing N N 48  
ASN CB  HB3  sing N N 49  
ASN CG  OD1  doub N N 50  
ASN CG  ND2  sing N N 51  
ASN ND2 HD21 sing N N 52  
ASN ND2 HD22 sing N N 53  
ASN OXT HXT  sing N N 54  
ASP N   CA   sing N N 55  
ASP N   H    sing N N 56  
ASP N   H2   sing N N 57  
ASP CA  C    sing N N 58  
ASP CA  CB   sing N N 59  
ASP CA  HA   sing N N 60  
ASP C   O    doub N N 61  
ASP C   OXT  sing N N 62  
ASP CB  CG   sing N N 63  
ASP CB  HB2  sing N N 64  
ASP CB  HB3  sing N N 65  
ASP CG  OD1  doub N N 66  
ASP CG  OD2  sing N N 67  
ASP OD2 HD2  sing N N 68  
ASP OXT HXT  sing N N 69  
CYS N   CA   sing N N 70  
CYS N   H    sing N N 71  
CYS N   H2   sing N N 72  
CYS CA  C    sing N N 73  
CYS CA  CB   sing N N 74  
CYS CA  HA   sing N N 75  
CYS C   O    doub N N 76  
CYS C   OXT  sing N N 77  
CYS CB  SG   sing N N 78  
CYS CB  HB2  sing N N 79  
CYS CB  HB3  sing N N 80  
CYS SG  HG   sing N N 81  
CYS OXT HXT  sing N N 82  
GLN N   CA   sing N N 83  
GLN N   H    sing N N 84  
GLN N   H2   sing N N 85  
GLN CA  C    sing N N 86  
GLN CA  CB   sing N N 87  
GLN CA  HA   sing N N 88  
GLN C   O    doub N N 89  
GLN C   OXT  sing N N 90  
GLN CB  CG   sing N N 91  
GLN CB  HB2  sing N N 92  
GLN CB  HB3  sing N N 93  
GLN CG  CD   sing N N 94  
GLN CG  HG2  sing N N 95  
GLN CG  HG3  sing N N 96  
GLN CD  OE1  doub N N 97  
GLN CD  NE2  sing N N 98  
GLN NE2 HE21 sing N N 99  
GLN NE2 HE22 sing N N 100 
GLN OXT HXT  sing N N 101 
GLU N   CA   sing N N 102 
GLU N   H    sing N N 103 
GLU N   H2   sing N N 104 
GLU CA  C    sing N N 105 
GLU CA  CB   sing N N 106 
GLU CA  HA   sing N N 107 
GLU C   O    doub N N 108 
GLU C   OXT  sing N N 109 
GLU CB  CG   sing N N 110 
GLU CB  HB2  sing N N 111 
GLU CB  HB3  sing N N 112 
GLU CG  CD   sing N N 113 
GLU CG  HG2  sing N N 114 
GLU CG  HG3  sing N N 115 
GLU CD  OE1  doub N N 116 
GLU CD  OE2  sing N N 117 
GLU OE2 HE2  sing N N 118 
GLU OXT HXT  sing N N 119 
GLY N   CA   sing N N 120 
GLY N   H    sing N N 121 
GLY N   H2   sing N N 122 
GLY CA  C    sing N N 123 
GLY CA  HA2  sing N N 124 
GLY CA  HA3  sing N N 125 
GLY C   O    doub N N 126 
GLY C   OXT  sing N N 127 
GLY OXT HXT  sing N N 128 
HIS N   CA   sing N N 129 
HIS N   H    sing N N 130 
HIS N   H2   sing N N 131 
HIS CA  C    sing N N 132 
HIS CA  CB   sing N N 133 
HIS CA  HA   sing N N 134 
HIS C   O    doub N N 135 
HIS C   OXT  sing N N 136 
HIS CB  CG   sing N N 137 
HIS CB  HB2  sing N N 138 
HIS CB  HB3  sing N N 139 
HIS CG  ND1  sing Y N 140 
HIS CG  CD2  doub Y N 141 
HIS ND1 CE1  doub Y N 142 
HIS ND1 HD1  sing N N 143 
HIS CD2 NE2  sing Y N 144 
HIS CD2 HD2  sing N N 145 
HIS CE1 NE2  sing Y N 146 
HIS CE1 HE1  sing N N 147 
HIS NE2 HE2  sing N N 148 
HIS OXT HXT  sing N N 149 
HOH O   H1   sing N N 150 
HOH O   H2   sing N N 151 
ILE N   CA   sing N N 152 
ILE N   H    sing N N 153 
ILE N   H2   sing N N 154 
ILE CA  C    sing N N 155 
ILE CA  CB   sing N N 156 
ILE CA  HA   sing N N 157 
ILE C   O    doub N N 158 
ILE C   OXT  sing N N 159 
ILE CB  CG1  sing N N 160 
ILE CB  CG2  sing N N 161 
ILE CB  HB   sing N N 162 
ILE CG1 CD1  sing N N 163 
ILE CG1 HG12 sing N N 164 
ILE CG1 HG13 sing N N 165 
ILE CG2 HG21 sing N N 166 
ILE CG2 HG22 sing N N 167 
ILE CG2 HG23 sing N N 168 
ILE CD1 HD11 sing N N 169 
ILE CD1 HD12 sing N N 170 
ILE CD1 HD13 sing N N 171 
ILE OXT HXT  sing N N 172 
LEU N   CA   sing N N 173 
LEU N   H    sing N N 174 
LEU N   H2   sing N N 175 
LEU CA  C    sing N N 176 
LEU CA  CB   sing N N 177 
LEU CA  HA   sing N N 178 
LEU C   O    doub N N 179 
LEU C   OXT  sing N N 180 
LEU CB  CG   sing N N 181 
LEU CB  HB2  sing N N 182 
LEU CB  HB3  sing N N 183 
LEU CG  CD1  sing N N 184 
LEU CG  CD2  sing N N 185 
LEU CG  HG   sing N N 186 
LEU CD1 HD11 sing N N 187 
LEU CD1 HD12 sing N N 188 
LEU CD1 HD13 sing N N 189 
LEU CD2 HD21 sing N N 190 
LEU CD2 HD22 sing N N 191 
LEU CD2 HD23 sing N N 192 
LEU OXT HXT  sing N N 193 
LYS N   CA   sing N N 194 
LYS N   H    sing N N 195 
LYS N   H2   sing N N 196 
LYS CA  C    sing N N 197 
LYS CA  CB   sing N N 198 
LYS CA  HA   sing N N 199 
LYS C   O    doub N N 200 
LYS C   OXT  sing N N 201 
LYS CB  CG   sing N N 202 
LYS CB  HB2  sing N N 203 
LYS CB  HB3  sing N N 204 
LYS CG  CD   sing N N 205 
LYS CG  HG2  sing N N 206 
LYS CG  HG3  sing N N 207 
LYS CD  CE   sing N N 208 
LYS CD  HD2  sing N N 209 
LYS CD  HD3  sing N N 210 
LYS CE  NZ   sing N N 211 
LYS CE  HE2  sing N N 212 
LYS CE  HE3  sing N N 213 
LYS NZ  HZ1  sing N N 214 
LYS NZ  HZ2  sing N N 215 
LYS NZ  HZ3  sing N N 216 
LYS OXT HXT  sing N N 217 
MET N   CA   sing N N 218 
MET N   H    sing N N 219 
MET N   H2   sing N N 220 
MET CA  C    sing N N 221 
MET CA  CB   sing N N 222 
MET CA  HA   sing N N 223 
MET C   O    doub N N 224 
MET C   OXT  sing N N 225 
MET CB  CG   sing N N 226 
MET CB  HB2  sing N N 227 
MET CB  HB3  sing N N 228 
MET CG  SD   sing N N 229 
MET CG  HG2  sing N N 230 
MET CG  HG3  sing N N 231 
MET SD  CE   sing N N 232 
MET CE  HE1  sing N N 233 
MET CE  HE2  sing N N 234 
MET CE  HE3  sing N N 235 
MET OXT HXT  sing N N 236 
PHE N   CA   sing N N 237 
PHE N   H    sing N N 238 
PHE N   H2   sing N N 239 
PHE CA  C    sing N N 240 
PHE CA  CB   sing N N 241 
PHE CA  HA   sing N N 242 
PHE C   O    doub N N 243 
PHE C   OXT  sing N N 244 
PHE CB  CG   sing N N 245 
PHE CB  HB2  sing N N 246 
PHE CB  HB3  sing N N 247 
PHE CG  CD1  doub Y N 248 
PHE CG  CD2  sing Y N 249 
PHE CD1 CE1  sing Y N 250 
PHE CD1 HD1  sing N N 251 
PHE CD2 CE2  doub Y N 252 
PHE CD2 HD2  sing N N 253 
PHE CE1 CZ   doub Y N 254 
PHE CE1 HE1  sing N N 255 
PHE CE2 CZ   sing Y N 256 
PHE CE2 HE2  sing N N 257 
PHE CZ  HZ   sing N N 258 
PHE OXT HXT  sing N N 259 
PRO N   CA   sing N N 260 
PRO N   CD   sing N N 261 
PRO N   H    sing N N 262 
PRO CA  C    sing N N 263 
PRO CA  CB   sing N N 264 
PRO CA  HA   sing N N 265 
PRO C   O    doub N N 266 
PRO C   OXT  sing N N 267 
PRO CB  CG   sing N N 268 
PRO CB  HB2  sing N N 269 
PRO CB  HB3  sing N N 270 
PRO CG  CD   sing N N 271 
PRO CG  HG2  sing N N 272 
PRO CG  HG3  sing N N 273 
PRO CD  HD2  sing N N 274 
PRO CD  HD3  sing N N 275 
PRO OXT HXT  sing N N 276 
SER N   CA   sing N N 277 
SER N   H    sing N N 278 
SER N   H2   sing N N 279 
SER CA  C    sing N N 280 
SER CA  CB   sing N N 281 
SER CA  HA   sing N N 282 
SER C   O    doub N N 283 
SER C   OXT  sing N N 284 
SER CB  OG   sing N N 285 
SER CB  HB2  sing N N 286 
SER CB  HB3  sing N N 287 
SER OG  HG   sing N N 288 
SER OXT HXT  sing N N 289 
THR N   CA   sing N N 290 
THR N   H    sing N N 291 
THR N   H2   sing N N 292 
THR CA  C    sing N N 293 
THR CA  CB   sing N N 294 
THR CA  HA   sing N N 295 
THR C   O    doub N N 296 
THR C   OXT  sing N N 297 
THR CB  OG1  sing N N 298 
THR CB  CG2  sing N N 299 
THR CB  HB   sing N N 300 
THR OG1 HG1  sing N N 301 
THR CG2 HG21 sing N N 302 
THR CG2 HG22 sing N N 303 
THR CG2 HG23 sing N N 304 
THR OXT HXT  sing N N 305 
TRP N   CA   sing N N 306 
TRP N   H    sing N N 307 
TRP N   H2   sing N N 308 
TRP CA  C    sing N N 309 
TRP CA  CB   sing N N 310 
TRP CA  HA   sing N N 311 
TRP C   O    doub N N 312 
TRP C   OXT  sing N N 313 
TRP CB  CG   sing N N 314 
TRP CB  HB2  sing N N 315 
TRP CB  HB3  sing N N 316 
TRP CG  CD1  doub Y N 317 
TRP CG  CD2  sing Y N 318 
TRP CD1 NE1  sing Y N 319 
TRP CD1 HD1  sing N N 320 
TRP CD2 CE2  doub Y N 321 
TRP CD2 CE3  sing Y N 322 
TRP NE1 CE2  sing Y N 323 
TRP NE1 HE1  sing N N 324 
TRP CE2 CZ2  sing Y N 325 
TRP CE3 CZ3  doub Y N 326 
TRP CE3 HE3  sing N N 327 
TRP CZ2 CH2  doub Y N 328 
TRP CZ2 HZ2  sing N N 329 
TRP CZ3 CH2  sing Y N 330 
TRP CZ3 HZ3  sing N N 331 
TRP CH2 HH2  sing N N 332 
TRP OXT HXT  sing N N 333 
TYR N   CA   sing N N 334 
TYR N   H    sing N N 335 
TYR N   H2   sing N N 336 
TYR CA  C    sing N N 337 
TYR CA  CB   sing N N 338 
TYR CA  HA   sing N N 339 
TYR C   O    doub N N 340 
TYR C   OXT  sing N N 341 
TYR CB  CG   sing N N 342 
TYR CB  HB2  sing N N 343 
TYR CB  HB3  sing N N 344 
TYR CG  CD1  doub Y N 345 
TYR CG  CD2  sing Y N 346 
TYR CD1 CE1  sing Y N 347 
TYR CD1 HD1  sing N N 348 
TYR CD2 CE2  doub Y N 349 
TYR CD2 HD2  sing N N 350 
TYR CE1 CZ   doub Y N 351 
TYR CE1 HE1  sing N N 352 
TYR CE2 CZ   sing Y N 353 
TYR CE2 HE2  sing N N 354 
TYR CZ  OH   sing N N 355 
TYR OH  HH   sing N N 356 
TYR OXT HXT  sing N N 357 
VAL N   CA   sing N N 358 
VAL N   H    sing N N 359 
VAL N   H2   sing N N 360 
VAL CA  C    sing N N 361 
VAL CA  CB   sing N N 362 
VAL CA  HA   sing N N 363 
VAL C   O    doub N N 364 
VAL C   OXT  sing N N 365 
VAL CB  CG1  sing N N 366 
VAL CB  CG2  sing N N 367 
VAL CB  HB   sing N N 368 
VAL CG1 HG11 sing N N 369 
VAL CG1 HG12 sing N N 370 
VAL CG1 HG13 sing N N 371 
VAL CG2 HG21 sing N N 372 
VAL CG2 HG22 sing N N 373 
VAL CG2 HG23 sing N N 374 
VAL OXT HXT  sing N N 375 
# 
_atom_sites.entry_id                    2BHO 
_atom_sites.fract_transf_matrix[1][1]   -0.00292505 
_atom_sites.fract_transf_matrix[1][2]   -0.01098525 
_atom_sites.fract_transf_matrix[1][3]   -0.00028507 
_atom_sites.fract_transf_matrix[2][1]   -0.01910673 
_atom_sites.fract_transf_matrix[2][2]   0.00484484 
_atom_sites.fract_transf_matrix[2][3]   0.00935337 
_atom_sites.fract_transf_matrix[3][1]   -0.01389981 
_atom_sites.fract_transf_matrix[3][2]   -0.00382814 
_atom_sites.fract_transf_matrix[3][3]   -0.02641115 
_atom_sites.fract_transf_vector[1]      0.124338 
_atom_sites.fract_transf_vector[2]      -0.068070 
_atom_sites.fract_transf_vector[3]      0.729608 
# 
loop_
_atom_type.symbol 
C  
N  
O  
PT 
S  
# 
loop_
_atom_site.group_PDB 
_atom_site.id 
_atom_site.type_symbol 
_atom_site.label_atom_id 
_atom_site.label_alt_id 
_atom_site.label_comp_id 
_atom_site.label_asym_id 
_atom_site.label_entity_id 
_atom_site.label_seq_id 
_atom_site.pdbx_PDB_ins_code 
_atom_site.Cartn_x 
_atom_site.Cartn_y 
_atom_site.Cartn_z 
_atom_site.occupancy 
_atom_site.B_iso_or_equiv 
_atom_site.pdbx_formal_charge 
_atom_site.auth_seq_id 
_atom_site.auth_comp_id 
_atom_site.auth_asym_id 
_atom_site.auth_atom_id 
_atom_site.pdbx_PDB_model_num 
ATOM   1   N  N   . THR A 1 3   ? 16.082  -0.216  -9.621  1.00 64.79 ? 1    THR A N   1 
ATOM   2   C  CA  . THR A 1 3   ? 15.357  -0.386  -10.907 1.00 63.22 ? 1    THR A CA  1 
ATOM   3   C  C   . THR A 1 3   ? 14.077  0.453   -10.896 1.00 60.76 ? 1    THR A C   1 
ATOM   4   O  O   . THR A 1 3   ? 13.807  1.175   -9.932  1.00 59.93 ? 1    THR A O   1 
ATOM   5   C  CB  . THR A 1 3   ? 14.994  -1.880  -11.149 1.00 65.16 ? 1    THR A CB  1 
ATOM   6   O  OG1 . THR A 1 3   ? 15.801  -2.715  -10.311 1.00 67.49 ? 1    THR A OG1 1 
ATOM   7   C  CG2 . THR A 1 3   ? 15.254  -2.270  -12.602 1.00 63.07 ? 1    THR A CG2 1 
ATOM   8   N  N   . THR A 1 4   ? 13.296  0.361   -11.970 1.00 57.83 ? 2    THR A N   1 
ATOM   9   C  CA  . THR A 1 4   ? 12.055  1.126   -12.079 1.00 56.46 ? 2    THR A CA  1 
ATOM   10  C  C   . THR A 1 4   ? 10.970  0.532   -11.167 1.00 54.04 ? 2    THR A C   1 
ATOM   11  O  O   . THR A 1 4   ? 11.165  -0.518  -10.548 1.00 54.27 ? 2    THR A O   1 
ATOM   12  C  CB  . THR A 1 4   ? 11.528  1.141   -13.544 1.00 55.34 ? 2    THR A CB  1 
ATOM   13  O  OG1 . THR A 1 4   ? 12.630  1.164   -14.458 1.00 58.06 ? 2    THR A OG1 1 
ATOM   14  C  CG2 . THR A 1 4   ? 10.665  2.367   -13.794 1.00 57.58 ? 2    THR A CG2 1 
ATOM   15  N  N   . PHE A 1 5   ? 9.834   1.223   -11.093 1.00 49.79 ? 3    PHE A N   1 
ATOM   16  C  CA  . PHE A 1 5   ? 8.710   0.777   -10.272 1.00 49.36 ? 3    PHE A CA  1 
ATOM   17  C  C   . PHE A 1 5   ? 8.209   -0.587  -10.741 1.00 48.29 ? 3    PHE A C   1 
ATOM   18  O  O   . PHE A 1 5   ? 8.082   -1.516  -9.941  1.00 48.10 ? 3    PHE A O   1 
ATOM   19  C  CB  . PHE A 1 5   ? 7.568   1.807   -10.346 1.00 46.36 ? 3    PHE A CB  1 
ATOM   20  C  CG  . PHE A 1 5   ? 6.366   1.442   -9.520  1.00 44.63 ? 3    PHE A CG  1 
ATOM   21  C  CD1 . PHE A 1 5   ? 5.101   1.392   -10.098 1.00 41.54 ? 3    PHE A CD1 1 
ATOM   22  C  CD2 . PHE A 1 5   ? 6.490   1.179   -8.158  1.00 40.15 ? 3    PHE A CD2 1 
ATOM   23  C  CE1 . PHE A 1 5   ? 3.971   1.090   -9.334  1.00 47.32 ? 3    PHE A CE1 1 
ATOM   24  C  CE2 . PHE A 1 5   ? 5.369   0.877   -7.387  1.00 45.55 ? 3    PHE A CE2 1 
ATOM   25  C  CZ  . PHE A 1 5   ? 4.107   0.833   -7.979  1.00 48.06 ? 3    PHE A CZ  1 
ATOM   26  N  N   . THR A 1 6   ? 7.926   -0.695  -12.040 1.00 48.94 ? 4    THR A N   1 
ATOM   27  C  CA  . THR A 1 6   ? 7.438   -1.942  -12.637 1.00 48.93 ? 4    THR A CA  1 
ATOM   28  C  C   . THR A 1 6   ? 8.354   -3.127  -12.398 1.00 47.00 ? 4    THR A C   1 
ATOM   29  O  O   . THR A 1 6   ? 7.882   -4.205  -12.064 1.00 45.63 ? 4    THR A O   1 
ATOM   30  C  CB  . THR A 1 6   ? 7.202   -1.798  -14.162 1.00 49.95 ? 4    THR A CB  1 
ATOM   31  O  OG1 . THR A 1 6   ? 8.258   -1.030  -14.744 1.00 50.48 ? 4    THR A OG1 1 
ATOM   32  C  CG2 . THR A 1 6   ? 5.867   -1.111  -14.436 1.00 50.84 ? 4    THR A CG2 1 
ATOM   33  N  N   . GLU A 1 7   ? 9.658   -2.928  -12.557 1.00 47.38 ? 5    GLU A N   1 
ATOM   34  C  CA  . GLU A 1 7   ? 10.622  -3.998  -12.335 1.00 47.73 ? 5    GLU A CA  1 
ATOM   35  C  C   . GLU A 1 7   ? 10.358  -4.502  -10.924 1.00 45.78 ? 5    GLU A C   1 
ATOM   36  O  O   . GLU A 1 7   ? 10.099  -5.691  -10.700 1.00 43.47 ? 5    GLU A O   1 
ATOM   37  C  CB  . GLU A 1 7   ? 12.057  -3.468  -12.401 1.00 49.73 ? 5    GLU A CB  1 
ATOM   38  C  CG  . GLU A 1 7   ? 12.331  -2.355  -13.425 1.00 55.76 ? 5    GLU A CG  1 
ATOM   39  C  CD  . GLU A 1 7   ? 12.430  -2.856  -14.855 1.00 57.49 ? 5    GLU A CD  1 
ATOM   40  O  OE1 . GLU A 1 7   ? 12.843  -4.026  -15.047 1.00 63.19 ? 5    GLU A OE1 1 
ATOM   41  O  OE2 . GLU A 1 7   ? 12.119  -2.072  -15.787 1.00 55.82 ? 5    GLU A OE2 1 
ATOM   42  N  N   . LEU A 1 8   ? 10.420  -3.569  -9.979  1.00 45.00 ? 6    LEU A N   1 
ATOM   43  C  CA  . LEU A 1 8   ? 10.183  -3.854  -8.571  1.00 44.96 ? 6    LEU A CA  1 
ATOM   44  C  C   . LEU A 1 8   ? 8.835   -4.563  -8.416  1.00 45.77 ? 6    LEU A C   1 
ATOM   45  O  O   . LEU A 1 8   ? 8.762   -5.670  -7.889  1.00 47.75 ? 6    LEU A O   1 
ATOM   46  C  CB  . LEU A 1 8   ? 10.172  -2.543  -7.781  1.00 44.34 ? 6    LEU A CB  1 
ATOM   47  C  CG  . LEU A 1 8   ? 10.598  -2.537  -6.309  1.00 41.75 ? 6    LEU A CG  1 
ATOM   48  C  CD1 . LEU A 1 8   ? 10.134  -1.241  -5.676  1.00 34.73 ? 6    LEU A CD1 1 
ATOM   49  C  CD2 . LEU A 1 8   ? 10.000  -3.714  -5.563  1.00 44.76 ? 6    LEU A CD2 1 
ATOM   50  N  N   . MET A 1 9   ? 7.771   -3.919  -8.885  1.00 44.75 ? 7    MET A N   1 
ATOM   51  C  CA  . MET A 1 9   ? 6.433   -4.494  -8.798  1.00 43.75 ? 7    MET A CA  1 
ATOM   52  C  C   . MET A 1 9   ? 6.362   -5.919  -9.325  1.00 42.36 ? 7    MET A C   1 
ATOM   53  O  O   . MET A 1 9   ? 5.781   -6.793  -8.680  1.00 37.96 ? 7    MET A O   1 
ATOM   54  C  CB  . MET A 1 9   ? 5.426   -3.638  -9.563  1.00 42.69 ? 7    MET A CB  1 
ATOM   55  C  CG  . MET A 1 9   ? 5.108   -2.313  -8.899  1.00 44.50 ? 7    MET A CG  1 
ATOM   56  S  SD  . MET A 1 9   ? 4.527   -2.519  -7.194  1.00 43.58 ? 7    MET A SD  1 
ATOM   57  C  CE  . MET A 1 9   ? 6.034   -2.178  -6.268  1.00 38.91 ? 7    MET A CE  1 
ATOM   58  N  N   . GLN A 1 10  ? 6.937   -6.144  -10.507 1.00 43.32 ? 8    GLN A N   1 
ATOM   59  C  CA  . GLN A 1 10  ? 6.926   -7.469  -11.123 1.00 46.20 ? 8    GLN A CA  1 
ATOM   60  C  C   . GLN A 1 10  ? 7.613   -8.446  -10.199 1.00 48.48 ? 8    GLN A C   1 
ATOM   61  O  O   . GLN A 1 10  ? 7.011   -9.425  -9.744  1.00 50.15 ? 8    GLN A O   1 
ATOM   62  C  CB  . GLN A 1 10  ? 7.667   -7.467  -12.463 1.00 45.72 ? 8    GLN A CB  1 
ATOM   63  C  CG  . GLN A 1 10  ? 7.042   -6.615  -13.542 1.00 45.37 ? 8    GLN A CG  1 
ATOM   64  C  CD  . GLN A 1 10  ? 7.960   -6.460  -14.735 1.00 45.78 ? 8    GLN A CD  1 
ATOM   65  O  OE1 . GLN A 1 10  ? 9.188   -6.495  -14.589 1.00 41.47 ? 8    GLN A OE1 1 
ATOM   66  N  NE2 . GLN A 1 10  ? 7.379   -6.270  -15.920 1.00 43.72 ? 8    GLN A NE2 1 
ATOM   67  N  N   . GLN A 1 11  ? 8.883   -8.168  -9.925  1.00 50.42 ? 9    GLN A N   1 
ATOM   68  C  CA  . GLN A 1 11  ? 9.685   -9.013  -9.059  1.00 50.14 ? 9    GLN A CA  1 
ATOM   69  C  C   . GLN A 1 11  ? 8.918   -9.321  -7.775  1.00 48.34 ? 9    GLN A C   1 
ATOM   70  O  O   . GLN A 1 11  ? 8.994   -10.426 -7.247  1.00 46.86 ? 9    GLN A O   1 
ATOM   71  C  CB  . GLN A 1 11  ? 11.007  -8.315  -8.742  1.00 51.07 ? 9    GLN A CB  1 
ATOM   72  C  CG  . GLN A 1 11  ? 12.013  -9.180  -8.010  1.00 53.85 ? 9    GLN A CG  1 
ATOM   73  C  CD  . GLN A 1 11  ? 13.276  -8.423  -7.633  1.00 56.28 ? 9    GLN A CD  1 
ATOM   74  O  OE1 . GLN A 1 11  ? 14.184  -8.977  -7.011  1.00 60.03 ? 9    GLN A OE1 1 
ATOM   75  N  NE2 . GLN A 1 11  ? 13.339  -7.151  -8.009  1.00 62.81 ? 9    GLN A NE2 1 
ATOM   76  N  N   . LEU A 1 12  ? 8.161   -8.344  -7.289  1.00 48.69 ? 10   LEU A N   1 
ATOM   77  C  CA  . LEU A 1 12  ? 7.385   -8.520  -6.067  1.00 48.89 ? 10   LEU A CA  1 
ATOM   78  C  C   . LEU A 1 12  ? 6.300   -9.593  -6.207  1.00 48.03 ? 10   LEU A C   1 
ATOM   79  O  O   . LEU A 1 12  ? 6.254   -10.544 -5.430  1.00 45.89 ? 10   LEU A O   1 
ATOM   80  C  CB  . LEU A 1 12  ? 6.748   -7.187  -5.645  1.00 47.36 ? 10   LEU A CB  1 
ATOM   81  C  CG  . LEU A 1 12  ? 5.854   -7.244  -4.400  1.00 46.99 ? 10   LEU A CG  1 
ATOM   82  C  CD1 . LEU A 1 12  ? 6.657   -7.768  -3.214  1.00 50.16 ? 10   LEU A CD1 1 
ATOM   83  C  CD2 . LEU A 1 12  ? 5.296   -5.867  -4.099  1.00 48.80 ? 10   LEU A CD2 1 
ATOM   84  N  N   . PHE A 1 13  ? 5.425   -9.436  -7.192  1.00 50.15 ? 11   PHE A N   1 
ATOM   85  C  CA  . PHE A 1 13  ? 4.351   -10.397 -7.390  1.00 52.13 ? 11   PHE A CA  1 
ATOM   86  C  C   . PHE A 1 13  ? 4.868   -11.724 -7.914  1.00 52.45 ? 11   PHE A C   1 
ATOM   87  O  O   . PHE A 1 13  ? 4.367   -12.785 -7.533  1.00 53.00 ? 11   PHE A O   1 
ATOM   88  C  CB  . PHE A 1 13  ? 3.292   -9.839  -8.345  1.00 55.69 ? 11   PHE A CB  1 
ATOM   89  C  CG  . PHE A 1 13  ? 2.555   -8.655  -7.795  1.00 56.89 ? 11   PHE A CG  1 
ATOM   90  C  CD1 . PHE A 1 13  ? 3.130   -7.384  -7.826  1.00 64.83 ? 11   PHE A CD1 1 
ATOM   91  C  CD2 . PHE A 1 13  ? 1.318   -8.815  -7.175  1.00 59.76 ? 11   PHE A CD2 1 
ATOM   92  C  CE1 . PHE A 1 13  ? 2.486   -6.286  -7.241  1.00 65.58 ? 11   PHE A CE1 1 
ATOM   93  C  CE2 . PHE A 1 13  ? 0.666   -7.725  -6.589  1.00 64.18 ? 11   PHE A CE2 1 
ATOM   94  C  CZ  . PHE A 1 13  ? 1.253   -6.459  -6.621  1.00 64.86 ? 11   PHE A CZ  1 
ATOM   95  N  N   . LEU A 1 14  ? 5.882   -11.670 -8.773  1.00 52.74 ? 12   LEU A N   1 
ATOM   96  C  CA  . LEU A 1 14  ? 6.451   -12.885 -9.349  1.00 52.86 ? 12   LEU A CA  1 
ATOM   97  C  C   . LEU A 1 14  ? 7.160   -13.703 -8.278  1.00 52.30 ? 12   LEU A C   1 
ATOM   98  O  O   . LEU A 1 14  ? 7.422   -14.891 -8.459  1.00 52.37 ? 12   LEU A O   1 
ATOM   99  C  CB  . LEU A 1 14  ? 7.427   -12.530 -10.474 1.00 52.42 ? 12   LEU A CB  1 
ATOM   100 C  CG  . LEU A 1 14  ? 7.957   -13.667 -11.350 1.00 52.79 ? 12   LEU A CG  1 
ATOM   101 C  CD1 . LEU A 1 14  ? 6.802   -14.421 -11.990 1.00 52.86 ? 12   LEU A CD1 1 
ATOM   102 C  CD2 . LEU A 1 14  ? 8.875   -13.095 -12.414 1.00 53.73 ? 12   LEU A CD2 1 
ATOM   103 N  N   . LYS A 1 15  ? 7.470   -13.058 -7.160  1.00 53.95 ? 13   LYS A N   1 
ATOM   104 C  CA  . LYS A 1 15  ? 8.147   -13.728 -6.058  1.00 53.71 ? 13   LYS A CA  1 
ATOM   105 C  C   . LYS A 1 15  ? 7.161   -14.314 -5.052  1.00 53.73 ? 13   LYS A C   1 
ATOM   106 O  O   . LYS A 1 15  ? 7.212   -15.502 -4.742  1.00 53.68 ? 13   LYS A O   1 
ATOM   107 C  CB  . LYS A 1 15  ? 9.087   -12.755 -5.339  1.00 54.21 ? 13   LYS A CB  1 
ATOM   108 C  CG  . LYS A 1 15  ? 9.766   -13.347 -4.117  1.00 53.72 ? 13   LYS A CG  1 
ATOM   109 C  CD  . LYS A 1 15  ? 10.603  -12.310 -3.393  1.00 53.38 ? 13   LYS A CD  1 
ATOM   110 C  CE  . LYS A 1 15  ? 11.151  -12.868 -2.096  1.00 51.86 ? 13   LYS A CE  1 
ATOM   111 N  NZ  . LYS A 1 15  ? 12.040  -11.887 -1.421  1.00 52.33 ? 13   LYS A NZ  1 
ATOM   112 N  N   . LEU A 1 16  ? 6.267   -13.471 -4.548  1.00 53.43 ? 14   LEU A N   1 
ATOM   113 C  CA  . LEU A 1 16  ? 5.272   -13.889 -3.566  1.00 53.50 ? 14   LEU A CA  1 
ATOM   114 C  C   . LEU A 1 16  ? 4.171   -14.753 -4.167  1.00 52.83 ? 14   LEU A C   1 
ATOM   115 O  O   . LEU A 1 16  ? 3.253   -15.174 -3.463  1.00 51.11 ? 14   LEU A O   1 
ATOM   116 C  CB  . LEU A 1 16  ? 4.648   -12.659 -2.902  1.00 52.91 ? 14   LEU A CB  1 
ATOM   117 C  CG  . LEU A 1 16  ? 5.619   -11.701 -2.204  1.00 57.77 ? 14   LEU A CG  1 
ATOM   118 C  CD1 . LEU A 1 16  ? 4.840   -10.570 -1.540  1.00 52.98 ? 14   LEU A CD1 1 
ATOM   119 C  CD2 . LEU A 1 16  ? 6.441   -12.468 -1.178  1.00 62.45 ? 14   LEU A CD2 1 
ATOM   120 N  N   . GLY A 1 17  ? 4.270   -15.010 -5.468  1.00 53.90 ? 15   GLY A N   1 
ATOM   121 C  CA  . GLY A 1 17  ? 3.285   -15.832 -6.150  1.00 54.49 ? 15   GLY A CA  1 
ATOM   122 C  C   . GLY A 1 17  ? 1.858   -15.340 -5.993  1.00 54.97 ? 15   GLY A C   1 
ATOM   123 O  O   . GLY A 1 17  ? 0.918   -16.135 -5.947  1.00 54.38 ? 15   GLY A O   1 
ATOM   124 N  N   . LEU A 1 18  ? 1.694   -14.025 -5.915  1.00 55.97 ? 16   LEU A N   1 
ATOM   125 C  CA  . LEU A 1 18  ? 0.376   -13.427 -5.767  1.00 56.35 ? 16   LEU A CA  1 
ATOM   126 C  C   . LEU A 1 18  ? -0.110  -12.920 -7.126  1.00 57.10 ? 16   LEU A C   1 
ATOM   127 O  O   . LEU A 1 18  ? 0.681   -12.416 -7.925  1.00 58.26 ? 16   LEU A O   1 
ATOM   128 C  CB  . LEU A 1 18  ? 0.446   -12.268 -4.773  1.00 56.29 ? 16   LEU A CB  1 
ATOM   129 C  CG  . LEU A 1 18  ? -0.691  -12.125 -3.757  1.00 58.02 ? 16   LEU A CG  1 
ATOM   130 C  CD1 . LEU A 1 18  ? -0.396  -10.932 -2.870  1.00 57.80 ? 16   LEU A CD1 1 
ATOM   131 C  CD2 . LEU A 1 18  ? -2.030  -11.955 -4.454  1.00 59.48 ? 16   LEU A CD2 1 
ATOM   132 N  N   . ASN A 1 19  ? -1.406  -13.066 -7.392  1.00 57.35 ? 17   ASN A N   1 
ATOM   133 C  CA  . ASN A 1 19  ? -1.977  -12.600 -8.655  1.00 57.64 ? 17   ASN A CA  1 
ATOM   134 C  C   . ASN A 1 19  ? -2.175  -11.097 -8.527  1.00 58.56 ? 17   ASN A C   1 
ATOM   135 O  O   . ASN A 1 19  ? -2.481  -10.597 -7.445  1.00 59.86 ? 17   ASN A O   1 
ATOM   136 C  CB  . ASN A 1 19  ? -3.326  -13.277 -8.924  1.00 56.98 ? 17   ASN A CB  1 
ATOM   137 C  CG  . ASN A 1 19  ? -3.208  -14.778 -9.082  1.00 57.52 ? 17   ASN A CG  1 
ATOM   138 O  OD1 . ASN A 1 19  ? -2.520  -15.264 -9.980  1.00 57.77 ? 17   ASN A OD1 1 
ATOM   139 N  ND2 . ASN A 1 19  ? -3.877  -15.522 -8.205  1.00 58.88 ? 17   ASN A ND2 1 
ATOM   140 N  N   . HIS A 1 20  ? -2.004  -10.370 -9.624  1.00 59.41 ? 18   HIS A N   1 
ATOM   141 C  CA  . HIS A 1 20  ? -2.163  -8.925  -9.567  1.00 61.24 ? 18   HIS A CA  1 
ATOM   142 C  C   . HIS A 1 20  ? -2.970  -8.370  -10.731 1.00 60.26 ? 18   HIS A C   1 
ATOM   143 O  O   . HIS A 1 20  ? -3.296  -9.088  -11.672 1.00 60.97 ? 18   HIS A O   1 
ATOM   144 C  CB  . HIS A 1 20  ? -0.784  -8.252  -9.532  1.00 63.20 ? 18   HIS A CB  1 
ATOM   145 C  CG  . HIS A 1 20  ? -0.005  -8.404  -10.807 1.00 66.79 ? 18   HIS A CG  1 
ATOM   146 N  ND1 . HIS A 1 20  ? 1.267   -7.883  -10.956 1.00 66.11 ? 18   HIS A ND1 1 
ATOM   147 C  CD2 . HIS A 1 20  ? -0.318  -8.982  -11.990 1.00 64.62 ? 18   HIS A CD2 1 
ATOM   148 C  CE1 . HIS A 1 20  ? 1.693   -8.133  -12.186 1.00 66.69 ? 18   HIS A CE1 1 
ATOM   149 N  NE2 . HIS A 1 20  ? 0.754   -8.799  -12.832 1.00 63.43 ? 18   HIS A NE2 1 
ATOM   150 N  N   . GLN A 1 21  ? -3.276  -7.079  -10.662 1.00 59.67 ? 19   GLN A N   1 
ATOM   151 C  CA  . GLN A 1 21  ? -4.036  -6.413  -11.710 1.00 59.27 ? 19   GLN A CA  1 
ATOM   152 C  C   . GLN A 1 21  ? -3.601  -4.966  -11.952 1.00 59.24 ? 19   GLN A C   1 
ATOM   153 O  O   . GLN A 1 21  ? -3.801  -4.085  -11.108 1.00 59.44 ? 19   GLN A O   1 
ATOM   154 C  CB  . GLN A 1 21  ? -5.540  -6.473  -11.395 1.00 59.31 ? 19   GLN A CB  1 
ATOM   155 C  CG  . GLN A 1 21  ? -5.899  -6.224  -9.943  1.00 64.41 ? 19   GLN A CG  1 
ATOM   156 C  CD  . GLN A 1 21  ? -6.660  -7.381  -9.337  1.00 65.96 ? 19   GLN A CD  1 
ATOM   157 O  OE1 . GLN A 1 21  ? -7.707  -7.781  -9.847  1.00 67.86 ? 19   GLN A OE1 1 
ATOM   158 N  NE2 . GLN A 1 21  ? -6.143  -7.928  -8.242  1.00 63.92 ? 19   GLN A NE2 1 
ATOM   159 N  N   . VAL A 1 22  ? -2.993  -4.736  -13.116 1.00 57.45 ? 20   VAL A N   1 
ATOM   160 C  CA  . VAL A 1 22  ? -2.521  -3.413  -13.512 1.00 56.18 ? 20   VAL A CA  1 
ATOM   161 C  C   . VAL A 1 22  ? -3.572  -2.775  -14.399 1.00 54.09 ? 20   VAL A C   1 
ATOM   162 O  O   . VAL A 1 22  ? -4.017  -3.395  -15.363 1.00 56.07 ? 20   VAL A O   1 
ATOM   163 C  CB  . VAL A 1 22  ? -1.234  -3.496  -14.352 1.00 56.82 ? 20   VAL A CB  1 
ATOM   164 C  CG1 . VAL A 1 22  ? -0.434  -2.214  -14.211 1.00 57.45 ? 20   VAL A CG1 1 
ATOM   165 C  CG2 . VAL A 1 22  ? -0.427  -4.704  -13.952 1.00 57.03 ? 20   VAL A CG2 1 
ATOM   166 N  N   . ASN A 1 23  ? -3.967  -1.546  -14.092 1.00 52.04 ? 21   ASN A N   1 
ATOM   167 C  CA  . ASN A 1 23  ? -4.960  -0.869  -14.908 1.00 51.97 ? 21   ASN A CA  1 
ATOM   168 C  C   . ASN A 1 23  ? -4.308  -0.067  -16.030 1.00 53.41 ? 21   ASN A C   1 
ATOM   169 O  O   . ASN A 1 23  ? -3.172  -0.333  -16.424 1.00 54.02 ? 21   ASN A O   1 
ATOM   170 C  CB  . ASN A 1 23  ? -5.831  0.043   -14.041 1.00 48.63 ? 21   ASN A CB  1 
ATOM   171 C  CG  . ASN A 1 23  ? -5.055  1.180   -13.422 1.00 45.63 ? 21   ASN A CG  1 
ATOM   172 O  OD1 . ASN A 1 23  ? -5.608  1.965   -12.654 1.00 42.42 ? 21   ASN A OD1 1 
ATOM   173 N  ND2 . ASN A 1 23  ? -3.770  1.280   -13.753 1.00 34.63 ? 21   ASN A ND2 1 
ATOM   174 N  N   . GLU A 1 24  ? -5.046  0.908   -16.544 1.00 55.43 ? 22   GLU A N   1 
ATOM   175 C  CA  . GLU A 1 24  ? -4.569  1.763   -17.622 1.00 54.16 ? 22   GLU A CA  1 
ATOM   176 C  C   . GLU A 1 24  ? -3.546  2.797   -17.143 1.00 54.77 ? 22   GLU A C   1 
ATOM   177 O  O   . GLU A 1 24  ? -2.599  3.117   -17.871 1.00 55.16 ? 22   GLU A O   1 
ATOM   178 C  CB  . GLU A 1 24  ? -5.762  2.474   -18.263 1.00 54.05 ? 22   GLU A CB  1 
ATOM   179 C  CG  . GLU A 1 24  ? -6.867  1.517   -18.731 1.00 54.29 ? 22   GLU A CG  1 
ATOM   180 C  CD  . GLU A 1 24  ? -8.198  2.223   -18.993 1.00 54.26 ? 22   GLU A CD  1 
ATOM   181 O  OE1 . GLU A 1 24  ? -9.125  2.114   -18.150 1.00 56.10 ? 22   GLU A OE1 1 
ATOM   182 O  OE2 . GLU A 1 24  ? -8.310  2.888   -20.043 1.00 54.05 ? 22   GLU A OE2 1 
ATOM   183 N  N   . ASN A 1 25  ? -3.734  3.310   -15.925 1.00 52.94 ? 23   ASN A N   1 
ATOM   184 C  CA  . ASN A 1 25  ? -2.838  4.323   -15.368 1.00 51.52 ? 23   ASN A CA  1 
ATOM   185 C  C   . ASN A 1 25  ? -1.560  3.762   -14.746 1.00 50.61 ? 23   ASN A C   1 
ATOM   186 O  O   . ASN A 1 25  ? -0.799  4.497   -14.109 1.00 47.95 ? 23   ASN A O   1 
ATOM   187 C  CB  . ASN A 1 25  ? -3.575  5.191   -14.338 1.00 52.25 ? 23   ASN A CB  1 
ATOM   188 C  CG  . ASN A 1 25  ? -4.732  5.969   -14.942 1.00 55.44 ? 23   ASN A CG  1 
ATOM   189 O  OD1 . ASN A 1 25  ? -5.848  5.458   -15.047 1.00 61.60 ? 23   ASN A OD1 1 
ATOM   190 N  ND2 . ASN A 1 25  ? -4.469  7.215   -15.345 1.00 55.62 ? 23   ASN A ND2 1 
ATOM   191 N  N   . ASP A 1 26  ? -1.338  2.460   -14.927 1.00 48.51 ? 24   ASP A N   1 
ATOM   192 C  CA  . ASP A 1 26  ? -0.146  1.791   -14.406 1.00 46.91 ? 24   ASP A CA  1 
ATOM   193 C  C   . ASP A 1 26  ? -0.162  1.647   -12.875 1.00 44.29 ? 24   ASP A C   1 
ATOM   194 O  O   . ASP A 1 26  ? 0.836   1.882   -12.187 1.00 39.47 ? 24   ASP A O   1 
ATOM   195 C  CB  . ASP A 1 26  ? 1.107   2.546   -14.870 1.00 47.55 ? 24   ASP A CB  1 
ATOM   196 C  CG  . ASP A 1 26  ? 2.310   1.635   -15.047 1.00 50.31 ? 24   ASP A CG  1 
ATOM   197 O  OD1 . ASP A 1 26  ? 2.995   1.762   -16.086 1.00 51.54 ? 24   ASP A OD1 1 
ATOM   198 O  OD2 . ASP A 1 26  ? 2.577   0.800   -14.153 1.00 51.05 ? 24   ASP A OD2 1 
ATOM   199 N  N   . VAL A 1 27  ? -1.319  1.262   -12.352 1.00 43.35 ? 25   VAL A N   1 
ATOM   200 C  CA  . VAL A 1 27  ? -1.509  1.054   -10.921 1.00 42.52 ? 25   VAL A CA  1 
ATOM   201 C  C   . VAL A 1 27  ? -1.731  -0.423  -10.649 1.00 41.26 ? 25   VAL A C   1 
ATOM   202 O  O   . VAL A 1 27  ? -2.650  -1.030  -11.204 1.00 38.91 ? 25   VAL A O   1 
ATOM   203 C  CB  . VAL A 1 27  ? -2.742  1.824   -10.393 1.00 41.55 ? 25   VAL A CB  1 
ATOM   204 C  CG1 . VAL A 1 27  ? -3.340  1.113   -9.186  1.00 40.01 ? 25   VAL A CG1 1 
ATOM   205 C  CG2 . VAL A 1 27  ? -2.341  3.230   -10.012 1.00 45.30 ? 25   VAL A CG2 1 
ATOM   206 N  N   . TYR A 1 28  ? -0.898  -0.995  -9.788  1.00 40.96 ? 26   TYR A N   1 
ATOM   207 C  CA  . TYR A 1 28  ? -1.009  -2.403  -9.436  1.00 42.12 ? 26   TYR A CA  1 
ATOM   208 C  C   . TYR A 1 28  ? -1.980  -2.641  -8.295  1.00 41.35 ? 26   TYR A C   1 
ATOM   209 O  O   . TYR A 1 28  ? -2.053  -1.860  -7.358  1.00 39.32 ? 26   TYR A O   1 
ATOM   210 C  CB  . TYR A 1 28  ? 0.358   -2.948  -9.056  1.00 41.58 ? 26   TYR A CB  1 
ATOM   211 C  CG  . TYR A 1 28  ? 1.330   -2.996  -10.208 1.00 42.58 ? 26   TYR A CG  1 
ATOM   212 C  CD1 . TYR A 1 28  ? 1.496   -4.162  -10.956 1.00 38.09 ? 26   TYR A CD1 1 
ATOM   213 C  CD2 . TYR A 1 28  ? 2.078   -1.872  -10.561 1.00 40.98 ? 26   TYR A CD2 1 
ATOM   214 C  CE1 . TYR A 1 28  ? 2.382   -4.209  -12.026 1.00 41.44 ? 26   TYR A CE1 1 
ATOM   215 C  CE2 . TYR A 1 28  ? 2.968   -1.910  -11.633 1.00 44.11 ? 26   TYR A CE2 1 
ATOM   216 C  CZ  . TYR A 1 28  ? 3.116   -3.084  -12.361 1.00 38.82 ? 26   TYR A CZ  1 
ATOM   217 O  OH  . TYR A 1 28  ? 4.002   -3.151  -13.418 1.00 41.30 ? 26   TYR A OH  1 
ATOM   218 N  N   . THR A 1 29  ? -2.726  -3.733  -8.383  1.00 45.80 ? 27   THR A N   1 
ATOM   219 C  CA  . THR A 1 29  ? -3.684  -4.080  -7.344  1.00 47.11 ? 27   THR A CA  1 
ATOM   220 C  C   . THR A 1 29  ? -3.497  -5.526  -6.929  1.00 48.12 ? 27   THR A C   1 
ATOM   221 O  O   . THR A 1 29  ? -3.202  -6.387  -7.751  1.00 47.37 ? 27   THR A O   1 
ATOM   222 C  CB  . THR A 1 29  ? -5.132  -3.909  -7.814  1.00 47.95 ? 27   THR A CB  1 
ATOM   223 O  OG1 . THR A 1 29  ? -5.359  -2.540  -8.155  1.00 52.59 ? 27   THR A OG1 1 
ATOM   224 C  CG2 . THR A 1 29  ? -6.098  -4.308  -6.706  1.00 48.98 ? 27   THR A CG2 1 
ATOM   225 N  N   . PHE A 1 30  ? -3.631  -5.783  -5.638  1.00 49.50 ? 28   PHE A N   1 
ATOM   226 C  CA  . PHE A 1 30  ? -3.511  -7.138  -5.141  1.00 50.30 ? 28   PHE A CA  1 
ATOM   227 C  C   . PHE A 1 30  ? -4.475  -7.289  -3.980  1.00 50.52 ? 28   PHE A C   1 
ATOM   228 O  O   . PHE A 1 30  ? -4.571  -6.413  -3.112  1.00 51.33 ? 28   PHE A O   1 
ATOM   229 C  CB  . PHE A 1 30  ? -2.062  -7.450  -4.728  1.00 54.08 ? 28   PHE A CB  1 
ATOM   230 C  CG  . PHE A 1 30  ? -1.670  -6.922  -3.381  1.00 51.90 ? 28   PHE A CG  1 
ATOM   231 C  CD1 . PHE A 1 30  ? -2.060  -7.579  -2.216  1.00 61.08 ? 28   PHE A CD1 1 
ATOM   232 C  CD2 . PHE A 1 30  ? -0.900  -5.773  -3.273  1.00 61.10 ? 28   PHE A CD2 1 
ATOM   233 C  CE1 . PHE A 1 30  ? -1.683  -7.098  -0.968  1.00 64.27 ? 28   PHE A CE1 1 
ATOM   234 C  CE2 . PHE A 1 30  ? -0.523  -5.285  -2.034  1.00 63.65 ? 28   PHE A CE2 1 
ATOM   235 C  CZ  . PHE A 1 30  ? -0.914  -5.948  -0.878  1.00 65.93 ? 28   PHE A CZ  1 
ATOM   236 N  N   . GLU A 1 31  ? -5.209  -8.395  -3.985  1.00 49.64 ? 29   GLU A N   1 
ATOM   237 C  CA  . GLU A 1 31  ? -6.180  -8.652  -2.934  1.00 49.91 ? 29   GLU A CA  1 
ATOM   238 C  C   . GLU A 1 31  ? -5.683  -9.651  -1.907  1.00 48.90 ? 29   GLU A C   1 
ATOM   239 O  O   . GLU A 1 31  ? -5.040  -10.646 -2.242  1.00 46.80 ? 29   GLU A O   1 
ATOM   240 C  CB  . GLU A 1 31  ? -7.503  -9.114  -3.547  1.00 49.91 ? 29   GLU A CB  1 
ATOM   241 C  CG  . GLU A 1 31  ? -8.268  -7.995  -4.236  1.00 50.94 ? 29   GLU A CG  1 
ATOM   242 C  CD  . GLU A 1 31  ? -8.957  -8.452  -5.509  1.00 51.91 ? 29   GLU A CD  1 
ATOM   243 O  OE1 . GLU A 1 31  ? -9.665  -9.488  -5.478  1.00 59.29 ? 29   GLU A OE1 1 
ATOM   244 O  OE2 . GLU A 1 31  ? -8.800  -7.771  -6.552  1.00 55.48 ? 29   GLU A OE2 1 
ATOM   245 N  N   . VAL A 1 32  ? -5.970  -9.352  -0.647  1.00 50.13 ? 30   VAL A N   1 
ATOM   246 C  CA  . VAL A 1 32  ? -5.571  -10.197 0.461   1.00 51.69 ? 30   VAL A CA  1 
ATOM   247 C  C   . VAL A 1 32  ? -6.796  -10.984 0.878   1.00 52.43 ? 30   VAL A C   1 
ATOM   248 O  O   . VAL A 1 32  ? -7.813  -10.402 1.267   1.00 52.99 ? 30   VAL A O   1 
ATOM   249 C  CB  . VAL A 1 32  ? -5.078  -9.350  1.652   1.00 52.18 ? 30   VAL A CB  1 
ATOM   250 C  CG1 . VAL A 1 32  ? -4.651  -10.253 2.794   1.00 55.30 ? 30   VAL A CG1 1 
ATOM   251 C  CG2 . VAL A 1 32  ? -3.927  -8.456  1.215   1.00 51.11 ? 30   VAL A CG2 1 
ATOM   252 N  N   . ASP A 1 33  ? -6.704  -12.308 0.780   1.00 53.67 ? 31   ASP A N   1 
ATOM   253 C  CA  . ASP A 1 33  ? -7.820  -13.170 1.137   1.00 54.66 ? 31   ASP A CA  1 
ATOM   254 C  C   . ASP A 1 33  ? -8.926  -12.776 0.172   1.00 54.02 ? 31   ASP A C   1 
ATOM   255 O  O   . ASP A 1 33  ? -8.741  -12.826 -1.044  1.00 54.48 ? 31   ASP A O   1 
ATOM   256 C  CB  . ASP A 1 33  ? -8.234  -12.901 2.586   1.00 57.00 ? 31   ASP A CB  1 
ATOM   257 C  CG  . ASP A 1 33  ? -7.066  -13.018 3.560   1.00 62.41 ? 31   ASP A CG  1 
ATOM   258 O  OD1 . ASP A 1 33  ? -7.001  -12.215 4.515   1.00 64.25 ? 31   ASP A OD1 1 
ATOM   259 O  OD2 . ASP A 1 33  ? -6.213  -13.917 3.375   1.00 70.83 ? 31   ASP A OD2 1 
ATOM   260 N  N   . GLY A 1 34  ? -10.065 -12.349 0.695   1.00 53.76 ? 32   GLY A N   1 
ATOM   261 C  CA  . GLY A 1 34  ? -11.138 -11.965 -0.195  1.00 53.66 ? 32   GLY A CA  1 
ATOM   262 C  C   . GLY A 1 34  ? -11.771 -10.629 0.124   1.00 53.70 ? 32   GLY A C   1 
ATOM   263 O  O   . GLY A 1 34  ? -12.729 -10.234 -0.544  1.00 57.59 ? 32   GLY A O   1 
ATOM   264 N  N   . HIS A 1 35  ? -11.245 -9.922  1.121   1.00 50.37 ? 33   HIS A N   1 
ATOM   265 C  CA  . HIS A 1 35  ? -11.820 -8.635  1.497   1.00 48.83 ? 33   HIS A CA  1 
ATOM   266 C  C   . HIS A 1 35  ? -10.852 -7.457  1.495   1.00 46.90 ? 33   HIS A C   1 
ATOM   267 O  O   . HIS A 1 35  ? -11.262 -6.329  1.761   1.00 44.50 ? 33   HIS A O   1 
ATOM   268 C  CB  . HIS A 1 35  ? -12.457 -8.743  2.882   1.00 48.93 ? 33   HIS A CB  1 
ATOM   269 C  CG  . HIS A 1 35  ? -11.485 -9.108  3.958   1.00 52.78 ? 33   HIS A CG  1 
ATOM   270 N  ND1 . HIS A 1 35  ? -10.614 -10.166 3.843   1.00 57.75 ? 33   HIS A ND1 1 
ATOM   271 C  CD2 . HIS A 1 35  ? -11.261 -8.565  5.182   1.00 54.52 ? 33   HIS A CD2 1 
ATOM   272 C  CE1 . HIS A 1 35  ? -9.893  -10.267 4.948   1.00 58.70 ? 33   HIS A CE1 1 
ATOM   273 N  NE2 . HIS A 1 35  ? -10.267 -9.305  5.773   1.00 57.15 ? 33   HIS A NE2 1 
ATOM   274 N  N   . ILE A 1 36  ? -9.578  -7.695  1.195   1.00 43.72 ? 34   ILE A N   1 
ATOM   275 C  CA  . ILE A 1 36  ? -8.614  -6.596  1.211   1.00 44.71 ? 34   ILE A CA  1 
ATOM   276 C  C   . ILE A 1 36  ? -7.943  -6.267  -0.118  1.00 44.82 ? 34   ILE A C   1 
ATOM   277 O  O   . ILE A 1 36  ? -7.218  -7.084  -0.679  1.00 47.76 ? 34   ILE A O   1 
ATOM   278 C  CB  . ILE A 1 36  ? -7.515  -6.844  2.270   1.00 42.95 ? 34   ILE A CB  1 
ATOM   279 C  CG1 . ILE A 1 36  ? -8.136  -6.809  3.670   1.00 43.81 ? 34   ILE A CG1 1 
ATOM   280 C  CG2 . ILE A 1 36  ? -6.419  -5.791  2.143   1.00 44.67 ? 34   ILE A CG2 1 
ATOM   281 C  CD1 . ILE A 1 36  ? -7.211  -7.264  4.780   1.00 44.34 ? 34   ILE A CD1 1 
ATOM   282 N  N   . GLN A 1 37  ? -8.186  -5.055  -0.606  1.00 42.36 ? 35   GLN A N   1 
ATOM   283 C  CA  . GLN A 1 37  ? -7.595  -4.594  -1.857  1.00 41.73 ? 35   GLN A CA  1 
ATOM   284 C  C   . GLN A 1 37  ? -6.557  -3.516  -1.586  1.00 40.19 ? 35   GLN A C   1 
ATOM   285 O  O   . GLN A 1 37  ? -6.836  -2.516  -0.917  1.00 41.33 ? 35   GLN A O   1 
ATOM   286 C  CB  . GLN A 1 37  ? -8.652  -3.991  -2.775  1.00 41.54 ? 35   GLN A CB  1 
ATOM   287 C  CG  . GLN A 1 37  ? -9.568  -4.964  -3.460  1.00 44.91 ? 35   GLN A CG  1 
ATOM   288 C  CD  . GLN A 1 37  ? -10.342 -4.288  -4.563  1.00 45.17 ? 35   GLN A CD  1 
ATOM   289 O  OE1 . GLN A 1 37  ? -11.070 -3.320  -4.328  1.00 52.06 ? 35   GLN A OE1 1 
ATOM   290 N  NE2 . GLN A 1 37  ? -10.187 -4.785  -5.785  1.00 49.76 ? 35   GLN A NE2 1 
ATOM   291 N  N   . VAL A 1 38  ? -5.363  -3.700  -2.130  1.00 38.93 ? 36   VAL A N   1 
ATOM   292 C  CA  . VAL A 1 38  ? -4.311  -2.716  -1.932  1.00 37.99 ? 36   VAL A CA  1 
ATOM   293 C  C   . VAL A 1 38  ? -3.840  -2.173  -3.266  1.00 35.76 ? 36   VAL A C   1 
ATOM   294 O  O   . VAL A 1 38  ? -3.531  -2.943  -4.164  1.00 39.64 ? 36   VAL A O   1 
ATOM   295 C  CB  . VAL A 1 38  ? -3.115  -3.343  -1.193  1.00 36.65 ? 36   VAL A CB  1 
ATOM   296 C  CG1 . VAL A 1 38  ? -1.987  -2.345  -1.083  1.00 36.88 ? 36   VAL A CG1 1 
ATOM   297 C  CG2 . VAL A 1 38  ? -3.554  -3.813  0.181   1.00 36.49 ? 36   VAL A CG2 1 
ATOM   298 N  N   . LEU A 1 39  ? -3.809  -0.852  -3.398  1.00 35.23 ? 37   LEU A N   1 
ATOM   299 C  CA  . LEU A 1 39  ? -3.339  -0.227  -4.632  1.00 35.71 ? 37   LEU A CA  1 
ATOM   300 C  C   . LEU A 1 39  ? -1.919  0.284   -4.434  1.00 35.09 ? 37   LEU A C   1 
ATOM   301 O  O   . LEU A 1 39  ? -1.572  0.799   -3.371  1.00 32.55 ? 37   LEU A O   1 
ATOM   302 C  CB  . LEU A 1 39  ? -4.222  0.950   -5.046  1.00 36.19 ? 37   LEU A CB  1 
ATOM   303 C  CG  . LEU A 1 39  ? -5.708  0.745   -5.333  1.00 39.19 ? 37   LEU A CG  1 
ATOM   304 C  CD1 . LEU A 1 39  ? -6.197  1.945   -6.137  1.00 42.61 ? 37   LEU A CD1 1 
ATOM   305 C  CD2 . LEU A 1 39  ? -5.933  -0.548  -6.109  1.00 41.23 ? 37   LEU A CD2 1 
ATOM   306 N  N   . ILE A 1 40  ? -1.109  0.149   -5.472  1.00 36.63 ? 38   ILE A N   1 
ATOM   307 C  CA  . ILE A 1 40  ? 0.276   0.573   -5.427  1.00 35.92 ? 38   ILE A CA  1 
ATOM   308 C  C   . ILE A 1 40  ? 0.589   1.376   -6.675  1.00 36.93 ? 38   ILE A C   1 
ATOM   309 O  O   . ILE A 1 40  ? 0.561   0.841   -7.791  1.00 33.33 ? 38   ILE A O   1 
ATOM   310 C  CB  . ILE A 1 40  ? 1.239   -0.638  -5.396  1.00 36.90 ? 38   ILE A CB  1 
ATOM   311 C  CG1 . ILE A 1 40  ? 0.983   -1.488  -4.154  1.00 40.75 ? 38   ILE A CG1 1 
ATOM   312 C  CG2 . ILE A 1 40  ? 2.671   -0.167  -5.415  1.00 38.36 ? 38   ILE A CG2 1 
ATOM   313 C  CD1 . ILE A 1 40  ? -0.243  -2.350  -4.252  1.00 52.28 ? 38   ILE A CD1 1 
ATOM   314 N  N   . ALA A 1 41  ? 0.888   2.658   -6.505  1.00 37.30 ? 39   ALA A N   1 
ATOM   315 C  CA  . ALA A 1 41  ? 1.220   3.471   -7.662  1.00 37.05 ? 39   ALA A CA  1 
ATOM   316 C  C   . ALA A 1 41  ? 2.528   4.211   -7.416  1.00 37.82 ? 39   ALA A C   1 
ATOM   317 O  O   . ALA A 1 41  ? 2.996   4.310   -6.283  1.00 38.17 ? 39   ALA A O   1 
ATOM   318 C  CB  . ALA A 1 41  ? 0.101   4.450   -7.950  1.00 36.44 ? 39   ALA A CB  1 
ATOM   319 N  N   . CYS A 1 42  ? 3.129   4.707   -8.487  1.00 36.01 ? 40   CYS A N   1 
ATOM   320 C  CA  . CYS A 1 42  ? 4.355   5.458   -8.365  1.00 34.43 ? 40   CYS A CA  1 
ATOM   321 C  C   . CYS A 1 42  ? 4.068   6.853   -8.911  1.00 33.74 ? 40   CYS A C   1 
ATOM   322 O  O   . CYS A 1 42  ? 3.516   6.998   -10.004 1.00 29.59 ? 40   CYS A O   1 
ATOM   323 C  CB  . CYS A 1 42  ? 5.467   4.794   -9.168  1.00 34.58 ? 40   CYS A CB  1 
ATOM   324 S  SG  . CYS A 1 42  ? 6.742   5.932   -9.784  1.00 42.83 ? 40   CYS A SG  1 
ATOM   325 N  N   . TYR A 1 43  ? 4.435   7.879   -8.151  1.00 33.30 ? 41   TYR A N   1 
ATOM   326 C  CA  . TYR A 1 43  ? 4.201   9.245   -8.582  1.00 32.92 ? 41   TYR A CA  1 
ATOM   327 C  C   . TYR A 1 43  ? 5.474   10.030  -8.816  1.00 31.26 ? 41   TYR A C   1 
ATOM   328 O  O   . TYR A 1 43  ? 6.440   9.896   -8.062  1.00 33.11 ? 41   TYR A O   1 
ATOM   329 C  CB  . TYR A 1 43  ? 3.341   9.971   -7.558  1.00 32.94 ? 41   TYR A CB  1 
ATOM   330 C  CG  . TYR A 1 43  ? 1.939   9.439   -7.479  1.00 31.72 ? 41   TYR A CG  1 
ATOM   331 C  CD1 . TYR A 1 43  ? 1.626   8.352   -6.664  1.00 32.79 ? 41   TYR A CD1 1 
ATOM   332 C  CD2 . TYR A 1 43  ? 0.917   10.017  -8.226  1.00 28.12 ? 41   TYR A CD2 1 
ATOM   333 C  CE1 . TYR A 1 43  ? 0.322   7.852   -6.598  1.00 36.96 ? 41   TYR A CE1 1 
ATOM   334 C  CE2 . TYR A 1 43  ? -0.382  9.529   -8.170  1.00 36.89 ? 41   TYR A CE2 1 
ATOM   335 C  CZ  . TYR A 1 43  ? -0.678  8.447   -7.354  1.00 38.11 ? 41   TYR A CZ  1 
ATOM   336 O  OH  . TYR A 1 43  ? -1.968  7.960   -7.306  1.00 35.56 ? 41   TYR A OH  1 
ATOM   337 N  N   . HIS A 1 44  ? 5.464   10.851  -9.865  1.00 31.57 ? 42   HIS A N   1 
ATOM   338 C  CA  . HIS A 1 44  ? 6.604   11.690  -10.211 1.00 34.68 ? 42   HIS A CA  1 
ATOM   339 C  C   . HIS A 1 44  ? 7.923   10.915  -10.296 1.00 37.32 ? 42   HIS A C   1 
ATOM   340 O  O   . HIS A 1 44  ? 8.987   11.466  -10.024 1.00 40.30 ? 42   HIS A O   1 
ATOM   341 C  CB  . HIS A 1 44  ? 6.748   12.814  -9.185  1.00 33.10 ? 42   HIS A CB  1 
ATOM   342 C  CG  . HIS A 1 44  ? 5.508   13.643  -9.017  1.00 34.44 ? 42   HIS A CG  1 
ATOM   343 N  ND1 . HIS A 1 44  ? 4.972   14.398  -10.035 1.00 35.37 ? 42   HIS A ND1 1 
ATOM   344 C  CD2 . HIS A 1 44  ? 4.726   13.864  -7.932  1.00 33.03 ? 42   HIS A CD2 1 
ATOM   345 C  CE1 . HIS A 1 44  ? 3.913   15.054  -9.591  1.00 27.51 ? 42   HIS A CE1 1 
ATOM   346 N  NE2 . HIS A 1 44  ? 3.743   14.745  -8.319  1.00 38.33 ? 42   HIS A NE2 1 
ATOM   347 N  N   . GLN A 1 45  ? 7.845   9.637   -10.654 1.00 40.28 ? 43   GLN A N   1 
ATOM   348 C  CA  . GLN A 1 45  ? 9.030   8.785   -10.784 1.00 40.21 ? 43   GLN A CA  1 
ATOM   349 C  C   . GLN A 1 45  ? 9.851   8.647   -9.508  1.00 40.01 ? 43   GLN A C   1 
ATOM   350 O  O   . GLN A 1 45  ? 11.029  8.283   -9.561  1.00 41.84 ? 43   GLN A O   1 
ATOM   351 C  CB  . GLN A 1 45  ? 9.933   9.303   -11.914 1.00 37.93 ? 43   GLN A CB  1 
ATOM   352 C  CG  . GLN A 1 45  ? 9.235   9.352   -13.274 1.00 40.38 ? 43   GLN A CG  1 
ATOM   353 C  CD  . GLN A 1 45  ? 10.075  10.008  -14.364 1.00 42.81 ? 43   GLN A CD  1 
ATOM   354 O  OE1 . GLN A 1 45  ? 9.631   10.148  -15.508 1.00 48.39 ? 43   GLN A OE1 1 
ATOM   355 N  NE2 . GLN A 1 45  ? 11.293  10.414  -14.014 1.00 46.30 ? 43   GLN A NE2 1 
ATOM   356 N  N   . GLN A 1 46  ? 9.235   8.903   -8.360  1.00 38.40 ? 44   GLN A N   1 
ATOM   357 C  CA  . GLN A 1 46  ? 9.961   8.805   -7.101  1.00 41.23 ? 44   GLN A CA  1 
ATOM   358 C  C   . GLN A 1 46  ? 9.199   8.177   -5.948  1.00 39.06 ? 44   GLN A C   1 
ATOM   359 O  O   . GLN A 1 46  ? 9.762   7.432   -5.152  1.00 42.03 ? 44   GLN A O   1 
ATOM   360 C  CB  . GLN A 1 46  ? 10.411  10.187  -6.638  1.00 41.26 ? 44   GLN A CB  1 
ATOM   361 C  CG  . GLN A 1 46  ? 11.472  10.832  -7.477  1.00 49.27 ? 44   GLN A CG  1 
ATOM   362 C  CD  . GLN A 1 46  ? 12.239  11.856  -6.672  1.00 52.04 ? 44   GLN A CD  1 
ATOM   363 O  OE1 . GLN A 1 46  ? 12.819  11.529  -5.632  1.00 64.81 ? 44   GLN A OE1 1 
ATOM   364 N  NE2 . GLN A 1 46  ? 12.246  13.103  -7.139  1.00 61.62 ? 44   GLN A NE2 1 
ATOM   365 N  N   . TRP A 1 47  ? 7.916   8.478   -5.848  1.00 35.08 ? 45   TRP A N   1 
ATOM   366 C  CA  . TRP A 1 47  ? 7.169   7.977   -4.718  1.00 36.95 ? 45   TRP A CA  1 
ATOM   367 C  C   . TRP A 1 47  ? 6.256   6.808   -4.958  1.00 34.96 ? 45   TRP A C   1 
ATOM   368 O  O   . TRP A 1 47  ? 5.455   6.804   -5.887  1.00 35.85 ? 45   TRP A O   1 
ATOM   369 C  CB  . TRP A 1 47  ? 6.368   9.119   -4.072  1.00 37.05 ? 45   TRP A CB  1 
ATOM   370 C  CG  . TRP A 1 47  ? 7.206   10.321  -3.757  1.00 36.77 ? 45   TRP A CG  1 
ATOM   371 C  CD1 . TRP A 1 47  ? 7.520   11.354  -4.609  1.00 36.16 ? 45   TRP A CD1 1 
ATOM   372 C  CD2 . TRP A 1 47  ? 7.859   10.619  -2.514  1.00 32.92 ? 45   TRP A CD2 1 
ATOM   373 N  NE1 . TRP A 1 47  ? 8.319   12.268  -3.972  1.00 33.66 ? 45   TRP A NE1 1 
ATOM   374 C  CE2 . TRP A 1 47  ? 8.543   11.849  -2.687  1.00 33.83 ? 45   TRP A CE2 1 
ATOM   375 C  CE3 . TRP A 1 47  ? 7.931   9.973   -1.272  1.00 34.77 ? 45   TRP A CE3 1 
ATOM   376 C  CZ2 . TRP A 1 47  ? 9.296   12.444  -1.661  1.00 33.64 ? 45   TRP A CZ2 1 
ATOM   377 C  CZ3 . TRP A 1 47  ? 8.680   10.569  -0.246  1.00 36.40 ? 45   TRP A CZ3 1 
ATOM   378 C  CH2 . TRP A 1 47  ? 9.352   11.795  -0.450  1.00 36.07 ? 45   TRP A CH2 1 
ATOM   379 N  N   . VAL A 1 48  ? 6.403   5.810   -4.096  1.00 37.38 ? 46   VAL A N   1 
ATOM   380 C  CA  . VAL A 1 48  ? 5.572   4.615   -4.133  1.00 37.78 ? 46   VAL A CA  1 
ATOM   381 C  C   . VAL A 1 48  ? 4.477   4.815   -3.082  1.00 35.54 ? 46   VAL A C   1 
ATOM   382 O  O   . VAL A 1 48  ? 4.765   5.000   -1.898  1.00 33.33 ? 46   VAL A O   1 
ATOM   383 C  CB  . VAL A 1 48  ? 6.394   3.343   -3.804  1.00 36.93 ? 46   VAL A CB  1 
ATOM   384 C  CG1 . VAL A 1 48  ? 5.503   2.116   -3.898  1.00 34.98 ? 46   VAL A CG1 1 
ATOM   385 C  CG2 . VAL A 1 48  ? 7.596   3.228   -4.759  1.00 42.63 ? 46   VAL A CG2 1 
ATOM   386 N  N   . GLN A 1 49  ? 3.238   4.809   -3.554  1.00 37.84 ? 47   GLN A N   1 
ATOM   387 C  CA  . GLN A 1 49  ? 2.043   5.011   -2.740  1.00 38.78 ? 47   GLN A CA  1 
ATOM   388 C  C   . GLN A 1 49  ? 1.287   3.719   -2.520  1.00 37.30 ? 47   GLN A C   1 
ATOM   389 O  O   . GLN A 1 49  ? 1.113   2.956   -3.459  1.00 39.64 ? 47   GLN A O   1 
ATOM   390 C  CB  . GLN A 1 49  ? 1.077   5.947   -3.466  1.00 39.37 ? 47   GLN A CB  1 
ATOM   391 C  CG  . GLN A 1 49  ? 1.277   7.410   -3.256  1.00 39.92 ? 47   GLN A CG  1 
ATOM   392 C  CD  . GLN A 1 49  ? 1.043   7.794   -1.831  1.00 52.76 ? 47   GLN A CD  1 
ATOM   393 O  OE1 . GLN A 1 49  ? 0.341   7.090   -1.090  1.00 42.48 ? 47   GLN A OE1 1 
ATOM   394 N  NE2 . GLN A 1 49  ? 1.620   8.918   -1.422  1.00 46.04 ? 47   GLN A NE2 1 
ATOM   395 N  N   . LEU A 1 50  ? 0.829   3.484   -1.295  1.00 41.30 ? 48   LEU A N   1 
ATOM   396 C  CA  . LEU A 1 50  ? 0.010   2.306   -0.968  1.00 38.12 ? 48   LEU A CA  1 
ATOM   397 C  C   . LEU A 1 50  ? -1.356  2.875   -0.608  1.00 38.31 ? 48   LEU A C   1 
ATOM   398 O  O   . LEU A 1 50  ? -1.444  3.914   0.047   1.00 35.48 ? 48   LEU A O   1 
ATOM   399 C  CB  . LEU A 1 50  ? 0.551   1.533   0.235   1.00 37.29 ? 48   LEU A CB  1 
ATOM   400 C  CG  . LEU A 1 50  ? 1.880   0.802   0.070   1.00 39.18 ? 48   LEU A CG  1 
ATOM   401 C  CD1 . LEU A 1 50  ? 2.119   -0.055  1.288   1.00 38.64 ? 48   LEU A CD1 1 
ATOM   402 C  CD2 . LEU A 1 50  ? 1.867   -0.044  -1.179  1.00 38.75 ? 48   LEU A CD2 1 
ATOM   403 N  N   . PHE A 1 51  ? -2.417  2.195   -1.028  1.00 40.83 ? 49   PHE A N   1 
ATOM   404 C  CA  . PHE A 1 51  ? -3.776  2.661   -0.756  1.00 40.81 ? 49   PHE A CA  1 
ATOM   405 C  C   . PHE A 1 51  ? -4.750  1.495   -0.544  1.00 42.44 ? 49   PHE A C   1 
ATOM   406 O  O   . PHE A 1 51  ? -4.721  0.504   -1.279  1.00 44.49 ? 49   PHE A O   1 
ATOM   407 C  CB  . PHE A 1 51  ? -4.252  3.521   -1.933  1.00 42.47 ? 49   PHE A CB  1 
ATOM   408 C  CG  . PHE A 1 51  ? -5.584  4.174   -1.718  1.00 43.56 ? 49   PHE A CG  1 
ATOM   409 C  CD1 . PHE A 1 51  ? -5.709  5.259   -0.847  1.00 49.39 ? 49   PHE A CD1 1 
ATOM   410 C  CD2 . PHE A 1 51  ? -6.723  3.710   -2.387  1.00 41.93 ? 49   PHE A CD2 1 
ATOM   411 C  CE1 . PHE A 1 51  ? -6.945  5.885   -0.640  1.00 46.02 ? 49   PHE A CE1 1 
ATOM   412 C  CE2 . PHE A 1 51  ? -7.973  4.327   -2.192  1.00 43.00 ? 49   PHE A CE2 1 
ATOM   413 C  CZ  . PHE A 1 51  ? -8.080  5.413   -1.311  1.00 43.15 ? 49   PHE A CZ  1 
ATOM   414 N  N   . SER A 1 52  ? -5.605  1.612   0.465   1.00 41.85 ? 50   SER A N   1 
ATOM   415 C  CA  . SER A 1 52  ? -6.590  0.577   0.746   1.00 44.63 ? 50   SER A CA  1 
ATOM   416 C  C   . SER A 1 52  ? -7.761  1.161   1.519   1.00 47.15 ? 50   SER A C   1 
ATOM   417 O  O   . SER A 1 52  ? -7.587  2.042   2.360   1.00 48.52 ? 50   SER A O   1 
ATOM   418 C  CB  . SER A 1 52  ? -5.973  -0.564  1.545   1.00 45.19 ? 50   SER A CB  1 
ATOM   419 O  OG  . SER A 1 52  ? -6.919  -1.605  1.721   1.00 40.35 ? 50   SER A OG  1 
ATOM   420 N  N   . GLU A 1 53  ? -8.963  0.686   1.209   1.00 49.02 ? 51   GLU A N   1 
ATOM   421 C  CA  . GLU A 1 53  ? -10.160 1.182   1.873   1.00 51.05 ? 51   GLU A CA  1 
ATOM   422 C  C   . GLU A 1 53  ? -10.432 0.480   3.200   1.00 51.65 ? 51   GLU A C   1 
ATOM   423 O  O   . GLU A 1 53  ? -10.152 -0.710  3.353   1.00 51.48 ? 51   GLU A O   1 
ATOM   424 C  CB  . GLU A 1 53  ? -11.355 1.073   0.923   1.00 51.87 ? 51   GLU A CB  1 
ATOM   425 C  CG  . GLU A 1 53  ? -11.238 2.020   -0.266  1.00 53.37 ? 51   GLU A CG  1 
ATOM   426 C  CD  . GLU A 1 53  ? -12.393 1.910   -1.244  1.00 55.51 ? 51   GLU A CD  1 
ATOM   427 O  OE1 . GLU A 1 53  ? -13.537 2.237   -0.865  1.00 56.90 ? 51   GLU A OE1 1 
ATOM   428 O  OE2 . GLU A 1 53  ? -12.156 1.504   -2.401  1.00 61.09 ? 51   GLU A OE2 1 
ATOM   429 N  N   . LEU A 1 54  ? -10.992 1.226   4.149   1.00 53.79 ? 52   LEU A N   1 
ATOM   430 C  CA  . LEU A 1 54  ? -11.265 0.701   5.487   1.00 56.00 ? 52   LEU A CA  1 
ATOM   431 C  C   . LEU A 1 54  ? -12.712 0.348   5.855   1.00 59.15 ? 52   LEU A C   1 
ATOM   432 O  O   . LEU A 1 54  ? -12.952 -0.214  6.931   1.00 62.48 ? 52   LEU A O   1 
ATOM   433 C  CB  . LEU A 1 54  ? -10.719 1.675   6.537   1.00 54.43 ? 52   LEU A CB  1 
ATOM   434 C  CG  . LEU A 1 54  ? -9.221  1.692   6.876   1.00 48.70 ? 52   LEU A CG  1 
ATOM   435 C  CD1 . LEU A 1 54  ? -8.478  0.604   6.121   1.00 48.17 ? 52   LEU A CD1 1 
ATOM   436 C  CD2 . LEU A 1 54  ? -8.656  3.055   6.563   1.00 51.87 ? 52   LEU A CD2 1 
ATOM   437 N  N   . GLY A 1 55  ? -13.673 0.669   4.992   1.00 61.94 ? 53   GLY A N   1 
ATOM   438 C  CA  . GLY A 1 55  ? -15.062 0.361   5.307   1.00 64.21 ? 53   GLY A CA  1 
ATOM   439 C  C   . GLY A 1 55  ? -15.768 1.479   6.065   1.00 66.90 ? 53   GLY A C   1 
ATOM   440 O  O   . GLY A 1 55  ? -16.096 2.506   5.473   1.00 69.15 ? 53   GLY A O   1 
ATOM   441 N  N   . ALA A 1 56  ? -16.014 1.281   7.360   1.00 68.34 ? 54   ALA A N   1 
ATOM   442 C  CA  . ALA A 1 56  ? -16.672 2.290   8.195   1.00 68.78 ? 54   ALA A CA  1 
ATOM   443 C  C   . ALA A 1 56  ? -16.002 2.284   9.563   1.00 70.10 ? 54   ALA A C   1 
ATOM   444 O  O   . ALA A 1 56  ? -16.657 2.203   10.603  1.00 68.06 ? 54   ALA A O   1 
ATOM   445 C  CB  . ALA A 1 56  ? -18.155 1.978   8.332   1.00 68.43 ? 54   ALA A CB  1 
ATOM   446 N  N   . ASP A 1 57  ? -14.677 2.382   9.527   1.00 72.05 ? 55   ASP A N   1 
ATOM   447 C  CA  . ASP A 1 57  ? -13.812 2.373   10.706  1.00 72.62 ? 55   ASP A CA  1 
ATOM   448 C  C   . ASP A 1 57  ? -13.981 3.597   11.621  1.00 73.35 ? 55   ASP A C   1 
ATOM   449 O  O   . ASP A 1 57  ? -14.720 4.530   11.306  1.00 72.65 ? 55   ASP A O   1 
ATOM   450 C  CB  . ASP A 1 57  ? -12.357 2.266   10.223  1.00 72.77 ? 55   ASP A CB  1 
ATOM   451 C  CG  . ASP A 1 57  ? -11.361 2.146   11.356  1.00 74.19 ? 55   ASP A CG  1 
ATOM   452 O  OD1 . ASP A 1 57  ? -11.491 1.214   12.177  1.00 79.42 ? 55   ASP A OD1 1 
ATOM   453 O  OD2 . ASP A 1 57  ? -10.435 2.982   11.419  1.00 79.69 ? 55   ASP A OD2 1 
ATOM   454 N  N   . LEU A 1 58  ? -13.293 3.566   12.759  1.00 74.50 ? 56   LEU A N   1 
ATOM   455 C  CA  . LEU A 1 58  ? -13.313 4.645   13.744  1.00 74.55 ? 56   LEU A CA  1 
ATOM   456 C  C   . LEU A 1 58  ? -12.564 5.870   13.193  1.00 75.80 ? 56   LEU A C   1 
ATOM   457 O  O   . LEU A 1 58  ? -11.331 5.939   13.250  1.00 75.33 ? 56   LEU A O   1 
ATOM   458 C  CB  . LEU A 1 58  ? -12.641 4.173   15.037  1.00 74.94 ? 56   LEU A CB  1 
ATOM   459 C  CG  . LEU A 1 58  ? -12.491 5.163   16.199  1.00 75.23 ? 56   LEU A CG  1 
ATOM   460 C  CD1 . LEU A 1 58  ? -13.857 5.471   16.787  1.00 74.04 ? 56   LEU A CD1 1 
ATOM   461 C  CD2 . LEU A 1 58  ? -11.582 4.564   17.265  1.00 76.57 ? 56   LEU A CD2 1 
ATOM   462 N  N   . PRO A 1 59  ? -13.302 6.860   12.671  1.00 75.70 ? 57   PRO A N   1 
ATOM   463 C  CA  . PRO A 1 59  ? -12.698 8.073   12.112  1.00 74.22 ? 57   PRO A CA  1 
ATOM   464 C  C   . PRO A 1 59  ? -11.818 8.862   13.084  1.00 73.42 ? 57   PRO A C   1 
ATOM   465 O  O   . PRO A 1 59  ? -11.128 9.800   12.679  1.00 74.86 ? 57   PRO A O   1 
ATOM   466 C  CB  . PRO A 1 59  ? -13.913 8.875   11.653  1.00 75.58 ? 57   PRO A CB  1 
ATOM   467 C  CG  . PRO A 1 59  ? -14.973 8.466   12.627  1.00 76.31 ? 57   PRO A CG  1 
ATOM   468 C  CD  . PRO A 1 59  ? -14.770 6.979   12.708  1.00 75.99 ? 57   PRO A CD  1 
ATOM   469 N  N   . THR A 1 60  ? -11.843 8.484   14.358  1.00 71.12 ? 58   THR A N   1 
ATOM   470 C  CA  . THR A 1 60  ? -11.053 9.181   15.367  1.00 66.96 ? 58   THR A CA  1 
ATOM   471 C  C   . THR A 1 60  ? -9.630  8.634   15.468  1.00 62.87 ? 58   THR A C   1 
ATOM   472 O  O   . THR A 1 60  ? -9.344  7.800   16.327  1.00 61.80 ? 58   THR A O   1 
ATOM   473 C  CB  . THR A 1 60  ? -11.717 9.084   16.763  1.00 68.99 ? 58   THR A CB  1 
ATOM   474 O  OG1 . THR A 1 60  ? -13.120 9.360   16.655  1.00 64.28 ? 58   THR A OG1 1 
ATOM   475 C  CG2 . THR A 1 60  ? -11.098 10.103  17.710  1.00 71.02 ? 58   THR A CG2 1 
ATOM   476 N  N   . ASN A 1 61  ? -8.747  9.094   14.583  1.00 58.30 ? 59   ASN A N   1 
ATOM   477 C  CA  . ASN A 1 61  ? -7.346  8.649   14.592  1.00 55.36 ? 59   ASN A CA  1 
ATOM   478 C  C   . ASN A 1 61  ? -6.411  9.851   14.716  1.00 50.40 ? 59   ASN A C   1 
ATOM   479 O  O   . ASN A 1 61  ? -6.469  10.772  13.903  1.00 48.87 ? 59   ASN A O   1 
ATOM   480 C  CB  . ASN A 1 61  ? -7.009  7.886   13.310  1.00 55.53 ? 59   ASN A CB  1 
ATOM   481 C  CG  . ASN A 1 61  ? -5.775  7.023   13.458  1.00 58.52 ? 59   ASN A CG  1 
ATOM   482 O  OD1 . ASN A 1 61  ? -5.859  5.796   13.462  1.00 61.31 ? 59   ASN A OD1 1 
ATOM   483 N  ND2 . ASN A 1 61  ? -4.617  7.660   13.586  1.00 61.74 ? 59   ASN A ND2 1 
ATOM   484 N  N   . ASP A 1 62  ? -5.551  9.835   15.730  1.00 45.55 ? 60   ASP A N   1 
ATOM   485 C  CA  . ASP A 1 62  ? -4.623  10.936  15.968  1.00 43.13 ? 60   ASP A CA  1 
ATOM   486 C  C   . ASP A 1 62  ? -3.623  11.191  14.845  1.00 36.96 ? 60   ASP A C   1 
ATOM   487 O  O   . ASP A 1 62  ? -3.066  12.287  14.750  1.00 33.68 ? 60   ASP A O   1 
ATOM   488 C  CB  . ASP A 1 62  ? -3.854  10.707  17.268  1.00 43.02 ? 60   ASP A CB  1 
ATOM   489 C  CG  . ASP A 1 62  ? -4.767  10.490  18.452  1.00 48.95 ? 60   ASP A CG  1 
ATOM   490 O  OD1 . ASP A 1 62  ? -5.952  10.889  18.381  1.00 52.37 ? 60   ASP A OD1 1 
ATOM   491 O  OD2 . ASP A 1 62  ? -4.293  9.932   19.466  1.00 57.46 ? 60   ASP A OD2 1 
ATOM   492 N  N   . ASN A 1 63  ? -3.398  10.179  14.009  1.00 34.30 ? 61   ASN A N   1 
ATOM   493 C  CA  . ASN A 1 63  ? -2.458  10.266  12.889  1.00 35.64 ? 61   ASN A CA  1 
ATOM   494 C  C   . ASN A 1 63  ? -1.077  10.831  13.228  1.00 35.14 ? 61   ASN A C   1 
ATOM   495 O  O   . ASN A 1 63  ? -0.648  11.852  12.669  1.00 29.73 ? 61   ASN A O   1 
ATOM   496 C  CB  . ASN A 1 63  ? -3.069  11.065  11.736  1.00 35.10 ? 61   ASN A CB  1 
ATOM   497 C  CG  . ASN A 1 63  ? -3.878  10.197  10.794  1.00 28.00 ? 61   ASN A CG  1 
ATOM   498 O  OD1 . ASN A 1 63  ? -5.056  10.451  10.565  1.00 36.58 ? 61   ASN A OD1 1 
ATOM   499 N  ND2 . ASN A 1 63  ? -3.244  9.171   10.230  1.00 35.62 ? 61   ASN A ND2 1 
ATOM   500 N  N   . LEU A 1 64  ? -0.389  10.166  14.152  1.00 35.82 ? 62   LEU A N   1 
ATOM   501 C  CA  . LEU A 1 64  ? 0.960   10.570  14.547  1.00 35.46 ? 62   LEU A CA  1 
ATOM   502 C  C   . LEU A 1 64  ? 1.929   9.647   13.822  1.00 34.51 ? 62   LEU A C   1 
ATOM   503 O  O   . LEU A 1 64  ? 1.548   8.561   13.390  1.00 39.49 ? 62   LEU A O   1 
ATOM   504 C  CB  . LEU A 1 64  ? 1.185   10.394  16.058  1.00 35.37 ? 62   LEU A CB  1 
ATOM   505 C  CG  . LEU A 1 64  ? 0.325   11.141  17.078  1.00 31.17 ? 62   LEU A CG  1 
ATOM   506 C  CD1 . LEU A 1 64  ? 0.878   10.888  18.486  1.00 31.03 ? 62   LEU A CD1 1 
ATOM   507 C  CD2 . LEU A 1 64  ? 0.316   12.629  16.749  1.00 36.17 ? 62   LEU A CD2 1 
ATOM   508 N  N   . PHE A 1 65  ? 3.178   10.073  13.691  1.00 33.20 ? 63   PHE A N   1 
ATOM   509 C  CA  . PHE A 1 65  ? 4.194   9.245   13.055  1.00 30.14 ? 63   PHE A CA  1 
ATOM   510 C  C   . PHE A 1 65  ? 4.759   8.436   14.214  1.00 30.38 ? 63   PHE A C   1 
ATOM   511 O  O   . PHE A 1 65  ? 4.445   8.737   15.364  1.00 27.07 ? 63   PHE A O   1 
ATOM   512 C  CB  . PHE A 1 65  ? 5.272   10.131  12.459  1.00 30.07 ? 63   PHE A CB  1 
ATOM   513 C  CG  . PHE A 1 65  ? 5.877   11.091  13.454  1.00 34.69 ? 63   PHE A CG  1 
ATOM   514 C  CD1 . PHE A 1 65  ? 6.807   10.655  14.384  1.00 28.35 ? 63   PHE A CD1 1 
ATOM   515 C  CD2 . PHE A 1 65  ? 5.508   12.435  13.460  1.00 32.95 ? 63   PHE A CD2 1 
ATOM   516 C  CE1 . PHE A 1 65  ? 7.368   11.540  15.299  1.00 29.15 ? 63   PHE A CE1 1 
ATOM   517 C  CE2 . PHE A 1 65  ? 6.067   13.332  14.379  1.00 28.35 ? 63   PHE A CE2 1 
ATOM   518 C  CZ  . PHE A 1 65  ? 6.996   12.878  15.294  1.00 26.94 ? 63   PHE A CZ  1 
ATOM   519 N  N   . GLY A 1 66  ? 5.574   7.420   13.930  1.00 31.17 ? 64   GLY A N   1 
ATOM   520 C  CA  . GLY A 1 66  ? 6.155   6.640   15.004  1.00 32.38 ? 64   GLY A CA  1 
ATOM   521 C  C   . GLY A 1 66  ? 5.781   5.172   15.080  1.00 34.31 ? 64   GLY A C   1 
ATOM   522 O  O   . GLY A 1 66  ? 6.630   4.325   15.361  1.00 35.86 ? 64   GLY A O   1 
ATOM   523 N  N   . GLU A 1 67  ? 4.518   4.848   14.839  1.00 37.46 ? 65   GLU A N   1 
ATOM   524 C  CA  . GLU A 1 67  ? 4.075   3.458   14.900  1.00 39.04 ? 65   GLU A CA  1 
ATOM   525 C  C   . GLU A 1 67  ? 4.720   2.650   13.781  1.00 39.64 ? 65   GLU A C   1 
ATOM   526 O  O   . GLU A 1 67  ? 5.135   1.501   13.988  1.00 37.93 ? 65   GLU A O   1 
ATOM   527 C  CB  . GLU A 1 67  ? 2.553   3.389   14.752  1.00 40.95 ? 65   GLU A CB  1 
ATOM   528 C  CG  . GLU A 1 67  ? 1.866   2.260   15.493  1.00 41.97 ? 65   GLU A CG  1 
ATOM   529 C  CD  . GLU A 1 67  ? 0.362   2.489   15.587  1.00 49.87 ? 65   GLU A CD  1 
ATOM   530 O  OE1 . GLU A 1 67  ? -0.039  3.557   16.118  1.00 69.24 ? 65   GLU A OE1 1 
ATOM   531 O  OE2 . GLU A 1 67  ? -0.420  1.616   15.131  1.00 62.98 ? 65   GLU A OE2 1 
ATOM   532 N  N   . HIS A 1 68  ? 4.807   3.251   12.596  1.00 40.36 ? 66   HIS A N   1 
ATOM   533 C  CA  . HIS A 1 68  ? 5.387   2.562   11.441  1.00 38.06 ? 66   HIS A CA  1 
ATOM   534 C  C   . HIS A 1 68  ? 6.326   3.432   10.631  1.00 36.14 ? 66   HIS A C   1 
ATOM   535 O  O   . HIS A 1 68  ? 6.211   4.654   10.598  1.00 32.07 ? 66   HIS A O   1 
ATOM   536 C  CB  . HIS A 1 68  ? 4.299   2.097   10.469  1.00 36.79 ? 66   HIS A CB  1 
ATOM   537 C  CG  . HIS A 1 68  ? 3.175   1.356   11.105  1.00 37.11 ? 66   HIS A CG  1 
ATOM   538 N  ND1 . HIS A 1 68  ? 3.163   -0.022  11.226  1.00 41.36 ? 66   HIS A ND1 1 
ATOM   539 C  CD2 . HIS A 1 68  ? 1.994   1.794   11.606  1.00 35.17 ? 66   HIS A CD2 1 
ATOM   540 C  CE1 . HIS A 1 68  ? 2.014   -0.399  11.770  1.00 37.27 ? 66   HIS A CE1 1 
ATOM   541 N  NE2 . HIS A 1 68  ? 1.290   0.681   12.011  1.00 33.23 ? 66   HIS A NE2 1 
ATOM   542 N  N   . TRP A 1 69  ? 7.232   2.785   9.926   1.00 36.29 ? 67   TRP A N   1 
ATOM   543 C  CA  . TRP A 1 69  ? 8.143   3.527   9.090   1.00 36.73 ? 67   TRP A CA  1 
ATOM   544 C  C   . TRP A 1 69  ? 8.202   2.901   7.699   1.00 34.95 ? 67   TRP A C   1 
ATOM   545 O  O   . TRP A 1 69  ? 8.738   1.820   7.515   1.00 29.82 ? 67   TRP A O   1 
ATOM   546 C  CB  . TRP A 1 69  ? 9.533   3.605   9.741   1.00 34.31 ? 67   TRP A CB  1 
ATOM   547 C  CG  . TRP A 1 69  ? 9.493   4.283   11.093  1.00 36.63 ? 67   TRP A CG  1 
ATOM   548 C  CD1 . TRP A 1 69  ? 9.344   3.677   12.309  1.00 31.39 ? 67   TRP A CD1 1 
ATOM   549 C  CD2 . TRP A 1 69  ? 9.528   5.707   11.361  1.00 40.99 ? 67   TRP A CD2 1 
ATOM   550 N  NE1 . TRP A 1 69  ? 9.278   4.624   13.317  1.00 33.44 ? 67   TRP A NE1 1 
ATOM   551 C  CE2 . TRP A 1 69  ? 9.391   5.874   12.763  1.00 36.25 ? 67   TRP A CE2 1 
ATOM   552 C  CE3 . TRP A 1 69  ? 9.664   6.852   10.555  1.00 36.20 ? 67   TRP A CE3 1 
ATOM   553 C  CZ2 . TRP A 1 69  ? 9.387   7.132   13.372  1.00 32.36 ? 67   TRP A CZ2 1 
ATOM   554 C  CZ3 . TRP A 1 69  ? 9.657   8.111   11.170  1.00 31.95 ? 67   TRP A CZ3 1 
ATOM   555 C  CH2 . TRP A 1 69  ? 9.519   8.233   12.565  1.00 30.56 ? 67   TRP A CH2 1 
ATOM   556 N  N   . PRO A 1 70  ? 7.620   3.588   6.702   1.00 34.98 ? 68   PRO A N   1 
ATOM   557 C  CA  . PRO A 1 70  ? 6.944   4.879   6.911   1.00 33.42 ? 68   PRO A CA  1 
ATOM   558 C  C   . PRO A 1 70  ? 5.594   4.733   7.625   1.00 35.83 ? 68   PRO A C   1 
ATOM   559 O  O   . PRO A 1 70  ? 5.104   3.624   7.837   1.00 35.49 ? 68   PRO A O   1 
ATOM   560 C  CB  . PRO A 1 70  ? 6.796   5.430   5.504   1.00 33.08 ? 68   PRO A CB  1 
ATOM   561 C  CG  . PRO A 1 70  ? 6.622   4.172   4.671   1.00 33.79 ? 68   PRO A CG  1 
ATOM   562 C  CD  . PRO A 1 70  ? 7.665   3.230   5.276   1.00 37.12 ? 68   PRO A CD  1 
ATOM   563 N  N   . ALA A 1 71  ? 5.007   5.873   7.986   1.00 36.29 ? 69   ALA A N   1 
ATOM   564 C  CA  . ALA A 1 71  ? 3.739   5.951   8.702   1.00 34.10 ? 69   ALA A CA  1 
ATOM   565 C  C   . ALA A 1 71  ? 2.504   5.502   7.895   1.00 37.10 ? 69   ALA A C   1 
ATOM   566 O  O   . ALA A 1 71  ? 2.478   5.624   6.673   1.00 43.38 ? 69   ALA A O   1 
ATOM   567 C  CB  . ALA A 1 71  ? 3.549   7.400   9.199   1.00 33.93 ? 69   ALA A CB  1 
ATOM   568 N  N   . HIS A 1 72  ? 1.497   4.948   8.573   1.00 38.57 ? 70   HIS A N   1 
ATOM   569 C  CA  . HIS A 1 72  ? 0.251   4.561   7.896   1.00 37.24 ? 70   HIS A CA  1 
ATOM   570 C  C   . HIS A 1 72  ? -0.702  5.694   8.268   1.00 38.82 ? 70   HIS A C   1 
ATOM   571 O  O   . HIS A 1 72  ? -1.014  5.879   9.441   1.00 42.10 ? 70   HIS A O   1 
ATOM   572 C  CB  . HIS A 1 72  ? -0.284  3.217   8.407   1.00 34.89 ? 70   HIS A CB  1 
ATOM   573 C  CG  . HIS A 1 72  ? 0.638   2.066   8.129   1.00 39.09 ? 70   HIS A CG  1 
ATOM   574 N  ND1 . HIS A 1 72  ? 1.594   2.106   7.139   1.00 38.60 ? 70   HIS A ND1 1 
ATOM   575 C  CD2 . HIS A 1 72  ? 0.749   0.843   8.711   1.00 44.09 ? 70   HIS A CD2 1 
ATOM   576 C  CE1 . HIS A 1 72  ? 2.258   0.959   7.124   1.00 35.96 ? 70   HIS A CE1 1 
ATOM   577 N  NE2 . HIS A 1 72  ? 1.766   0.180   8.066   1.00 43.66 ? 70   HIS A NE2 1 
ATOM   578 N  N   . VAL A 1 73  ? -1.130  6.473   7.279   1.00 37.79 ? 71   VAL A N   1 
ATOM   579 C  CA  . VAL A 1 73  ? -2.010  7.605   7.527   1.00 37.80 ? 71   VAL A CA  1 
ATOM   580 C  C   . VAL A 1 73  ? -3.452  7.272   7.178   1.00 36.40 ? 71   VAL A C   1 
ATOM   581 O  O   . VAL A 1 73  ? -3.722  6.627   6.155   1.00 33.60 ? 71   VAL A O   1 
ATOM   582 C  CB  . VAL A 1 73  ? -1.575  8.815   6.684   1.00 37.40 ? 71   VAL A CB  1 
ATOM   583 C  CG1 . VAL A 1 73  ? -2.493  10.002  6.945   1.00 39.92 ? 71   VAL A CG1 1 
ATOM   584 C  CG2 . VAL A 1 73  ? -0.119  9.155   6.998   1.00 40.47 ? 71   VAL A CG2 1 
ATOM   585 N  N   . GLN A 1 74  ? -4.375  7.709   8.029   1.00 38.45 ? 72   GLN A N   1 
ATOM   586 C  CA  . GLN A 1 74  ? -5.781  7.453   7.784   1.00 40.20 ? 72   GLN A CA  1 
ATOM   587 C  C   . GLN A 1 74  ? -6.395  8.730   7.271   1.00 43.71 ? 72   GLN A C   1 
ATOM   588 O  O   . GLN A 1 74  ? -6.306  9.775   7.919   1.00 46.17 ? 72   GLN A O   1 
ATOM   589 C  CB  . GLN A 1 74  ? -6.493  7.027   9.060   1.00 41.13 ? 72   GLN A CB  1 
ATOM   590 C  CG  . GLN A 1 74  ? -7.791  6.274   8.803   1.00 41.15 ? 72   GLN A CG  1 
ATOM   591 C  CD  . GLN A 1 74  ? -8.431  5.774   10.080  1.00 36.30 ? 72   GLN A CD  1 
ATOM   592 O  OE1 . GLN A 1 74  ? -9.354  6.391   10.609  1.00 42.90 ? 72   GLN A OE1 1 
ATOM   593 N  NE2 . GLN A 1 74  ? -7.929  4.660   10.596  1.00 35.61 ? 72   GLN A NE2 1 
ATOM   594 N  N   . GLY A 1 75  ? -7.010  8.649   6.098   1.00 45.67 ? 73   GLY A N   1 
ATOM   595 C  CA  . GLY A 1 75  ? -7.624  9.823   5.518   1.00 45.99 ? 73   GLY A CA  1 
ATOM   596 C  C   . GLY A 1 75  ? -9.097  9.631   5.225   1.00 46.64 ? 73   GLY A C   1 
ATOM   597 O  O   . GLY A 1 75  ? -9.661  8.554   5.435   1.00 45.92 ? 73   GLY A O   1 
ATOM   598 N  N   . ARG A 1 76  ? -9.721  10.700  4.747   1.00 49.37 ? 74   ARG A N   1 
ATOM   599 C  CA  . ARG A 1 76  ? -11.130 10.680  4.399   1.00 51.65 ? 74   ARG A CA  1 
ATOM   600 C  C   . ARG A 1 76  ? -11.274 10.945  2.909   1.00 51.46 ? 74   ARG A C   1 
ATOM   601 O  O   . ARG A 1 76  ? -10.936 12.026  2.422   1.00 50.69 ? 74   ARG A O   1 
ATOM   602 C  CB  . ARG A 1 76  ? -11.907 11.739  5.201   1.00 53.08 ? 74   ARG A CB  1 
ATOM   603 C  CG  . ARG A 1 76  ? -12.129 11.374  6.668   1.00 56.89 ? 74   ARG A CG  1 
ATOM   604 C  CD  . ARG A 1 76  ? -13.078 12.353  7.347   1.00 59.52 ? 74   ARG A CD  1 
ATOM   605 N  NE  . ARG A 1 76  ? -13.416 11.955  8.712   1.00 65.66 ? 74   ARG A NE  1 
ATOM   606 C  CZ  . ARG A 1 76  ? -14.222 12.647  9.512   1.00 69.32 ? 74   ARG A CZ  1 
ATOM   607 N  NH1 . ARG A 1 76  ? -14.478 12.214  10.740  1.00 70.57 ? 74   ARG A NH1 1 
ATOM   608 N  NH2 . ARG A 1 76  ? -14.769 13.778  9.086   1.00 70.24 ? 74   ARG A NH2 1 
ATOM   609 N  N   . LEU A 1 77  ? -11.741 9.943   2.176   1.00 52.26 ? 75   LEU A N   1 
ATOM   610 C  CA  . LEU A 1 77  ? -11.948 10.103  0.745   1.00 53.65 ? 75   LEU A CA  1 
ATOM   611 C  C   . LEU A 1 77  ? -13.402 9.752   0.470   1.00 55.37 ? 75   LEU A C   1 
ATOM   612 O  O   . LEU A 1 77  ? -13.831 8.619   0.723   1.00 54.79 ? 75   LEU A O   1 
ATOM   613 C  CB  . LEU A 1 77  ? -11.034 9.178   -0.061  1.00 53.33 ? 75   LEU A CB  1 
ATOM   614 C  CG  . LEU A 1 77  ? -11.213 9.347   -1.572  1.00 51.23 ? 75   LEU A CG  1 
ATOM   615 C  CD1 . LEU A 1 77  ? -10.906 10.782  -1.938  1.00 48.82 ? 75   LEU A CD1 1 
ATOM   616 C  CD2 . LEU A 1 77  ? -10.303 8.401   -2.332  1.00 54.28 ? 75   LEU A CD2 1 
ATOM   617 N  N   . ASP A 1 78  ? -14.156 10.724  -0.044  1.00 57.41 ? 76   ASP A N   1 
ATOM   618 C  CA  . ASP A 1 78  ? -15.575 10.523  -0.332  1.00 58.37 ? 76   ASP A CA  1 
ATOM   619 C  C   . ASP A 1 78  ? -16.215 10.325  1.036   1.00 58.38 ? 76   ASP A C   1 
ATOM   620 O  O   . ASP A 1 78  ? -17.188 9.582   1.181   1.00 56.37 ? 76   ASP A O   1 
ATOM   621 C  CB  . ASP A 1 78  ? -15.777 9.254   -1.173  1.00 59.83 ? 76   ASP A CB  1 
ATOM   622 C  CG  . ASP A 1 78  ? -16.751 9.455   -2.316  1.00 64.29 ? 76   ASP A CG  1 
ATOM   623 O  OD1 . ASP A 1 78  ? -17.341 8.445   -2.777  1.00 71.96 ? 76   ASP A OD1 1 
ATOM   624 O  OD2 . ASP A 1 78  ? -16.913 10.614  -2.763  1.00 71.30 ? 76   ASP A OD2 1 
ATOM   625 N  N   . GLY A 1 79  ? -15.648 10.983  2.041   1.00 60.42 ? 77   GLY A N   1 
ATOM   626 C  CA  . GLY A 1 79  ? -16.152 10.832  3.390   1.00 60.85 ? 77   GLY A CA  1 
ATOM   627 C  C   . GLY A 1 79  ? -15.820 9.438   3.902   1.00 62.55 ? 77   GLY A C   1 
ATOM   628 O  O   . GLY A 1 79  ? -15.929 9.156   5.103   1.00 63.14 ? 77   GLY A O   1 
ATOM   629 N  N   . LYS A 1 80  ? -15.399 8.568   2.986   1.00 63.67 ? 78   LYS A N   1 
ATOM   630 C  CA  . LYS A 1 80  ? -15.050 7.192   3.328   1.00 62.40 ? 78   LYS A CA  1 
ATOM   631 C  C   . LYS A 1 80  ? -13.585 7.021   3.714   1.00 60.64 ? 78   LYS A C   1 
ATOM   632 O  O   . LYS A 1 80  ? -12.682 7.467   3.004   1.00 61.87 ? 78   LYS A O   1 
ATOM   633 C  CB  . LYS A 1 80  ? -15.385 6.250   2.169   1.00 64.54 ? 78   LYS A CB  1 
ATOM   634 C  CG  . LYS A 1 80  ? -15.116 4.781   2.480   1.00 66.78 ? 78   LYS A CG  1 
ATOM   635 C  CD  . LYS A 1 80  ? -15.656 3.871   1.390   1.00 68.10 ? 78   LYS A CD  1 
ATOM   636 C  CE  . LYS A 1 80  ? -15.525 2.407   1.781   1.00 70.97 ? 78   LYS A CE  1 
ATOM   637 N  NZ  . LYS A 1 80  ? -16.107 1.506   0.746   1.00 70.15 ? 78   LYS A NZ  1 
ATOM   638 N  N   . PRO A 1 81  ? -13.342 6.363   4.858   1.00 57.54 ? 79   PRO A N   1 
ATOM   639 C  CA  . PRO A 1 81  ? -12.042 6.062   5.468   1.00 54.18 ? 79   PRO A CA  1 
ATOM   640 C  C   . PRO A 1 81  ? -11.069 5.271   4.601   1.00 51.48 ? 79   PRO A C   1 
ATOM   641 O  O   . PRO A 1 81  ? -11.403 4.206   4.074   1.00 51.79 ? 79   PRO A O   1 
ATOM   642 C  CB  . PRO A 1 81  ? -12.429 5.260   6.714   1.00 54.64 ? 79   PRO A CB  1 
ATOM   643 C  CG  . PRO A 1 81  ? -13.741 5.850   7.090   1.00 54.74 ? 79   PRO A CG  1 
ATOM   644 C  CD  . PRO A 1 81  ? -14.431 5.912   5.742   1.00 56.29 ? 79   PRO A CD  1 
ATOM   645 N  N   . ILE A 1 82  ? -9.854  5.793   4.467   1.00 48.24 ? 80   ILE A N   1 
ATOM   646 C  CA  . ILE A 1 82  ? -8.826  5.098   3.704   1.00 45.13 ? 80   ILE A CA  1 
ATOM   647 C  C   . ILE A 1 82  ? -7.508  5.104   4.478   1.00 42.70 ? 80   ILE A C   1 
ATOM   648 O  O   . ILE A 1 82  ? -7.347  5.845   5.456   1.00 40.74 ? 80   ILE A O   1 
ATOM   649 C  CB  . ILE A 1 82  ? -8.638  5.722   2.283   1.00 44.93 ? 80   ILE A CB  1 
ATOM   650 C  CG1 . ILE A 1 82  ? -8.479  7.239   2.361   1.00 45.51 ? 80   ILE A CG1 1 
ATOM   651 C  CG2 . ILE A 1 82  ? -9.842  5.367   1.409   1.00 44.94 ? 80   ILE A CG2 1 
ATOM   652 C  CD1 . ILE A 1 82  ? -7.130  7.702   2.841   1.00 48.03 ? 80   ILE A CD1 1 
ATOM   653 N  N   . LEU A 1 83  ? -6.589  4.231   4.063   1.00 40.69 ? 81   LEU A N   1 
ATOM   654 C  CA  . LEU A 1 83  ? -5.282  4.130   4.698   1.00 38.82 ? 81   LEU A CA  1 
ATOM   655 C  C   . LEU A 1 83  ? -4.238  4.226   3.604   1.00 36.74 ? 81   LEU A C   1 
ATOM   656 O  O   . LEU A 1 83  ? -4.407  3.622   2.538   1.00 35.94 ? 81   LEU A O   1 
ATOM   657 C  CB  . LEU A 1 83  ? -5.128  2.780   5.416   1.00 37.17 ? 81   LEU A CB  1 
ATOM   658 C  CG  . LEU A 1 83  ? -4.004  2.690   6.456   1.00 35.37 ? 81   LEU A CG  1 
ATOM   659 C  CD1 . LEU A 1 83  ? -4.245  3.740   7.548   1.00 31.03 ? 81   LEU A CD1 1 
ATOM   660 C  CD2 . LEU A 1 83  ? -3.955  1.291   7.074   1.00 38.13 ? 81   LEU A CD2 1 
ATOM   661 N  N   . TRP A 1 84  ? -3.173  4.989   3.849   1.00 38.22 ? 82   TRP A N   1 
ATOM   662 C  CA  . TRP A 1 84  ? -2.113  5.101   2.858   1.00 37.92 ? 82   TRP A CA  1 
ATOM   663 C  C   . TRP A 1 84  ? -0.739  5.228   3.490   1.00 37.54 ? 82   TRP A C   1 
ATOM   664 O  O   . TRP A 1 84  ? -0.598  5.606   4.649   1.00 42.98 ? 82   TRP A O   1 
ATOM   665 C  CB  . TRP A 1 84  ? -2.372  6.267   1.881   1.00 38.83 ? 82   TRP A CB  1 
ATOM   666 C  CG  . TRP A 1 84  ? -2.529  7.641   2.513   1.00 36.12 ? 82   TRP A CG  1 
ATOM   667 C  CD1 . TRP A 1 84  ? -3.696  8.259   2.844   1.00 31.08 ? 82   TRP A CD1 1 
ATOM   668 C  CD2 . TRP A 1 84  ? -1.476  8.559   2.852   1.00 28.53 ? 82   TRP A CD2 1 
ATOM   669 N  NE1 . TRP A 1 84  ? -3.440  9.508   3.364   1.00 37.05 ? 82   TRP A NE1 1 
ATOM   670 C  CE2 . TRP A 1 84  ? -2.089  9.719   3.381   1.00 34.73 ? 82   TRP A CE2 1 
ATOM   671 C  CE3 . TRP A 1 84  ? -0.073  8.514   2.758   1.00 37.56 ? 82   TRP A CE3 1 
ATOM   672 C  CZ2 . TRP A 1 84  ? -1.346  10.836  3.821   1.00 36.57 ? 82   TRP A CZ2 1 
ATOM   673 C  CZ3 . TRP A 1 84  ? 0.668   9.623   3.194   1.00 30.33 ? 82   TRP A CZ3 1 
ATOM   674 C  CH2 . TRP A 1 84  ? 0.027   10.766  3.717   1.00 33.99 ? 82   TRP A CH2 1 
ATOM   675 N  N   . SER A 1 85  ? 0.275   4.895   2.710   1.00 37.60 ? 83   SER A N   1 
ATOM   676 C  CA  . SER A 1 85  ? 1.651   4.936   3.155   1.00 35.93 ? 83   SER A CA  1 
ATOM   677 C  C   . SER A 1 85  ? 2.486   5.318   1.933   1.00 35.57 ? 83   SER A C   1 
ATOM   678 O  O   . SER A 1 85  ? 2.147   4.972   0.807   1.00 33.88 ? 83   SER A O   1 
ATOM   679 C  CB  . SER A 1 85  ? 2.058   3.560   3.674   1.00 34.69 ? 83   SER A CB  1 
ATOM   680 O  OG  . SER A 1 85  ? 3.214   3.616   4.482   1.00 29.58 ? 83   SER A OG  1 
ATOM   681 N  N   . GLN A 1 86  ? 3.574   6.042   2.146   1.00 37.18 ? 84   GLN A N   1 
ATOM   682 C  CA  . GLN A 1 86  ? 4.383   6.453   1.022   1.00 36.37 ? 84   GLN A CA  1 
ATOM   683 C  C   . GLN A 1 86  ? 5.855   6.422   1.392   1.00 34.90 ? 84   GLN A C   1 
ATOM   684 O  O   . GLN A 1 86  ? 6.234   6.613   2.547   1.00 39.25 ? 84   GLN A O   1 
ATOM   685 C  CB  . GLN A 1 86  ? 3.962   7.860   0.556   1.00 36.75 ? 84   GLN A CB  1 
ATOM   686 C  CG  . GLN A 1 86  ? 4.425   8.984   1.458   1.00 31.88 ? 84   GLN A CG  1 
ATOM   687 C  CD  . GLN A 1 86  ? 3.817   10.313  1.097   1.00 35.24 ? 84   GLN A CD  1 
ATOM   688 O  OE1 . GLN A 1 86  ? 4.229   11.353  1.610   1.00 38.80 ? 84   GLN A OE1 1 
ATOM   689 N  NE2 . GLN A 1 86  ? 2.821   10.295  0.224   1.00 33.77 ? 84   GLN A NE2 1 
ATOM   690 N  N   . GLN A 1 87  ? 6.683   6.182   0.389   1.00 39.96 ? 85   GLN A N   1 
ATOM   691 C  CA  . GLN A 1 87  ? 8.115   6.082   0.577   1.00 38.29 ? 85   GLN A CA  1 
ATOM   692 C  C   . GLN A 1 87  ? 8.735   6.352   -0.790  1.00 39.46 ? 85   GLN A C   1 
ATOM   693 O  O   . GLN A 1 87  ? 8.101   6.123   -1.818  1.00 36.81 ? 85   GLN A O   1 
ATOM   694 C  CB  . GLN A 1 87  ? 8.431   4.670   1.049   1.00 39.63 ? 85   GLN A CB  1 
ATOM   695 C  CG  . GLN A 1 87  ? 9.813   4.444   1.572   1.00 46.32 ? 85   GLN A CG  1 
ATOM   696 C  CD  . GLN A 1 87  ? 9.966   3.042   2.093   1.00 39.89 ? 85   GLN A CD  1 
ATOM   697 O  OE1 . GLN A 1 87  ? 11.032  2.659   2.570   1.00 42.58 ? 85   GLN A OE1 1 
ATOM   698 N  NE2 . GLN A 1 87  ? 8.890   2.264   2.015   1.00 34.01 ? 85   GLN A NE2 1 
ATOM   699 N  N   . SER A 1 88  ? 9.961   6.857   -0.802  1.00 42.73 ? 86   SER A N   1 
ATOM   700 C  CA  . SER A 1 88  ? 10.644  7.161   -2.051  1.00 42.32 ? 86   SER A CA  1 
ATOM   701 C  C   . SER A 1 88  ? 11.117  5.859   -2.666  1.00 41.27 ? 86   SER A C   1 
ATOM   702 O  O   . SER A 1 88  ? 11.332  4.882   -1.966  1.00 40.10 ? 86   SER A O   1 
ATOM   703 C  CB  . SER A 1 88  ? 11.856  8.057   -1.802  1.00 43.13 ? 86   SER A CB  1 
ATOM   704 O  OG  . SER A 1 88  ? 12.935  7.295   -1.267  1.00 47.17 ? 86   SER A OG  1 
ATOM   705 N  N   . LEU A 1 89  ? 11.269  5.860   -3.981  1.00 41.85 ? 87   LEU A N   1 
ATOM   706 C  CA  . LEU A 1 89  ? 11.723  4.690   -4.732  1.00 45.42 ? 87   LEU A CA  1 
ATOM   707 C  C   . LEU A 1 89  ? 13.198  4.439   -4.455  1.00 46.52 ? 87   LEU A C   1 
ATOM   708 O  O   . LEU A 1 89  ? 13.626  3.298   -4.289  1.00 48.48 ? 87   LEU A O   1 
ATOM   709 C  CB  . LEU A 1 89  ? 11.537  4.949   -6.221  1.00 45.34 ? 87   LEU A CB  1 
ATOM   710 C  CG  . LEU A 1 89  ? 10.595  4.057   -7.017  1.00 47.11 ? 87   LEU A CG  1 
ATOM   711 C  CD1 . LEU A 1 89  ? 10.316  4.723   -8.346  1.00 44.38 ? 87   LEU A CD1 1 
ATOM   712 C  CD2 . LEU A 1 89  ? 11.219  2.683   -7.210  1.00 50.33 ? 87   LEU A CD2 1 
ATOM   713 N  N   . VAL A 1 90  ? 13.965  5.527   -4.393  1.00 49.89 ? 88   VAL A N   1 
ATOM   714 C  CA  . VAL A 1 90  ? 15.398  5.460   -4.138  1.00 52.98 ? 88   VAL A CA  1 
ATOM   715 C  C   . VAL A 1 90  ? 15.749  4.598   -2.931  1.00 53.39 ? 88   VAL A C   1 
ATOM   716 O  O   . VAL A 1 90  ? 15.285  4.851   -1.818  1.00 53.62 ? 88   VAL A O   1 
ATOM   717 C  CB  . VAL A 1 90  ? 15.972  6.855   -3.895  1.00 56.26 ? 88   VAL A CB  1 
ATOM   718 C  CG1 . VAL A 1 90  ? 17.483  6.769   -3.841  1.00 56.26 ? 88   VAL A CG1 1 
ATOM   719 C  CG2 . VAL A 1 90  ? 15.506  7.816   -4.983  1.00 59.11 ? 88   VAL A CG2 1 
ATOM   720 N  N   . GLY A 1 91  ? 16.581  3.588   -3.161  1.00 55.11 ? 89   GLY A N   1 
ATOM   721 C  CA  . GLY A 1 91  ? 16.991  2.694   -2.091  1.00 55.69 ? 89   GLY A CA  1 
ATOM   722 C  C   . GLY A 1 91  ? 15.979  1.602   -1.790  1.00 56.36 ? 89   GLY A C   1 
ATOM   723 O  O   . GLY A 1 91  ? 16.230  0.717   -0.964  1.00 57.42 ? 89   GLY A O   1 
ATOM   724 N  N   . LEU A 1 92  ? 14.836  1.651   -2.464  1.00 55.17 ? 90   LEU A N   1 
ATOM   725 C  CA  . LEU A 1 92  ? 13.783  0.668   -2.237  1.00 55.58 ? 90   LEU A CA  1 
ATOM   726 C  C   . LEU A 1 92  ? 14.090  -0.687  -2.880  1.00 55.84 ? 90   LEU A C   1 
ATOM   727 O  O   . LEU A 1 92  ? 14.145  -0.803  -4.109  1.00 56.38 ? 90   LEU A O   1 
ATOM   728 C  CB  . LEU A 1 92  ? 12.448  1.203   -2.778  1.00 55.90 ? 90   LEU A CB  1 
ATOM   729 C  CG  . LEU A 1 92  ? 11.172  1.079   -1.939  1.00 51.31 ? 90   LEU A CG  1 
ATOM   730 C  CD1 . LEU A 1 92  ? 9.996   1.399   -2.841  1.00 51.47 ? 90   LEU A CD1 1 
ATOM   731 C  CD2 . LEU A 1 92  ? 11.022  -0.312  -1.354  1.00 55.25 ? 90   LEU A CD2 1 
ATOM   732 N  N   . ASP A 1 93  ? 14.297  -1.706  -2.044  1.00 56.35 ? 91   ASP A N   1 
ATOM   733 C  CA  . ASP A 1 93  ? 14.565  -3.058  -2.530  1.00 55.67 ? 91   ASP A CA  1 
ATOM   734 C  C   . ASP A 1 93  ? 13.315  -3.920  -2.403  1.00 53.87 ? 91   ASP A C   1 
ATOM   735 O  O   . ASP A 1 93  ? 12.370  -3.560  -1.698  1.00 53.78 ? 91   ASP A O   1 
ATOM   736 C  CB  . ASP A 1 93  ? 15.730  -3.697  -1.762  1.00 56.21 ? 91   ASP A CB  1 
ATOM   737 C  CG  . ASP A 1 93  ? 15.598  -3.551  -0.261  1.00 64.74 ? 91   ASP A CG  1 
ATOM   738 O  OD1 . ASP A 1 93  ? 15.481  -2.407  0.223   1.00 77.99 ? 91   ASP A OD1 1 
ATOM   739 O  OD2 . ASP A 1 93  ? 15.624  -4.583  0.440   1.00 68.48 ? 91   ASP A OD2 1 
ATOM   740 N  N   . ILE A 1 94  ? 13.304  -5.046  -3.106  1.00 53.22 ? 92   ILE A N   1 
ATOM   741 C  CA  . ILE A 1 94  ? 12.158  -5.944  -3.078  1.00 52.13 ? 92   ILE A CA  1 
ATOM   742 C  C   . ILE A 1 94  ? 11.840  -6.434  -1.673  1.00 50.69 ? 92   ILE A C   1 
ATOM   743 O  O   . ILE A 1 94  ? 10.679  -6.698  -1.353  1.00 49.05 ? 92   ILE A O   1 
ATOM   744 C  CB  . ILE A 1 94  ? 12.383  -7.187  -3.984  1.00 51.29 ? 92   ILE A CB  1 
ATOM   745 C  CG1 . ILE A 1 94  ? 11.052  -7.917  -4.192  1.00 52.03 ? 92   ILE A CG1 1 
ATOM   746 C  CG2 . ILE A 1 94  ? 13.431  -8.112  -3.370  1.00 51.54 ? 92   ILE A CG2 1 
ATOM   747 C  CD1 . ILE A 1 94  ? 11.160  -9.302  -4.818  1.00 53.95 ? 92   ILE A CD1 1 
ATOM   748 N  N   . ASP A 1 95  ? 12.866  -6.562  -0.834  1.00 50.94 ? 93   ASP A N   1 
ATOM   749 C  CA  . ASP A 1 95  ? 12.666  -7.037  0.532   1.00 50.14 ? 93   ASP A CA  1 
ATOM   750 C  C   . ASP A 1 95  ? 11.926  -6.023  1.381   1.00 48.59 ? 93   ASP A C   1 
ATOM   751 O  O   . ASP A 1 95  ? 11.050  -6.393  2.162   1.00 49.48 ? 93   ASP A O   1 
ATOM   752 C  CB  . ASP A 1 95  ? 14.004  -7.387  1.187   1.00 50.60 ? 93   ASP A CB  1 
ATOM   753 C  CG  . ASP A 1 95  ? 14.573  -8.694  0.680   1.00 52.32 ? 93   ASP A CG  1 
ATOM   754 O  OD1 . ASP A 1 95  ? 15.240  -8.683  -0.375  1.00 60.95 ? 93   ASP A OD1 1 
ATOM   755 O  OD2 . ASP A 1 95  ? 14.343  -9.740  1.327   1.00 57.98 ? 93   ASP A OD2 1 
ATOM   756 N  N   . GLU A 1 96  ? 12.280  -4.751  1.226   1.00 47.71 ? 94   GLU A N   1 
ATOM   757 C  CA  . GLU A 1 96  ? 11.626  -3.688  1.968   1.00 48.34 ? 94   GLU A CA  1 
ATOM   758 C  C   . GLU A 1 96  ? 10.195  -3.561  1.476   1.00 44.46 ? 94   GLU A C   1 
ATOM   759 O  O   . GLU A 1 96  ? 9.285   -3.317  2.270   1.00 43.22 ? 94   GLU A O   1 
ATOM   760 C  CB  . GLU A 1 96  ? 12.357  -2.358  1.770   1.00 52.23 ? 94   GLU A CB  1 
ATOM   761 C  CG  . GLU A 1 96  ? 12.800  -1.738  3.076   1.00 58.34 ? 94   GLU A CG  1 
ATOM   762 C  CD  . GLU A 1 96  ? 11.630  -1.401  3.984   1.00 64.85 ? 94   GLU A CD  1 
ATOM   763 O  OE1 . GLU A 1 96  ? 11.009  -0.330  3.788   1.00 62.47 ? 94   GLU A OE1 1 
ATOM   764 O  OE2 . GLU A 1 96  ? 11.326  -2.217  4.891   1.00 75.22 ? 94   GLU A OE2 1 
ATOM   765 N  N   . MET A 1 97  ? 10.011  -3.726  0.168   1.00 40.07 ? 95   MET A N   1 
ATOM   766 C  CA  . MET A 1 97  ? 8.690   -3.640  -0.445  1.00 40.24 ? 95   MET A CA  1 
ATOM   767 C  C   . MET A 1 97  ? 7.750   -4.679  0.157   1.00 37.32 ? 95   MET A C   1 
ATOM   768 O  O   . MET A 1 97  ? 6.615   -4.374  0.528   1.00 33.76 ? 95   MET A O   1 
ATOM   769 C  CB  . MET A 1 97  ? 8.792   -3.865  -1.956  1.00 40.43 ? 95   MET A CB  1 
ATOM   770 C  CG  . MET A 1 97  ? 8.502   -2.631  -2.775  1.00 41.97 ? 95   MET A CG  1 
ATOM   771 S  SD  . MET A 1 97  ? 6.847   -1.957  -2.446  1.00 40.56 ? 95   MET A SD  1 
ATOM   772 C  CE  . MET A 1 97  ? 7.034   -0.392  -3.191  1.00 48.77 ? 95   MET A CE  1 
ATOM   773 N  N   . GLN A 1 98  ? 8.241   -5.907  0.259   1.00 37.39 ? 96   GLN A N   1 
ATOM   774 C  CA  . GLN A 1 98  ? 7.465   -7.006  0.800   1.00 38.84 ? 96   GLN A CA  1 
ATOM   775 C  C   . GLN A 1 98  ? 7.072   -6.757  2.256   1.00 40.30 ? 96   GLN A C   1 
ATOM   776 O  O   . GLN A 1 98  ? 5.902   -6.916  2.640   1.00 42.14 ? 96   GLN A O   1 
ATOM   777 C  CB  . GLN A 1 98  ? 8.279   -8.291  0.684   1.00 36.99 ? 96   GLN A CB  1 
ATOM   778 C  CG  . GLN A 1 98  ? 7.542   -9.568  1.074   1.00 41.13 ? 96   GLN A CG  1 
ATOM   779 C  CD  . GLN A 1 98  ? 8.372   -10.819 0.803   1.00 37.61 ? 96   GLN A CD  1 
ATOM   780 O  OE1 . GLN A 1 98  ? 7.965   -11.931 1.142   1.00 50.77 ? 96   GLN A OE1 1 
ATOM   781 N  NE2 . GLN A 1 98  ? 9.545   -10.638 0.185   1.00 40.81 ? 96   GLN A NE2 1 
ATOM   782 N  N   . ALA A 1 99  ? 8.056   -6.362  3.059   1.00 39.62 ? 97   ALA A N   1 
ATOM   783 C  CA  . ALA A 1 99  ? 7.854   -6.094  4.474   1.00 38.73 ? 97   ALA A CA  1 
ATOM   784 C  C   . ALA A 1 99  ? 6.875   -4.941  4.707   1.00 38.13 ? 97   ALA A C   1 
ATOM   785 O  O   . ALA A 1 99  ? 6.000   -5.023  5.573   1.00 41.39 ? 97   ALA A O   1 
ATOM   786 C  CB  . ALA A 1 99  ? 9.191   -5.794  5.126   1.00 39.18 ? 97   ALA A CB  1 
ATOM   787 N  N   . TRP A 1 100 ? 7.032   -3.876  3.925   1.00 39.03 ? 98   TRP A N   1 
ATOM   788 C  CA  . TRP A 1 100 ? 6.167   -2.703  4.003   1.00 38.10 ? 98   TRP A CA  1 
ATOM   789 C  C   . TRP A 1 100 ? 4.729   -3.159  3.716   1.00 38.73 ? 98   TRP A C   1 
ATOM   790 O  O   . TRP A 1 100 ? 3.816   -2.877  4.486   1.00 38.39 ? 98   TRP A O   1 
ATOM   791 C  CB  . TRP A 1 100 ? 6.654   -1.658  2.979   1.00 38.22 ? 98   TRP A CB  1 
ATOM   792 C  CG  . TRP A 1 100 ? 5.900   -0.335  2.956   1.00 39.99 ? 98   TRP A CG  1 
ATOM   793 C  CD1 . TRP A 1 100 ? 5.179   0.239   3.987   1.00 40.10 ? 98   TRP A CD1 1 
ATOM   794 C  CD2 . TRP A 1 100 ? 5.824   0.585   1.859   1.00 38.73 ? 98   TRP A CD2 1 
ATOM   795 N  NE1 . TRP A 1 100 ? 4.665   1.454   3.585   1.00 38.82 ? 98   TRP A NE1 1 
ATOM   796 C  CE2 . TRP A 1 100 ? 5.043   1.692   2.287   1.00 42.29 ? 98   TRP A CE2 1 
ATOM   797 C  CE3 . TRP A 1 100 ? 6.339   0.582   0.550   1.00 34.20 ? 98   TRP A CE3 1 
ATOM   798 C  CZ2 . TRP A 1 100 ? 4.766   2.790   1.449   1.00 40.81 ? 98   TRP A CZ2 1 
ATOM   799 C  CZ3 . TRP A 1 100 ? 6.067   1.678   -0.288  1.00 37.39 ? 98   TRP A CZ3 1 
ATOM   800 C  CH2 . TRP A 1 100 ? 5.282   2.767   0.171   1.00 35.62 ? 98   TRP A CH2 1 
ATOM   801 N  N   . LEU A 1 101 ? 4.538   -3.891  2.620   1.00 39.55 ? 99   LEU A N   1 
ATOM   802 C  CA  . LEU A 1 101 ? 3.213   -4.400  2.265   1.00 39.84 ? 99   LEU A CA  1 
ATOM   803 C  C   . LEU A 1 101 ? 2.616   -5.257  3.374   1.00 40.63 ? 99   LEU A C   1 
ATOM   804 O  O   . LEU A 1 101 ? 1.492   -5.007  3.824   1.00 39.38 ? 99   LEU A O   1 
ATOM   805 C  CB  . LEU A 1 101 ? 3.283   -5.252  0.998   1.00 39.15 ? 99   LEU A CB  1 
ATOM   806 C  CG  . LEU A 1 101 ? 2.808   -4.612  -0.297  1.00 40.72 ? 99   LEU A CG  1 
ATOM   807 C  CD1 . LEU A 1 101 ? 2.692   -5.689  -1.374  1.00 40.81 ? 99   LEU A CD1 1 
ATOM   808 C  CD2 . LEU A 1 101 ? 1.457   -3.940  -0.071  1.00 45.44 ? 99   LEU A CD2 1 
ATOM   809 N  N   . GLU A 1 102 ? 3.358   -6.288  3.788   1.00 41.32 ? 100  GLU A N   1 
ATOM   810 C  CA  . GLU A 1 102 ? 2.881   -7.186  4.846   1.00 42.51 ? 100  GLU A CA  1 
ATOM   811 C  C   . GLU A 1 102 ? 2.412   -6.339  6.012   1.00 40.67 ? 100  GLU A C   1 
ATOM   812 O  O   . GLU A 1 102 ? 1.330   -6.527  6.560   1.00 41.75 ? 100  GLU A O   1 
ATOM   813 C  CB  . GLU A 1 102 ? 4.009   -8.107  5.318   1.00 40.83 ? 100  GLU A CB  1 
ATOM   814 C  CG  . GLU A 1 102 ? 4.393   -9.182  4.322   1.00 48.37 ? 100  GLU A CG  1 
ATOM   815 C  CD  . GLU A 1 102 ? 5.496   -10.082 4.839   1.00 52.45 ? 100  GLU A CD  1 
ATOM   816 O  OE1 . GLU A 1 102 ? 5.313   -10.699 5.909   1.00 60.96 ? 100  GLU A OE1 1 
ATOM   817 O  OE2 . GLU A 1 102 ? 6.548   -10.171 4.173   1.00 69.57 ? 100  GLU A OE2 1 
ATOM   818 N  N   . ARG A 1 103 ? 3.259   -5.384  6.357   1.00 40.61 ? 101  ARG A N   1 
ATOM   819 C  CA  . ARG A 1 103 ? 3.032   -4.467  7.452   1.00 39.73 ? 101  ARG A CA  1 
ATOM   820 C  C   . ARG A 1 103 ? 1.763   -3.636  7.248   1.00 38.80 ? 101  ARG A C   1 
ATOM   821 O  O   . ARG A 1 103 ? 1.013   -3.393  8.190   1.00 39.54 ? 101  ARG A O   1 
ATOM   822 C  CB  . ARG A 1 103 ? 4.251   -3.556  7.562   1.00 39.57 ? 101  ARG A CB  1 
ATOM   823 C  CG  . ARG A 1 103 ? 4.313   -2.691  8.784   1.00 42.00 ? 101  ARG A CG  1 
ATOM   824 C  CD  . ARG A 1 103 ? 5.495   -1.733  8.688   1.00 40.15 ? 101  ARG A CD  1 
ATOM   825 N  NE  . ARG A 1 103 ? 6.716   -2.426  8.305   1.00 36.63 ? 101  ARG A NE  1 
ATOM   826 C  CZ  . ARG A 1 103 ? 7.565   -1.983  7.380   1.00 35.32 ? 101  ARG A CZ  1 
ATOM   827 N  NH1 . ARG A 1 103 ? 8.665   -2.677  7.077   1.00 38.48 ? 101  ARG A NH1 1 
ATOM   828 N  NH2 . ARG A 1 103 ? 7.306   -0.852  6.746   1.00 35.34 ? 101  ARG A NH2 1 
ATOM   829 N  N   . PHE A 1 104 ? 1.534   -3.187  6.017   1.00 36.49 ? 102  PHE A N   1 
ATOM   830 C  CA  . PHE A 1 104 ? 0.359   -2.386  5.692   1.00 36.11 ? 102  PHE A CA  1 
ATOM   831 C  C   . PHE A 1 104 ? -0.885  -3.300  5.722   1.00 36.78 ? 102  PHE A C   1 
ATOM   832 O  O   . PHE A 1 104 ? -1.936  -2.924  6.240   1.00 36.16 ? 102  PHE A O   1 
ATOM   833 C  CB  . PHE A 1 104 ? 0.557   -1.763  4.307   1.00 36.01 ? 102  PHE A CB  1 
ATOM   834 C  CG  . PHE A 1 104 ? -0.454  -0.713  3.940   1.00 36.67 ? 102  PHE A CG  1 
ATOM   835 C  CD1 . PHE A 1 104 ? -0.469  0.511   4.577   1.00 30.95 ? 102  PHE A CD1 1 
ATOM   836 C  CD2 . PHE A 1 104 ? -1.358  -0.933  2.904   1.00 37.37 ? 102  PHE A CD2 1 
ATOM   837 C  CE1 . PHE A 1 104 ? -1.361  1.511   4.187   1.00 37.87 ? 102  PHE A CE1 1 
ATOM   838 C  CE2 . PHE A 1 104 ? -2.257  0.070   2.510   1.00 39.20 ? 102  PHE A CE2 1 
ATOM   839 C  CZ  . PHE A 1 104 ? -2.256  1.291   3.155   1.00 30.15 ? 102  PHE A CZ  1 
ATOM   840 N  N   . ILE A 1 105 ? -0.738  -4.492  5.146   1.00 37.70 ? 103  ILE A N   1 
ATOM   841 C  CA  . ILE A 1 105 ? -1.797  -5.495  5.099   1.00 36.23 ? 103  ILE A CA  1 
ATOM   842 C  C   . ILE A 1 105 ? -2.263  -5.812  6.507   1.00 37.45 ? 103  ILE A C   1 
ATOM   843 O  O   . ILE A 1 105 ? -3.459  -5.792  6.813   1.00 34.56 ? 103  ILE A O   1 
ATOM   844 C  CB  . ILE A 1 105 ? -1.298  -6.814  4.431   1.00 35.41 ? 103  ILE A CB  1 
ATOM   845 C  CG1 . ILE A 1 105 ? -0.972  -6.543  2.966   1.00 38.14 ? 103  ILE A CG1 1 
ATOM   846 C  CG2 . ILE A 1 105 ? -2.340  -7.907  4.564   1.00 34.73 ? 103  ILE A CG2 1 
ATOM   847 C  CD1 . ILE A 1 105 ? -2.074  -5.878  2.202   1.00 45.14 ? 103  ILE A CD1 1 
ATOM   848 N  N   . ASP A 1 106 ? -1.282  -6.075  7.362   1.00 38.78 ? 104  ASP A N   1 
ATOM   849 C  CA  . ASP A 1 106 ? -1.504  -6.439  8.749   1.00 39.02 ? 104  ASP A CA  1 
ATOM   850 C  C   . ASP A 1 106 ? -2.381  -5.420  9.434   1.00 37.69 ? 104  ASP A C   1 
ATOM   851 O  O   . ASP A 1 106 ? -3.406  -5.807  10.069  1.00 38.65 ? 104  ASP A O   1 
ATOM   852 C  CB  . ASP A 1 106 ? -0.173  -6.461  9.476   1.00 41.24 ? 104  ASP A CB  1 
ATOM   853 C  CG  . ASP A 1 106 ? -0.070  -7.605  10.472  1.00 55.13 ? 104  ASP A CG  1 
ATOM   854 O  OD1 . ASP A 1 106 ? -0.999  -7.747  11.313  1.00 64.82 ? 104  ASP A OD1 1 
ATOM   855 O  OD2 . ASP A 1 106 ? 0.920   -8.391  10.388  1.00 77.52 ? 104  ASP A OD2 1 
ATOM   856 N  N   . ASP A 1 107 ? -1.932  -4.154  9.283   1.00 36.26 ? 105  ASP A N   1 
ATOM   857 C  CA  . ASP A 1 107 ? -2.548  -2.939  9.846   1.00 36.77 ? 105  ASP A CA  1 
ATOM   858 C  C   . ASP A 1 107 ? -3.988  -2.764  9.373   1.00 37.79 ? 105  ASP A C   1 
ATOM   859 O  O   . ASP A 1 107 ? -4.857  -2.363  10.151  1.00 35.74 ? 105  ASP A O   1 
ATOM   860 C  CB  . ASP A 1 107 ? -1.749  -1.655  9.514   1.00 35.30 ? 105  ASP A CB  1 
ATOM   861 C  CG  . ASP A 1 107 ? -2.214  -0.456  10.354  1.00 36.04 ? 105  ASP A CG  1 
ATOM   862 O  OD1 . ASP A 1 107 ? -1.696  0.670   10.240  1.00 32.79 ? 105  ASP A OD1 1 
ATOM   863 O  OD2 . ASP A 1 107 ? -3.137  -0.651  11.165  1.00 39.40 ? 105  ASP A OD2 1 
ATOM   864 N  N   . ILE A 1 108 ? -4.238  -3.083  8.104   1.00 40.20 ? 106  ILE A N   1 
ATOM   865 C  CA  . ILE A 1 108 ? -5.570  -2.980  7.522   1.00 41.34 ? 106  ILE A CA  1 
ATOM   866 C  C   . ILE A 1 108 ? -6.498  -3.928  8.286   1.00 44.09 ? 106  ILE A C   1 
ATOM   867 O  O   . ILE A 1 108 ? -7.529  -3.511  8.824   1.00 41.78 ? 106  ILE A O   1 
ATOM   868 C  CB  . ILE A 1 108 ? -5.552  -3.378  6.010   1.00 42.32 ? 106  ILE A CB  1 
ATOM   869 C  CG1 . ILE A 1 108 ? -4.628  -2.438  5.228   1.00 41.44 ? 106  ILE A CG1 1 
ATOM   870 C  CG2 . ILE A 1 108 ? -6.964  -3.335  5.430   1.00 40.46 ? 106  ILE A CG2 1 
ATOM   871 C  CD1 . ILE A 1 108 ? -4.274  -2.913  3.830   1.00 42.56 ? 106  ILE A CD1 1 
ATOM   872 N  N   . GLU A 1 109 ? -6.108  -5.199  8.348   1.00 46.98 ? 107  GLU A N   1 
ATOM   873 C  CA  . GLU A 1 109 ? -6.888  -6.221  9.044   1.00 48.96 ? 107  GLU A CA  1 
ATOM   874 C  C   . GLU A 1 109 ? -7.254  -5.811  10.466  1.00 50.01 ? 107  GLU A C   1 
ATOM   875 O  O   . GLU A 1 109 ? -8.424  -5.847  10.858  1.00 50.98 ? 107  GLU A O   1 
ATOM   876 C  CB  . GLU A 1 109 ? -6.114  -7.534  9.097   1.00 49.90 ? 107  GLU A CB  1 
ATOM   877 C  CG  . GLU A 1 109 ? -5.798  -8.115  7.747   1.00 55.25 ? 107  GLU A CG  1 
ATOM   878 C  CD  . GLU A 1 109 ? -5.087  -9.444  7.852   1.00 56.23 ? 107  GLU A CD  1 
ATOM   879 O  OE1 . GLU A 1 109 ? -5.680  -10.394 8.412   1.00 62.24 ? 107  GLU A OE1 1 
ATOM   880 O  OE2 . GLU A 1 109 ? -3.938  -9.543  7.378   1.00 66.22 ? 107  GLU A OE2 1 
ATOM   881 N  N   . GLN A 1 110 ? -6.242  -5.436  11.241  1.00 50.26 ? 108  GLN A N   1 
ATOM   882 C  CA  . GLN A 1 110 ? -6.451  -5.026  12.622  1.00 50.33 ? 108  GLN A CA  1 
ATOM   883 C  C   . GLN A 1 110 ? -7.467  -3.888  12.745  1.00 48.98 ? 108  GLN A C   1 
ATOM   884 O  O   . GLN A 1 110 ? -8.107  -3.730  13.780  1.00 48.95 ? 108  GLN A O   1 
ATOM   885 C  CB  . GLN A 1 110 ? -5.118  -4.608  13.242  1.00 49.47 ? 108  GLN A CB  1 
ATOM   886 C  CG  . GLN A 1 110 ? -5.186  -4.250  14.712  1.00 52.15 ? 108  GLN A CG  1 
ATOM   887 C  CD  . GLN A 1 110 ? -3.821  -3.931  15.280  1.00 57.16 ? 108  GLN A CD  1 
ATOM   888 O  OE1 . GLN A 1 110 ? -3.148  -3.007  14.823  1.00 65.88 ? 108  GLN A OE1 1 
ATOM   889 N  NE2 . GLN A 1 110 ? -3.402  -4.697  16.279  1.00 67.82 ? 108  GLN A NE2 1 
ATOM   890 N  N   . ARG A 1 111 ? -7.620  -3.096  11.692  1.00 49.57 ? 109  ARG A N   1 
ATOM   891 C  CA  . ARG A 1 111 ? -8.569  -1.991  11.734  1.00 49.93 ? 109  ARG A CA  1 
ATOM   892 C  C   . ARG A 1 111 ? -9.981  -2.407  11.304  1.00 51.36 ? 109  ARG A C   1 
ATOM   893 O  O   . ARG A 1 111 ? -10.965 -2.011  11.934  1.00 50.77 ? 109  ARG A O   1 
ATOM   894 C  CB  . ARG A 1 111 ? -8.073  -0.842  10.851  1.00 48.63 ? 109  ARG A CB  1 
ATOM   895 C  CG  . ARG A 1 111 ? -6.673  -0.384  11.188  1.00 47.52 ? 109  ARG A CG  1 
ATOM   896 C  CD  . ARG A 1 111 ? -6.432  1.052   10.779  1.00 45.51 ? 109  ARG A CD  1 
ATOM   897 N  NE  . ARG A 1 111 ? -5.018  1.382   10.896  1.00 45.31 ? 109  ARG A NE  1 
ATOM   898 C  CZ  . ARG A 1 111 ? -4.547  2.607   11.092  1.00 40.20 ? 109  ARG A CZ  1 
ATOM   899 N  NH1 . ARG A 1 111 ? -3.240  2.812   11.183  1.00 30.75 ? 109  ARG A NH1 1 
ATOM   900 N  NH2 . ARG A 1 111 ? -5.380  3.632   11.202  1.00 36.44 ? 109  ARG A NH2 1 
ATOM   901 N  N   . LYS A 1 112 ? -10.061 -3.201  10.237  1.00 53.20 ? 110  LYS A N   1 
ATOM   902 C  CA  . LYS A 1 112 ? -11.326 -3.677  9.690   1.00 52.75 ? 110  LYS A CA  1 
ATOM   903 C  C   . LYS A 1 112 ? -11.861 -4.854  10.505  1.00 53.12 ? 110  LYS A C   1 
ATOM   904 O  O   . LYS A 1 112 ? -12.993 -5.299  10.310  1.00 57.05 ? 110  LYS A O   1 
ATOM   905 C  CB  . LYS A 1 112 ? -11.116 -4.095  8.229   1.00 52.63 ? 110  LYS A CB  1 
ATOM   906 C  CG  . LYS A 1 112 ? -12.389 -4.448  7.477   1.00 54.91 ? 110  LYS A CG  1 
ATOM   907 C  CD  . LYS A 1 112 ? -12.089 -4.967  6.076   1.00 54.08 ? 110  LYS A CD  1 
ATOM   908 C  CE  . LYS A 1 112 ? -13.371 -5.251  5.301   1.00 53.85 ? 110  LYS A CE  1 
ATOM   909 N  NZ  . LYS A 1 112 ? -14.223 -6.289  5.950   1.00 52.30 ? 110  LYS A NZ  1 
HETATM 910 PT PT  . PT  B 2 .   ? 6.325   14.676  -11.816 1.00 60.44 ? 1111 PT  A PT  1 
HETATM 911 O  O   . HOH C 3 .   ? -2.154  5.361   -18.405 1.00 42.58 ? 2001 HOH A O   1 
HETATM 912 O  O   . HOH C 3 .   ? -0.539  6.584   -11.764 1.00 48.14 ? 2002 HOH A O   1 
HETATM 913 O  O   . HOH C 3 .   ? -5.717  5.410   -17.483 1.00 45.30 ? 2003 HOH A O   1 
HETATM 914 O  O   . HOH C 3 .   ? -13.199 -3.374  -5.608  1.00 22.19 ? 2004 HOH A O   1 
HETATM 915 O  O   . HOH C 3 .   ? -6.632  -0.827  -3.788  1.00 49.64 ? 2005 HOH A O   1 
HETATM 916 O  O   . HOH C 3 .   ? -12.424 -4.146  14.886  1.00 19.94 ? 2006 HOH A O   1 
HETATM 917 O  O   . HOH C 3 .   ? 9.655   12.570  -12.408 1.00 36.57 ? 2007 HOH A O   1 
HETATM 918 O  O   . HOH C 3 .   ? 7.560   11.399  -14.045 1.00 40.24 ? 2008 HOH A O   1 
HETATM 919 O  O   . HOH C 3 .   ? 5.500   8.418   -12.557 1.00 40.08 ? 2009 HOH A O   1 
HETATM 920 O  O   . HOH C 3 .   ? -11.210 -3.376  4.700   1.00 51.24 ? 2010 HOH A O   1 
HETATM 921 O  O   . HOH C 3 .   ? -3.275  6.677   11.352  1.00 46.57 ? 2011 HOH A O   1 
HETATM 922 O  O   . HOH C 3 .   ? 5.852   7.720   11.121  1.00 51.48 ? 2012 HOH A O   1 
HETATM 923 O  O   . HOH C 3 .   ? 3.634   7.628   4.780   1.00 34.94 ? 2013 HOH A O   1 
HETATM 924 O  O   . HOH C 3 .   ? 2.341   5.146   11.448  1.00 44.29 ? 2014 HOH A O   1 
HETATM 925 O  O   . HOH C 3 .   ? 8.235   9.036   3.049   0.50 37.32 ? 2015 HOH A O   1 
HETATM 926 O  O   . HOH C 3 .   ? 5.178   9.821   4.545   0.50 53.52 ? 2016 HOH A O   1 
HETATM 927 O  O   . HOH C 3 .   ? 10.543  8.453   1.921   0.50 45.23 ? 2017 HOH A O   1 
HETATM 928 O  O   . HOH C 3 .   ? 13.522  7.878   -6.191  1.00 61.45 ? 2018 HOH A O   1 
HETATM 929 O  O   . HOH C 3 .   ? 5.365   0.889   7.507   1.00 42.12 ? 2019 HOH A O   1 
HETATM 930 O  O   . HOH C 3 .   ? 9.283   -0.055  5.709   1.00 64.19 ? 2020 HOH A O   1 
HETATM 931 O  O   . HOH C 3 .   ? -0.660  -8.901  8.461   1.00 65.91 ? 2021 HOH A O   1 
HETATM 932 O  O   . HOH C 3 .   ? -11.783 -5.968  12.970  1.00 31.35 ? 2022 HOH A O   1 
# 
